data_1UVF
#
_entry.id   1UVF
#
_cell.length_a   1.000
_cell.length_b   1.000
_cell.length_c   1.000
_cell.angle_alpha   90.00
_cell.angle_beta   90.00
_cell.angle_gamma   90.00
#
_symmetry.space_group_name_H-M   'P 1'
#
_entity_poly.entity_id   1
_entity_poly.type   'polypeptide(L)'
_entity_poly.pdbx_seq_one_letter_code
;GPDSEMCKDYRVLPRIGYLCPKDLKPVCGDDGQTYNNPCMLCHENLIRQTNTHIRSTGKCE
;
_entity_poly.pdbx_strand_id   A
#
# COMPACT_ATOMS: atom_id res chain seq x y z
N ASP A 3 -0.79 4.02 5.62
CA ASP A 3 -0.40 2.72 6.23
C ASP A 3 -1.61 1.78 6.25
N SER A 4 -1.42 0.56 6.65
CA SER A 4 -2.56 -0.40 6.69
C SER A 4 -3.76 0.28 7.34
N GLU A 5 -3.53 1.26 8.17
CA GLU A 5 -4.67 1.96 8.82
C GLU A 5 -5.69 2.35 7.75
N MET A 6 -5.25 2.50 6.54
CA MET A 6 -6.20 2.85 5.45
C MET A 6 -6.93 1.59 5.00
N CYS A 7 -6.30 0.45 5.17
CA CYS A 7 -6.95 -0.82 4.77
C CYS A 7 -7.93 -1.25 5.86
N LYS A 8 -7.93 -0.56 6.97
CA LYS A 8 -8.85 -0.92 8.08
C LYS A 8 -10.30 -0.91 7.58
N ASP A 9 -10.58 -0.14 6.56
CA ASP A 9 -11.98 -0.08 6.04
C ASP A 9 -11.97 0.21 4.54
N TYR A 10 -11.48 -0.71 3.74
CA TYR A 10 -11.46 -0.48 2.27
C TYR A 10 -12.12 -1.67 1.57
N ARG A 11 -12.35 -1.56 0.29
CA ARG A 11 -12.99 -2.69 -0.43
C ARG A 11 -12.43 -2.78 -1.86
N VAL A 12 -12.50 -3.94 -2.45
CA VAL A 12 -11.97 -4.10 -3.83
C VAL A 12 -12.80 -5.16 -4.57
N LEU A 13 -13.38 -4.80 -5.68
CA LEU A 13 -14.20 -5.79 -6.45
C LEU A 13 -13.52 -6.07 -7.79
N PRO A 14 -14.09 -7.01 -8.56
CA PRO A 14 -13.55 -7.37 -9.89
C PRO A 14 -13.70 -6.23 -10.89
N ARG A 15 -14.69 -5.40 -10.72
CA ARG A 15 -14.89 -4.26 -11.65
C ARG A 15 -14.37 -2.98 -11.01
N ILE A 16 -14.35 -2.93 -9.70
CA ILE A 16 -13.86 -1.71 -9.02
C ILE A 16 -12.34 -1.83 -8.80
N GLY A 17 -11.88 -2.99 -8.43
CA GLY A 17 -10.42 -3.17 -8.21
C GLY A 17 -9.98 -2.33 -7.01
N TYR A 18 -8.80 -1.78 -7.04
CA TYR A 18 -8.34 -0.95 -5.91
C TYR A 18 -8.40 0.53 -6.30
N LEU A 19 -8.46 1.41 -5.33
CA LEU A 19 -8.54 2.86 -5.64
C LEU A 19 -7.32 3.57 -5.04
N CYS A 20 -6.52 4.19 -5.86
CA CYS A 20 -5.32 4.90 -5.33
C CYS A 20 -5.20 6.27 -6.01
N PRO A 21 -4.52 7.22 -5.37
CA PRO A 21 -4.34 8.56 -5.92
C PRO A 21 -3.39 8.56 -7.11
N LYS A 22 -3.33 9.64 -7.85
CA LYS A 22 -2.42 9.69 -9.02
C LYS A 22 -1.05 10.22 -8.59
N ASP A 23 -0.97 10.78 -7.41
CA ASP A 23 0.35 11.30 -6.93
C ASP A 23 1.25 10.12 -6.58
N LEU A 24 2.39 10.03 -7.21
CA LEU A 24 3.32 8.90 -6.91
C LEU A 24 4.17 9.23 -5.69
N LYS A 25 3.99 8.50 -4.62
CA LYS A 25 4.79 8.78 -3.40
C LYS A 25 5.44 7.47 -2.93
N PRO A 26 6.76 7.35 -3.12
CA PRO A 26 7.53 6.14 -2.74
C PRO A 26 7.57 5.92 -1.23
N VAL A 27 7.07 4.80 -0.77
CA VAL A 27 7.08 4.53 0.69
C VAL A 27 7.93 3.30 0.99
N CYS A 28 8.44 3.18 2.19
CA CYS A 28 9.27 1.99 2.54
C CYS A 28 8.38 0.97 3.26
N GLY A 29 8.58 -0.29 3.00
CA GLY A 29 7.74 -1.32 3.66
C GLY A 29 8.47 -1.88 4.90
N ASP A 30 7.75 -2.08 5.97
CA ASP A 30 8.40 -2.62 7.20
C ASP A 30 8.86 -4.05 6.96
N ASP A 31 8.40 -4.66 5.91
CA ASP A 31 8.82 -6.06 5.62
C ASP A 31 10.15 -6.04 4.85
N GLY A 32 10.76 -4.90 4.73
CA GLY A 32 12.05 -4.82 3.99
C GLY A 32 11.76 -4.64 2.49
N GLN A 33 10.63 -4.08 2.16
CA GLN A 33 10.28 -3.87 0.73
C GLN A 33 9.94 -2.40 0.50
N THR A 34 9.67 -2.03 -0.72
CA THR A 34 9.32 -0.61 -1.00
C THR A 34 8.16 -0.57 -2.00
N TYR A 35 7.22 0.31 -1.78
CA TYR A 35 6.06 0.41 -2.71
C TYR A 35 6.04 1.79 -3.35
N ASN A 36 6.11 1.85 -4.65
CA ASN A 36 6.10 3.18 -5.33
C ASN A 36 5.00 4.06 -4.75
N ASN A 37 3.77 3.84 -5.14
CA ASN A 37 2.67 4.69 -4.60
C ASN A 37 2.26 4.17 -3.22
N PRO A 38 1.84 5.08 -2.33
CA PRO A 38 1.41 4.72 -0.97
C PRO A 38 0.17 3.83 -0.99
N CYS A 39 -0.87 4.23 -1.65
CA CYS A 39 -2.09 3.37 -1.71
C CYS A 39 -1.72 2.06 -2.41
N MET A 40 -0.73 2.12 -3.27
CA MET A 40 -0.30 0.88 -3.98
C MET A 40 0.26 -0.10 -2.95
N LEU A 41 0.59 0.40 -1.79
CA LEU A 41 1.13 -0.50 -0.73
C LEU A 41 0.02 -1.45 -0.29
N CYS A 42 -1.10 -0.94 0.10
CA CYS A 42 -2.22 -1.82 0.51
C CYS A 42 -2.59 -2.70 -0.69
N HIS A 43 -2.34 -2.22 -1.88
CA HIS A 43 -2.64 -3.02 -3.09
C HIS A 43 -1.79 -4.28 -3.07
N GLU A 44 -0.50 -4.13 -3.00
CA GLU A 44 0.39 -5.32 -2.96
C GLU A 44 0.06 -6.11 -1.71
N ASN A 45 -0.54 -5.47 -0.74
CA ASN A 45 -0.91 -6.18 0.51
C ASN A 45 -2.19 -6.96 0.28
N LEU A 46 -3.01 -6.50 -0.65
CA LEU A 46 -4.28 -7.22 -0.94
C LEU A 46 -3.95 -8.60 -1.52
N ILE A 47 -2.92 -8.67 -2.32
CA ILE A 47 -2.54 -9.99 -2.91
C ILE A 47 -1.77 -10.80 -1.88
N ARG A 48 -0.78 -10.20 -1.26
CA ARG A 48 0.02 -10.93 -0.23
C ARG A 48 -0.83 -11.15 1.02
N GLN A 49 -1.62 -10.19 1.38
CA GLN A 49 -2.48 -10.33 2.59
C GLN A 49 -1.59 -10.47 3.83
N THR A 50 -0.53 -9.71 3.90
CA THR A 50 0.37 -9.80 5.09
C THR A 50 0.22 -8.54 5.93
N ASN A 51 -0.70 -7.67 5.58
CA ASN A 51 -0.88 -6.42 6.37
C ASN A 51 0.45 -5.69 6.51
N THR A 52 1.06 -5.33 5.42
CA THR A 52 2.36 -4.63 5.49
C THR A 52 2.13 -3.14 5.81
N HIS A 53 2.96 -2.56 6.62
CA HIS A 53 2.79 -1.12 6.97
C HIS A 53 3.96 -0.32 6.39
N ILE A 54 3.86 0.97 6.37
CA ILE A 54 4.98 1.79 5.83
C ILE A 54 6.08 1.91 6.88
N ARG A 55 7.29 1.58 6.52
CA ARG A 55 8.42 1.69 7.49
C ARG A 55 8.88 3.14 7.57
N SER A 56 8.97 3.79 6.44
CA SER A 56 9.42 5.21 6.42
C SER A 56 8.97 5.84 5.11
N THR A 57 8.82 7.14 5.07
CA THR A 57 8.40 7.80 3.82
C THR A 57 9.54 7.74 2.80
N GLY A 58 9.20 7.60 1.54
CA GLY A 58 10.27 7.53 0.50
C GLY A 58 10.67 6.07 0.28
N LYS A 59 11.38 5.80 -0.78
CA LYS A 59 11.81 4.40 -1.04
C LYS A 59 12.80 3.95 0.03
N CYS A 60 12.82 2.68 0.34
CA CYS A 60 13.77 2.18 1.37
C CYS A 60 15.21 2.50 0.96
N GLU A 61 16.09 2.66 1.91
CA GLU A 61 17.50 2.97 1.55
C GLU A 61 18.44 2.10 2.40
N ASP A 3 -2.27 5.40 7.00
CA ASP A 3 -1.29 4.30 6.80
C ASP A 3 -2.05 3.02 6.39
N SER A 4 -1.34 1.98 6.08
CA SER A 4 -2.01 0.72 5.68
C SER A 4 -3.12 0.39 6.68
N GLU A 5 -2.95 0.80 7.91
CA GLU A 5 -4.00 0.51 8.93
C GLU A 5 -5.34 1.00 8.41
N MET A 6 -5.33 1.98 7.55
CA MET A 6 -6.61 2.50 6.99
C MET A 6 -7.11 1.55 5.90
N CYS A 7 -6.21 0.82 5.29
CA CYS A 7 -6.63 -0.13 4.22
C CYS A 7 -7.14 -1.42 4.88
N LYS A 8 -6.78 -1.65 6.12
CA LYS A 8 -7.26 -2.88 6.80
C LYS A 8 -8.75 -3.07 6.53
N ASP A 9 -9.46 -1.99 6.32
CA ASP A 9 -10.91 -2.09 6.03
C ASP A 9 -11.16 -1.69 4.57
N TYR A 10 -10.20 -1.96 3.72
CA TYR A 10 -10.36 -1.60 2.29
C TYR A 10 -11.22 -2.64 1.58
N ARG A 11 -12.03 -2.22 0.65
CA ARG A 11 -12.89 -3.20 -0.07
C ARG A 11 -13.00 -2.79 -1.54
N VAL A 12 -12.50 -3.58 -2.42
CA VAL A 12 -12.57 -3.24 -3.87
C VAL A 12 -13.12 -4.43 -4.66
N LEU A 13 -13.86 -4.17 -5.70
CA LEU A 13 -14.43 -5.29 -6.51
C LEU A 13 -13.63 -5.43 -7.81
N PRO A 14 -13.94 -6.46 -8.60
CA PRO A 14 -13.26 -6.71 -9.87
C PRO A 14 -13.58 -5.64 -10.91
N ARG A 15 -14.71 -4.98 -10.78
CA ARG A 15 -15.06 -3.91 -11.76
C ARG A 15 -14.57 -2.57 -11.25
N ILE A 16 -14.50 -2.41 -9.95
CA ILE A 16 -14.01 -1.12 -9.39
C ILE A 16 -12.48 -1.09 -9.40
N GLY A 17 -11.85 -2.19 -9.10
CA GLY A 17 -10.36 -2.22 -9.10
C GLY A 17 -9.83 -1.29 -8.01
N TYR A 18 -8.80 -1.68 -7.32
CA TYR A 18 -8.25 -0.81 -6.24
C TYR A 18 -8.18 0.63 -6.74
N LEU A 19 -8.25 1.58 -5.85
CA LEU A 19 -8.20 3.01 -6.28
C LEU A 19 -6.98 3.70 -5.65
N CYS A 20 -6.17 4.31 -6.46
CA CYS A 20 -4.96 5.01 -5.93
C CYS A 20 -4.77 6.33 -6.67
N PRO A 21 -4.09 7.30 -6.04
CA PRO A 21 -3.84 8.61 -6.65
C PRO A 21 -2.81 8.53 -7.78
N LYS A 22 -2.70 9.56 -8.57
CA LYS A 22 -1.72 9.53 -9.69
C LYS A 22 -0.36 10.02 -9.18
N ASP A 23 -0.35 10.72 -8.07
CA ASP A 23 0.94 11.22 -7.52
C ASP A 23 1.80 10.03 -7.07
N LEU A 24 2.99 9.91 -7.60
CA LEU A 24 3.86 8.77 -7.21
C LEU A 24 4.58 9.11 -5.91
N LYS A 25 4.48 8.27 -4.92
CA LYS A 25 5.16 8.54 -3.62
C LYS A 25 5.76 7.23 -3.09
N PRO A 26 7.08 7.05 -3.29
CA PRO A 26 7.78 5.84 -2.83
C PRO A 26 7.77 5.70 -1.31
N VAL A 27 7.19 4.64 -0.81
CA VAL A 27 7.16 4.43 0.66
C VAL A 27 7.94 3.18 1.03
N CYS A 28 8.42 3.11 2.24
CA CYS A 28 9.18 1.90 2.67
C CYS A 28 8.22 0.95 3.40
N GLY A 29 8.26 -0.31 3.08
CA GLY A 29 7.35 -1.27 3.74
C GLY A 29 8.02 -1.82 5.01
N ASP A 30 7.29 -1.91 6.09
CA ASP A 30 7.88 -2.43 7.35
C ASP A 30 8.24 -3.92 7.18
N ASP A 31 7.83 -4.51 6.09
CA ASP A 31 8.14 -5.95 5.87
C ASP A 31 9.50 -6.07 5.18
N GLY A 32 10.22 -4.99 5.08
CA GLY A 32 11.56 -5.04 4.42
C GLY A 32 11.37 -4.87 2.90
N GLN A 33 10.27 -4.29 2.50
CA GLN A 33 10.03 -4.09 1.05
C GLN A 33 9.72 -2.61 0.78
N THR A 34 9.56 -2.25 -0.46
CA THR A 34 9.26 -0.82 -0.79
C THR A 34 8.15 -0.78 -1.84
N TYR A 35 7.23 0.14 -1.70
CA TYR A 35 6.12 0.24 -2.67
C TYR A 35 6.17 1.61 -3.36
N ASN A 36 6.22 1.63 -4.66
CA ASN A 36 6.29 2.94 -5.37
C ASN A 36 5.20 3.87 -4.85
N ASN A 37 3.98 3.69 -5.26
CA ASN A 37 2.88 4.56 -4.77
C ASN A 37 2.41 4.08 -3.40
N PRO A 38 2.00 5.02 -2.53
CA PRO A 38 1.52 4.70 -1.18
C PRO A 38 0.25 3.85 -1.22
N CYS A 39 -0.74 4.28 -1.97
CA CYS A 39 -1.99 3.47 -2.06
C CYS A 39 -1.63 2.12 -2.65
N MET A 40 -0.61 2.08 -3.48
CA MET A 40 -0.18 0.80 -4.09
C MET A 40 0.34 -0.13 -2.99
N LEU A 41 0.57 0.41 -1.82
CA LEU A 41 1.08 -0.43 -0.70
C LEU A 41 -0.03 -1.38 -0.26
N CYS A 42 -1.19 -0.87 0.02
CA CYS A 42 -2.30 -1.78 0.43
C CYS A 42 -2.66 -2.66 -0.76
N HIS A 43 -2.34 -2.20 -1.94
CA HIS A 43 -2.64 -3.00 -3.17
C HIS A 43 -1.78 -4.26 -3.14
N GLU A 44 -0.48 -4.09 -3.03
CA GLU A 44 0.41 -5.28 -3.00
C GLU A 44 0.06 -6.10 -1.76
N ASN A 45 -0.59 -5.48 -0.81
CA ASN A 45 -0.97 -6.21 0.43
C ASN A 45 -2.24 -7.01 0.15
N LEU A 46 -3.13 -6.48 -0.64
CA LEU A 46 -4.38 -7.22 -0.97
C LEU A 46 -4.00 -8.58 -1.54
N ILE A 47 -2.91 -8.64 -2.27
CA ILE A 47 -2.47 -9.94 -2.84
C ILE A 47 -1.74 -10.74 -1.77
N ARG A 48 -0.79 -10.13 -1.11
CA ARG A 48 -0.05 -10.87 -0.03
C ARG A 48 -1.01 -11.20 1.10
N GLN A 49 -2.06 -10.45 1.24
CA GLN A 49 -3.04 -10.72 2.33
C GLN A 49 -2.36 -10.54 3.69
N THR A 50 -1.56 -9.52 3.81
CA THR A 50 -0.86 -9.28 5.12
C THR A 50 -1.09 -7.84 5.56
N ASN A 51 -0.76 -7.53 6.79
CA ASN A 51 -0.97 -6.14 7.29
C ASN A 51 0.35 -5.36 7.20
N THR A 52 0.87 -5.20 6.01
CA THR A 52 2.16 -4.45 5.86
C THR A 52 1.89 -2.95 6.00
N HIS A 53 2.64 -2.29 6.83
CA HIS A 53 2.44 -0.83 7.01
C HIS A 53 3.63 -0.06 6.43
N ILE A 54 3.55 1.23 6.38
CA ILE A 54 4.69 2.02 5.82
C ILE A 54 5.77 2.17 6.89
N ARG A 55 6.97 1.77 6.60
CA ARG A 55 8.07 1.88 7.59
C ARG A 55 8.59 3.31 7.62
N SER A 56 8.78 3.88 6.46
CA SER A 56 9.30 5.27 6.38
C SER A 56 8.90 5.88 5.04
N THR A 57 8.88 7.18 4.95
CA THR A 57 8.50 7.83 3.66
C THR A 57 9.67 7.75 2.69
N GLY A 58 9.41 7.36 1.47
CA GLY A 58 10.50 7.26 0.46
C GLY A 58 10.94 5.80 0.33
N LYS A 59 11.64 5.49 -0.73
CA LYS A 59 12.10 4.09 -0.93
C LYS A 59 12.85 3.62 0.32
N CYS A 60 12.88 2.33 0.55
CA CYS A 60 13.60 1.81 1.75
C CYS A 60 15.09 2.10 1.61
N GLU A 61 15.76 2.34 2.71
CA GLU A 61 17.22 2.63 2.63
C GLU A 61 17.98 1.33 2.29
N ASP A 3 -0.16 3.88 7.42
CA ASP A 3 -0.01 2.44 7.75
C ASP A 3 -1.18 1.66 7.13
N SER A 4 -1.28 0.39 7.43
CA SER A 4 -2.39 -0.43 6.85
C SER A 4 -3.73 0.17 7.29
N GLU A 5 -3.76 0.84 8.41
CA GLU A 5 -5.03 1.43 8.89
C GLU A 5 -5.65 2.27 7.78
N MET A 6 -4.83 2.76 6.89
CA MET A 6 -5.36 3.57 5.76
C MET A 6 -6.00 2.63 4.74
N CYS A 7 -5.52 1.42 4.66
CA CYS A 7 -6.09 0.45 3.69
C CYS A 7 -7.38 -0.15 4.27
N LYS A 8 -7.65 0.12 5.52
CA LYS A 8 -8.89 -0.42 6.15
C LYS A 8 -10.09 0.44 5.76
N ASP A 9 -9.91 1.37 4.85
CA ASP A 9 -11.04 2.24 4.44
C ASP A 9 -11.32 2.08 2.94
N TYR A 10 -10.56 1.25 2.26
CA TYR A 10 -10.81 1.07 0.81
C TYR A 10 -11.53 -0.26 0.56
N ARG A 11 -11.81 -0.57 -0.67
CA ARG A 11 -12.51 -1.85 -0.99
C ARG A 11 -12.32 -2.17 -2.46
N VAL A 12 -12.12 -3.42 -2.79
CA VAL A 12 -11.93 -3.79 -4.22
C VAL A 12 -13.05 -4.73 -4.67
N LEU A 13 -13.53 -4.56 -5.87
CA LEU A 13 -14.63 -5.43 -6.37
C LEU A 13 -14.23 -6.00 -7.73
N PRO A 14 -15.07 -6.89 -8.30
CA PRO A 14 -14.80 -7.52 -9.60
C PRO A 14 -14.87 -6.48 -10.73
N ARG A 15 -15.55 -5.40 -10.52
CA ARG A 15 -15.65 -4.36 -11.59
C ARG A 15 -15.10 -3.03 -11.06
N ILE A 16 -14.88 -2.94 -9.77
CA ILE A 16 -14.35 -1.67 -9.21
C ILE A 16 -12.82 -1.68 -9.27
N GLY A 17 -12.20 -2.74 -8.80
CA GLY A 17 -10.71 -2.81 -8.84
C GLY A 17 -10.14 -2.08 -7.62
N TYR A 18 -8.85 -1.86 -7.61
CA TYR A 18 -8.24 -1.15 -6.46
C TYR A 18 -8.38 0.36 -6.65
N LEU A 19 -8.49 1.10 -5.58
CA LEU A 19 -8.64 2.58 -5.70
C LEU A 19 -7.47 3.27 -5.00
N CYS A 20 -6.83 4.19 -5.67
CA CYS A 20 -5.68 4.92 -5.05
C CYS A 20 -5.68 6.36 -5.55
N PRO A 21 -5.05 7.27 -4.79
CA PRO A 21 -4.97 8.69 -5.15
C PRO A 21 -4.05 8.90 -6.35
N LYS A 22 -4.11 10.07 -6.94
CA LYS A 22 -3.24 10.34 -8.12
C LYS A 22 -1.85 10.79 -7.63
N ASP A 23 -1.80 11.46 -6.52
CA ASP A 23 -0.49 11.91 -5.99
C ASP A 23 0.45 10.72 -5.86
N LEU A 24 1.66 10.85 -6.30
CA LEU A 24 2.61 9.71 -6.21
C LEU A 24 3.56 9.94 -5.02
N LYS A 25 3.61 9.01 -4.11
CA LYS A 25 4.51 9.16 -2.94
C LYS A 25 5.16 7.81 -2.61
N PRO A 26 6.47 7.70 -2.83
CA PRO A 26 7.23 6.47 -2.57
C PRO A 26 7.26 6.12 -1.08
N VAL A 27 6.75 4.98 -0.71
CA VAL A 27 6.76 4.59 0.73
C VAL A 27 7.59 3.31 0.92
N CYS A 28 8.14 3.13 2.08
CA CYS A 28 8.94 1.90 2.34
C CYS A 28 8.04 0.86 3.00
N GLY A 29 8.06 -0.36 2.52
CA GLY A 29 7.19 -1.41 3.12
C GLY A 29 7.96 -2.14 4.22
N ASP A 30 7.31 -2.42 5.32
CA ASP A 30 8.01 -3.13 6.44
C ASP A 30 8.33 -4.56 5.99
N ASP A 31 7.83 -4.98 4.87
CA ASP A 31 8.11 -6.37 4.39
C ASP A 31 9.41 -6.37 3.60
N GLY A 32 10.20 -5.34 3.72
CA GLY A 32 11.49 -5.28 2.98
C GLY A 32 11.22 -4.89 1.52
N GLN A 33 10.09 -4.28 1.26
CA GLN A 33 9.76 -3.88 -0.14
C GLN A 33 9.30 -2.42 -0.15
N THR A 34 9.47 -1.75 -1.26
CA THR A 34 9.05 -0.32 -1.35
C THR A 34 7.93 -0.19 -2.38
N TYR A 35 6.96 0.64 -2.10
CA TYR A 35 5.83 0.81 -3.07
C TYR A 35 5.84 2.25 -3.59
N ASN A 36 5.77 2.42 -4.88
CA ASN A 36 5.78 3.80 -5.44
C ASN A 36 4.69 4.64 -4.77
N ASN A 37 3.46 4.44 -5.13
CA ASN A 37 2.36 5.22 -4.51
C ASN A 37 1.99 4.60 -3.15
N PRO A 38 1.53 5.44 -2.21
CA PRO A 38 1.15 4.98 -0.87
C PRO A 38 -0.02 3.98 -0.90
N CYS A 39 -1.11 4.33 -1.53
CA CYS A 39 -2.25 3.38 -1.60
C CYS A 39 -1.77 2.12 -2.31
N MET A 40 -0.83 2.27 -3.21
CA MET A 40 -0.30 1.09 -3.95
C MET A 40 0.28 0.10 -2.93
N LEU A 41 0.69 0.61 -1.79
CA LEU A 41 1.25 -0.31 -0.76
C LEU A 41 0.16 -1.25 -0.31
N CYS A 42 -1.02 -0.74 -0.04
CA CYS A 42 -2.13 -1.61 0.40
C CYS A 42 -2.34 -2.70 -0.67
N HIS A 43 -2.00 -2.40 -1.88
CA HIS A 43 -2.15 -3.41 -2.96
C HIS A 43 -1.31 -4.63 -2.60
N GLU A 44 -0.06 -4.41 -2.26
CA GLU A 44 0.81 -5.55 -1.87
C GLU A 44 0.16 -6.28 -0.70
N ASN A 45 -0.74 -5.62 -0.01
CA ASN A 45 -1.42 -6.28 1.14
C ASN A 45 -2.53 -7.19 0.61
N LEU A 46 -3.17 -6.78 -0.46
CA LEU A 46 -4.27 -7.62 -1.03
C LEU A 46 -3.67 -8.87 -1.67
N ILE A 47 -2.53 -8.74 -2.30
CA ILE A 47 -1.89 -9.91 -2.94
C ILE A 47 -1.16 -10.73 -1.88
N ARG A 48 -0.34 -10.09 -1.09
CA ARG A 48 0.41 -10.84 -0.05
C ARG A 48 -0.55 -11.21 1.10
N GLN A 49 -1.52 -10.39 1.36
CA GLN A 49 -2.48 -10.70 2.46
C GLN A 49 -1.72 -10.86 3.77
N THR A 50 -0.59 -10.22 3.90
CA THR A 50 0.19 -10.33 5.16
C THR A 50 0.04 -9.05 5.98
N ASN A 51 -0.79 -8.15 5.53
CA ASN A 51 -0.99 -6.87 6.29
C ASN A 51 0.31 -6.07 6.30
N THR A 52 0.88 -5.84 5.15
CA THR A 52 2.14 -5.05 5.09
C THR A 52 1.84 -3.59 5.39
N HIS A 53 2.65 -2.96 6.20
CA HIS A 53 2.40 -1.52 6.51
C HIS A 53 3.57 -0.68 5.98
N ILE A 54 3.54 0.61 6.21
CA ILE A 54 4.64 1.47 5.72
C ILE A 54 5.77 1.49 6.75
N ARG A 55 6.96 1.14 6.34
CA ARG A 55 8.11 1.14 7.29
C ARG A 55 8.63 2.57 7.44
N SER A 56 8.70 3.30 6.37
CA SER A 56 9.20 4.70 6.44
C SER A 56 8.71 5.48 5.23
N THR A 57 8.53 6.76 5.36
CA THR A 57 8.04 7.57 4.20
C THR A 57 9.16 7.68 3.16
N GLY A 58 8.80 7.72 1.90
CA GLY A 58 9.84 7.83 0.85
C GLY A 58 10.30 6.43 0.45
N LYS A 59 11.00 6.32 -0.64
CA LYS A 59 11.48 4.98 -1.09
C LYS A 59 12.49 4.45 -0.07
N CYS A 60 12.51 3.16 0.13
CA CYS A 60 13.47 2.57 1.11
C CYS A 60 14.86 2.46 0.48
N GLU A 61 15.89 2.55 1.28
CA GLU A 61 17.27 2.45 0.72
C GLU A 61 18.17 1.69 1.71
N ASP A 3 -2.12 6.02 6.98
CA ASP A 3 -1.14 4.91 6.83
C ASP A 3 -1.87 3.64 6.37
N SER A 4 -1.14 2.58 6.13
CA SER A 4 -1.80 1.32 5.69
C SER A 4 -2.93 0.96 6.65
N GLU A 5 -2.84 1.40 7.88
CA GLU A 5 -3.91 1.09 8.86
C GLU A 5 -5.26 1.51 8.28
N MET A 6 -5.25 2.41 7.32
CA MET A 6 -6.52 2.86 6.71
C MET A 6 -7.00 1.81 5.71
N CYS A 7 -6.09 1.06 5.13
CA CYS A 7 -6.51 0.01 4.16
C CYS A 7 -6.98 -1.23 4.93
N LYS A 8 -6.65 -1.32 6.19
CA LYS A 8 -7.09 -2.49 6.99
C LYS A 8 -8.58 -2.73 6.75
N ASP A 9 -9.30 -1.72 6.36
CA ASP A 9 -10.75 -1.88 6.09
C ASP A 9 -11.00 -1.60 4.61
N TYR A 10 -10.13 -2.10 3.76
CA TYR A 10 -10.28 -1.86 2.31
C TYR A 10 -11.06 -2.99 1.64
N ARG A 11 -11.59 -2.74 0.47
CA ARG A 11 -12.35 -3.78 -0.26
C ARG A 11 -12.12 -3.60 -1.75
N VAL A 12 -11.89 -4.66 -2.46
CA VAL A 12 -11.65 -4.54 -3.93
C VAL A 12 -12.59 -5.48 -4.69
N LEU A 13 -13.46 -4.93 -5.50
CA LEU A 13 -14.41 -5.77 -6.27
C LEU A 13 -13.89 -5.95 -7.71
N PRO A 14 -14.59 -6.77 -8.51
CA PRO A 14 -14.21 -7.03 -9.91
C PRO A 14 -14.36 -5.79 -10.78
N ARG A 15 -15.21 -4.86 -10.40
CA ARG A 15 -15.41 -3.64 -11.21
C ARG A 15 -14.79 -2.45 -10.49
N ILE A 16 -14.61 -2.55 -9.21
CA ILE A 16 -14.01 -1.42 -8.43
C ILE A 16 -12.48 -1.57 -8.42
N GLY A 17 -11.99 -2.75 -8.16
CA GLY A 17 -10.52 -2.95 -8.12
C GLY A 17 -9.93 -2.16 -6.96
N TYR A 18 -8.72 -1.68 -7.10
CA TYR A 18 -8.09 -0.91 -5.99
C TYR A 18 -8.22 0.59 -6.29
N LEU A 19 -8.20 1.41 -5.28
CA LEU A 19 -8.32 2.88 -5.51
C LEU A 19 -7.15 3.60 -4.84
N CYS A 20 -6.42 4.39 -5.59
CA CYS A 20 -5.27 5.13 -5.00
C CYS A 20 -5.26 6.56 -5.54
N PRO A 21 -4.63 7.49 -4.81
CA PRO A 21 -4.54 8.89 -5.20
C PRO A 21 -3.63 9.08 -6.42
N LYS A 22 -3.68 10.22 -7.04
CA LYS A 22 -2.81 10.46 -8.23
C LYS A 22 -1.44 10.95 -7.76
N ASP A 23 -1.36 11.45 -6.57
CA ASP A 23 -0.04 11.94 -6.05
C ASP A 23 0.91 10.75 -5.92
N LEU A 24 2.05 10.81 -6.56
CA LEU A 24 3.02 9.68 -6.46
C LEU A 24 3.93 9.89 -5.27
N LYS A 25 3.96 8.96 -4.35
CA LYS A 25 4.82 9.11 -3.15
C LYS A 25 5.45 7.76 -2.80
N PRO A 26 6.78 7.65 -2.90
CA PRO A 26 7.51 6.41 -2.59
C PRO A 26 7.45 6.09 -1.10
N VAL A 27 6.92 4.95 -0.75
CA VAL A 27 6.85 4.59 0.70
C VAL A 27 7.63 3.30 0.94
N CYS A 28 8.11 3.11 2.13
CA CYS A 28 8.86 1.87 2.45
C CYS A 28 7.91 0.89 3.12
N GLY A 29 8.07 -0.38 2.87
CA GLY A 29 7.16 -1.38 3.50
C GLY A 29 7.86 -2.01 4.70
N ASP A 30 7.14 -2.23 5.77
CA ASP A 30 7.77 -2.84 6.97
C ASP A 30 8.16 -4.29 6.66
N ASP A 31 7.76 -4.79 5.52
CA ASP A 31 8.12 -6.19 5.17
C ASP A 31 9.45 -6.21 4.40
N GLY A 32 10.12 -5.10 4.34
CA GLY A 32 11.43 -5.05 3.61
C GLY A 32 11.16 -4.81 2.12
N GLN A 33 10.10 -4.13 1.79
CA GLN A 33 9.80 -3.86 0.36
C GLN A 33 9.43 -2.39 0.19
N THR A 34 9.43 -1.91 -1.03
CA THR A 34 9.07 -0.48 -1.26
C THR A 34 7.92 -0.40 -2.26
N TYR A 35 7.08 0.59 -2.12
CA TYR A 35 5.93 0.73 -3.06
C TYR A 35 5.93 2.14 -3.64
N ASN A 36 6.05 2.25 -4.93
CA ASN A 36 6.06 3.60 -5.57
C ASN A 36 5.00 4.49 -4.92
N ASN A 37 3.76 4.31 -5.25
CA ASN A 37 2.68 5.14 -4.64
C ASN A 37 2.34 4.56 -3.26
N PRO A 38 1.94 5.41 -2.31
CA PRO A 38 1.59 4.97 -0.95
C PRO A 38 0.39 4.02 -0.93
N CYS A 39 -0.69 4.39 -1.56
CA CYS A 39 -1.87 3.48 -1.59
C CYS A 39 -1.49 2.21 -2.34
N MET A 40 -0.53 2.31 -3.23
CA MET A 40 -0.09 1.10 -3.99
C MET A 40 0.51 0.09 -3.03
N LEU A 41 0.89 0.53 -1.86
CA LEU A 41 1.47 -0.40 -0.86
C LEU A 41 0.37 -1.33 -0.35
N CYS A 42 -0.71 -0.79 0.13
CA CYS A 42 -1.81 -1.66 0.61
C CYS A 42 -2.12 -2.67 -0.50
N HIS A 43 -1.81 -2.34 -1.71
CA HIS A 43 -2.06 -3.29 -2.83
C HIS A 43 -1.28 -4.56 -2.58
N GLU A 44 -0.01 -4.45 -2.28
CA GLU A 44 0.80 -5.66 -2.00
C GLU A 44 0.14 -6.44 -0.89
N ASN A 45 -0.71 -5.79 -0.12
CA ASN A 45 -1.41 -6.50 0.98
C ASN A 45 -2.59 -7.29 0.40
N LEU A 46 -3.18 -6.78 -0.64
CA LEU A 46 -4.33 -7.49 -1.26
C LEU A 46 -3.85 -8.80 -1.88
N ILE A 47 -2.72 -8.78 -2.55
CA ILE A 47 -2.19 -10.02 -3.17
C ILE A 47 -1.55 -10.89 -2.09
N ARG A 48 -0.76 -10.31 -1.23
CA ARG A 48 -0.11 -11.12 -0.15
C ARG A 48 -1.13 -11.40 0.95
N GLN A 49 -2.21 -10.67 0.96
CA GLN A 49 -3.25 -10.89 2.02
C GLN A 49 -2.63 -10.74 3.40
N THR A 50 -1.60 -9.94 3.51
CA THR A 50 -0.96 -9.75 4.84
C THR A 50 -1.24 -8.34 5.34
N ASN A 51 -0.64 -7.95 6.44
CA ASN A 51 -0.89 -6.58 6.98
C ASN A 51 0.37 -5.74 6.84
N THR A 52 0.94 -5.68 5.67
CA THR A 52 2.17 -4.87 5.46
C THR A 52 1.81 -3.38 5.52
N HIS A 53 2.43 -2.65 6.41
CA HIS A 53 2.12 -1.19 6.49
C HIS A 53 3.33 -0.41 5.99
N ILE A 54 3.28 0.89 6.07
CA ILE A 54 4.43 1.71 5.59
C ILE A 54 5.52 1.71 6.66
N ARG A 55 6.72 1.35 6.30
CA ARG A 55 7.83 1.34 7.29
C ARG A 55 8.36 2.75 7.48
N SER A 56 8.57 3.45 6.40
CA SER A 56 9.11 4.84 6.51
C SER A 56 8.81 5.59 5.21
N THR A 57 8.29 6.78 5.31
CA THR A 57 7.98 7.56 4.08
C THR A 57 9.19 7.53 3.14
N GLY A 58 8.95 7.46 1.86
CA GLY A 58 10.09 7.43 0.90
C GLY A 58 10.45 5.99 0.57
N LYS A 59 11.23 5.79 -0.45
CA LYS A 59 11.62 4.39 -0.83
C LYS A 59 12.52 3.81 0.27
N CYS A 60 12.46 2.52 0.46
CA CYS A 60 13.31 1.88 1.51
C CYS A 60 14.78 2.21 1.24
N GLU A 61 15.56 2.36 2.27
CA GLU A 61 17.00 2.67 2.07
C GLU A 61 17.85 1.46 2.49
N ASP A 3 -1.15 6.48 6.67
CA ASP A 3 -0.43 5.19 6.48
C ASP A 3 -1.42 4.10 6.09
N SER A 4 -0.99 2.87 6.08
CA SER A 4 -1.91 1.76 5.72
C SER A 4 -2.93 1.54 6.83
N GLU A 5 -2.82 2.27 7.91
CA GLU A 5 -3.79 2.11 9.02
C GLU A 5 -5.20 2.08 8.43
N MET A 6 -5.37 2.68 7.29
CA MET A 6 -6.71 2.69 6.65
C MET A 6 -6.96 1.32 6.01
N CYS A 7 -5.92 0.72 5.49
CA CYS A 7 -6.09 -0.62 4.86
C CYS A 7 -6.12 -1.69 5.96
N LYS A 8 -6.00 -1.28 7.19
CA LYS A 8 -6.02 -2.28 8.30
C LYS A 8 -7.36 -3.02 8.30
N ASP A 9 -8.39 -2.37 7.83
CA ASP A 9 -9.73 -3.03 7.80
C ASP A 9 -10.54 -2.50 6.61
N TYR A 10 -10.12 -2.80 5.41
CA TYR A 10 -10.87 -2.31 4.22
C TYR A 10 -11.38 -3.51 3.41
N ARG A 11 -11.88 -3.27 2.23
CA ARG A 11 -12.40 -4.39 1.40
C ARG A 11 -12.34 -4.01 -0.07
N VAL A 12 -12.07 -4.95 -0.93
CA VAL A 12 -11.99 -4.64 -2.39
C VAL A 12 -12.65 -5.78 -3.19
N LEU A 13 -13.46 -5.44 -4.15
CA LEU A 13 -14.12 -6.49 -4.97
C LEU A 13 -13.63 -6.42 -6.42
N PRO A 14 -14.06 -7.38 -7.25
CA PRO A 14 -13.67 -7.44 -8.66
C PRO A 14 -14.26 -6.28 -9.47
N ARG A 15 -15.33 -5.69 -8.98
CA ARG A 15 -15.96 -4.55 -9.71
C ARG A 15 -15.47 -3.24 -9.09
N ILE A 16 -15.16 -3.25 -7.82
CA ILE A 16 -14.68 -2.01 -7.17
C ILE A 16 -13.16 -1.89 -7.31
N GLY A 17 -12.45 -2.97 -7.10
CA GLY A 17 -10.97 -2.93 -7.22
C GLY A 17 -10.40 -2.01 -6.13
N TYR A 18 -9.17 -1.60 -6.27
CA TYR A 18 -8.56 -0.72 -5.24
C TYR A 18 -8.59 0.74 -5.72
N LEU A 19 -8.66 1.68 -4.81
CA LEU A 19 -8.68 3.11 -5.24
C LEU A 19 -7.43 3.82 -4.73
N CYS A 20 -6.55 4.20 -5.60
CA CYS A 20 -5.31 4.91 -5.17
C CYS A 20 -5.18 6.22 -5.95
N PRO A 21 -4.45 7.19 -5.40
CA PRO A 21 -4.24 8.49 -6.04
C PRO A 21 -3.29 8.38 -7.24
N LYS A 22 -3.15 9.43 -8.01
CA LYS A 22 -2.24 9.37 -9.18
C LYS A 22 -0.83 9.78 -8.75
N ASP A 23 -0.72 10.63 -7.76
CA ASP A 23 0.62 11.07 -7.30
C ASP A 23 1.45 9.84 -6.90
N LEU A 24 2.68 9.77 -7.34
CA LEU A 24 3.53 8.59 -6.98
C LEU A 24 4.33 8.92 -5.72
N LYS A 25 4.08 8.21 -4.66
CA LYS A 25 4.82 8.46 -3.40
C LYS A 25 5.49 7.17 -2.92
N PRO A 26 6.80 7.05 -3.10
CA PRO A 26 7.56 5.86 -2.71
C PRO A 26 7.58 5.67 -1.19
N VAL A 27 7.05 4.59 -0.71
CA VAL A 27 7.03 4.35 0.77
C VAL A 27 7.86 3.11 1.10
N CYS A 28 8.35 3.04 2.30
CA CYS A 28 9.16 1.84 2.70
C CYS A 28 8.27 0.86 3.45
N GLY A 29 8.18 -0.36 2.97
CA GLY A 29 7.31 -1.36 3.65
C GLY A 29 8.02 -1.88 4.91
N ASP A 30 7.30 -1.99 6.00
CA ASP A 30 7.92 -2.51 7.25
C ASP A 30 8.30 -3.97 7.08
N ASP A 31 7.89 -4.58 6.00
CA ASP A 31 8.22 -6.02 5.79
C ASP A 31 9.59 -6.11 5.09
N GLY A 32 10.31 -5.03 5.03
CA GLY A 32 11.65 -5.05 4.37
C GLY A 32 11.46 -4.85 2.85
N GLN A 33 10.33 -4.34 2.46
CA GLN A 33 10.08 -4.11 1.01
C GLN A 33 9.75 -2.64 0.77
N THR A 34 9.56 -2.25 -0.46
CA THR A 34 9.21 -0.83 -0.77
C THR A 34 8.10 -0.81 -1.80
N TYR A 35 7.18 0.10 -1.68
CA TYR A 35 6.06 0.18 -2.66
C TYR A 35 6.05 1.55 -3.33
N ASN A 36 6.04 1.59 -4.63
CA ASN A 36 6.04 2.89 -5.34
C ASN A 36 4.98 3.82 -4.75
N ASN A 37 3.75 3.64 -5.10
CA ASN A 37 2.67 4.52 -4.55
C ASN A 37 2.27 4.02 -3.16
N PRO A 38 1.89 4.94 -2.26
CA PRO A 38 1.47 4.60 -0.89
C PRO A 38 0.20 3.73 -0.88
N CYS A 39 -0.83 4.17 -1.54
CA CYS A 39 -2.07 3.35 -1.56
C CYS A 39 -1.76 2.04 -2.29
N MET A 40 -0.77 2.04 -3.13
CA MET A 40 -0.39 0.80 -3.86
C MET A 40 0.20 -0.18 -2.86
N LEU A 41 0.56 0.29 -1.70
CA LEU A 41 1.15 -0.62 -0.67
C LEU A 41 0.09 -1.62 -0.24
N CYS A 42 -1.07 -1.15 0.12
CA CYS A 42 -2.15 -2.10 0.52
C CYS A 42 -2.58 -2.87 -0.73
N HIS A 43 -2.26 -2.35 -1.88
CA HIS A 43 -2.63 -3.05 -3.14
C HIS A 43 -1.77 -4.31 -3.25
N GLU A 44 -0.48 -4.17 -3.19
CA GLU A 44 0.40 -5.36 -3.28
C GLU A 44 0.12 -6.25 -2.06
N ASN A 45 -0.47 -5.68 -1.05
CA ASN A 45 -0.79 -6.47 0.17
C ASN A 45 -2.06 -7.28 -0.08
N LEU A 46 -2.99 -6.71 -0.82
CA LEU A 46 -4.24 -7.46 -1.12
C LEU A 46 -3.87 -8.78 -1.80
N ILE A 47 -2.82 -8.76 -2.56
CA ILE A 47 -2.38 -10.00 -3.25
C ILE A 47 -1.61 -10.88 -2.27
N ARG A 48 -0.70 -10.30 -1.53
CA ARG A 48 0.08 -11.09 -0.55
C ARG A 48 -0.83 -11.50 0.61
N GLN A 49 -1.91 -10.79 0.80
CA GLN A 49 -2.85 -11.12 1.90
C GLN A 49 -2.14 -10.95 3.25
N THR A 50 -1.40 -9.89 3.40
CA THR A 50 -0.69 -9.66 4.69
C THR A 50 -1.04 -8.26 5.23
N ASN A 51 -0.70 -7.98 6.45
CA ASN A 51 -1.01 -6.64 7.03
C ASN A 51 0.26 -5.79 7.06
N THR A 52 0.89 -5.62 5.93
CA THR A 52 2.14 -4.80 5.90
C THR A 52 1.77 -3.31 5.95
N HIS A 53 2.50 -2.53 6.70
CA HIS A 53 2.20 -1.08 6.78
C HIS A 53 3.40 -0.28 6.27
N ILE A 54 3.29 1.01 6.21
CA ILE A 54 4.42 1.83 5.72
C ILE A 54 5.44 2.03 6.85
N ARG A 55 6.67 1.66 6.60
CA ARG A 55 7.72 1.82 7.63
C ARG A 55 8.21 3.26 7.65
N SER A 56 8.62 3.76 6.52
CA SER A 56 9.13 5.15 6.45
C SER A 56 8.74 5.76 5.10
N THR A 57 8.47 7.03 5.08
CA THR A 57 8.09 7.68 3.79
C THR A 57 9.28 7.67 2.84
N GLY A 58 9.04 7.58 1.56
CA GLY A 58 10.16 7.55 0.59
C GLY A 58 10.64 6.11 0.41
N LYS A 59 11.35 5.84 -0.64
CA LYS A 59 11.86 4.45 -0.87
C LYS A 59 12.82 4.07 0.25
N CYS A 60 12.87 2.81 0.60
CA CYS A 60 13.79 2.38 1.69
C CYS A 60 15.21 2.24 1.14
N GLU A 61 16.20 2.48 1.95
CA GLU A 61 17.60 2.37 1.46
C GLU A 61 18.54 2.16 2.66
N ASP A 3 -1.00 3.70 5.88
CA ASP A 3 -0.65 2.44 6.60
C ASP A 3 -1.80 1.45 6.48
N SER A 4 -1.62 0.25 6.97
CA SER A 4 -2.71 -0.77 6.88
C SER A 4 -3.98 -0.22 7.52
N GLU A 5 -3.84 0.63 8.50
CA GLU A 5 -5.04 1.21 9.17
C GLU A 5 -5.92 1.89 8.11
N MET A 6 -5.33 2.30 7.02
CA MET A 6 -6.13 2.96 5.95
C MET A 6 -6.94 1.91 5.22
N CYS A 7 -6.51 0.68 5.25
CA CYS A 7 -7.26 -0.40 4.55
C CYS A 7 -8.36 -0.91 5.46
N LYS A 8 -8.18 -0.82 6.75
CA LYS A 8 -9.23 -1.30 7.70
C LYS A 8 -10.39 -0.30 7.74
N ASP A 9 -10.27 0.79 7.03
CA ASP A 9 -11.36 1.80 7.03
C ASP A 9 -11.86 2.05 5.61
N TYR A 10 -11.31 1.36 4.65
CA TYR A 10 -11.76 1.56 3.24
C TYR A 10 -12.31 0.25 2.69
N ARG A 11 -13.18 0.32 1.72
CA ARG A 11 -13.75 -0.94 1.15
C ARG A 11 -13.71 -0.84 -0.38
N VAL A 12 -13.16 -1.82 -1.03
CA VAL A 12 -13.08 -1.79 -2.52
C VAL A 12 -13.73 -3.06 -3.09
N LEU A 13 -14.42 -2.93 -4.19
CA LEU A 13 -15.07 -4.13 -4.79
C LEU A 13 -14.28 -4.57 -6.03
N PRO A 14 -14.66 -5.70 -6.63
CA PRO A 14 -13.99 -6.23 -7.82
C PRO A 14 -14.22 -5.34 -9.05
N ARG A 15 -15.32 -4.65 -9.09
CA ARG A 15 -15.60 -3.77 -10.25
C ARG A 15 -14.99 -2.38 -10.00
N ILE A 16 -14.88 -2.00 -8.76
CA ILE A 16 -14.29 -0.67 -8.44
C ILE A 16 -12.76 -0.78 -8.42
N GLY A 17 -12.25 -1.85 -7.89
CA GLY A 17 -10.77 -2.02 -7.85
C GLY A 17 -10.17 -0.98 -6.89
N TYR A 18 -9.02 -1.25 -6.35
CA TYR A 18 -8.39 -0.28 -5.40
C TYR A 18 -8.32 1.09 -6.06
N LEU A 19 -8.42 2.14 -5.28
CA LEU A 19 -8.37 3.51 -5.84
C LEU A 19 -7.13 4.23 -5.32
N CYS A 20 -6.17 4.50 -6.17
CA CYS A 20 -4.94 5.21 -5.72
C CYS A 20 -4.75 6.48 -6.54
N PRO A 21 -4.02 7.46 -5.99
CA PRO A 21 -3.77 8.74 -6.66
C PRO A 21 -2.78 8.57 -7.81
N LYS A 22 -2.69 9.55 -8.67
CA LYS A 22 -1.74 9.45 -9.83
C LYS A 22 -0.37 9.96 -9.40
N ASP A 23 -0.28 10.57 -8.25
CA ASP A 23 1.03 11.09 -7.78
C ASP A 23 1.93 9.91 -7.37
N LEU A 24 3.15 9.91 -7.79
CA LEU A 24 4.06 8.78 -7.42
C LEU A 24 4.78 9.13 -6.10
N LYS A 25 4.58 8.33 -5.09
CA LYS A 25 5.24 8.60 -3.78
C LYS A 25 5.83 7.30 -3.24
N PRO A 26 7.15 7.11 -3.42
CA PRO A 26 7.85 5.90 -2.96
C PRO A 26 7.81 5.74 -1.44
N VAL A 27 7.29 4.64 -0.97
CA VAL A 27 7.21 4.40 0.50
C VAL A 27 8.01 3.15 0.87
N CYS A 28 8.48 3.07 2.08
CA CYS A 28 9.23 1.86 2.51
C CYS A 28 8.28 0.93 3.27
N GLY A 29 8.36 -0.34 3.02
CA GLY A 29 7.45 -1.31 3.72
C GLY A 29 8.14 -1.87 4.96
N ASP A 30 7.43 -1.97 6.05
CA ASP A 30 8.04 -2.51 7.30
C ASP A 30 8.42 -3.98 7.08
N ASP A 31 7.99 -4.57 6.00
CA ASP A 31 8.33 -6.00 5.75
C ASP A 31 9.67 -6.06 4.99
N GLY A 32 10.37 -4.97 4.92
CA GLY A 32 11.68 -4.96 4.20
C GLY A 32 11.44 -4.81 2.70
N GLN A 33 10.31 -4.29 2.33
CA GLN A 33 10.00 -4.11 0.87
C GLN A 33 9.71 -2.64 0.59
N THR A 34 9.62 -2.27 -0.66
CA THR A 34 9.34 -0.85 -1.00
C THR A 34 8.17 -0.79 -1.98
N TYR A 35 7.24 0.10 -1.76
CA TYR A 35 6.08 0.21 -2.70
C TYR A 35 6.12 1.57 -3.40
N ASN A 36 6.18 1.57 -4.71
CA ASN A 36 6.24 2.86 -5.45
C ASN A 36 5.21 3.83 -4.87
N ASN A 37 3.98 3.72 -5.27
CA ASN A 37 2.93 4.64 -4.75
C ASN A 37 2.47 4.17 -3.37
N PRO A 38 2.11 5.12 -2.50
CA PRO A 38 1.65 4.81 -1.13
C PRO A 38 0.35 3.98 -1.16
N CYS A 39 -0.65 4.42 -1.86
CA CYS A 39 -1.91 3.64 -1.92
C CYS A 39 -1.60 2.29 -2.57
N MET A 40 -0.58 2.26 -3.40
CA MET A 40 -0.20 0.97 -4.06
C MET A 40 0.27 -0.01 -3.00
N LEU A 41 0.59 0.48 -1.83
CA LEU A 41 1.05 -0.42 -0.74
C LEU A 41 -0.11 -1.32 -0.32
N CYS A 42 -1.21 -0.73 0.04
CA CYS A 42 -2.40 -1.54 0.44
C CYS A 42 -2.78 -2.46 -0.72
N HIS A 43 -2.39 -2.08 -1.92
CA HIS A 43 -2.69 -2.93 -3.10
C HIS A 43 -1.82 -4.18 -3.08
N GLU A 44 -0.53 -4.00 -3.10
CA GLU A 44 0.38 -5.17 -3.06
C GLU A 44 0.10 -5.96 -1.79
N ASN A 45 -0.54 -5.35 -0.84
CA ASN A 45 -0.86 -6.06 0.44
C ASN A 45 -2.05 -7.00 0.19
N LEU A 46 -3.01 -6.56 -0.58
CA LEU A 46 -4.19 -7.43 -0.86
C LEU A 46 -3.69 -8.76 -1.45
N ILE A 47 -2.67 -8.70 -2.26
CA ILE A 47 -2.13 -9.95 -2.85
C ILE A 47 -1.34 -10.72 -1.78
N ARG A 48 -0.49 -10.02 -1.06
CA ARG A 48 0.30 -10.69 0.00
C ARG A 48 -0.63 -11.13 1.13
N GLN A 49 -1.73 -10.45 1.31
CA GLN A 49 -2.69 -10.83 2.38
C GLN A 49 -2.01 -10.67 3.75
N THR A 50 -1.27 -9.62 3.94
CA THR A 50 -0.59 -9.41 5.25
C THR A 50 -0.86 -7.98 5.74
N ASN A 51 -0.42 -7.65 6.92
CA ASN A 51 -0.64 -6.28 7.44
C ASN A 51 0.64 -5.45 7.28
N THR A 52 1.05 -5.23 6.06
CA THR A 52 2.30 -4.44 5.83
C THR A 52 2.03 -2.95 6.06
N HIS A 53 2.86 -2.29 6.80
CA HIS A 53 2.67 -0.83 7.04
C HIS A 53 3.84 -0.07 6.44
N ILE A 54 3.77 1.23 6.39
CA ILE A 54 4.89 2.01 5.81
C ILE A 54 6.01 2.13 6.85
N ARG A 55 7.19 1.71 6.51
CA ARG A 55 8.32 1.79 7.47
C ARG A 55 8.88 3.22 7.48
N SER A 56 9.00 3.81 6.33
CA SER A 56 9.52 5.19 6.25
C SER A 56 9.11 5.80 4.91
N THR A 57 9.02 7.10 4.84
CA THR A 57 8.63 7.75 3.56
C THR A 57 9.76 7.60 2.55
N GLY A 58 9.44 7.41 1.30
CA GLY A 58 10.50 7.25 0.26
C GLY A 58 10.83 5.76 0.11
N LYS A 59 11.57 5.43 -0.91
CA LYS A 59 11.92 3.99 -1.12
C LYS A 59 12.84 3.52 0.01
N CYS A 60 12.81 2.25 0.33
CA CYS A 60 13.67 1.74 1.42
C CYS A 60 15.14 1.97 1.06
N GLU A 61 15.99 2.11 2.04
CA GLU A 61 17.44 2.34 1.74
C GLU A 61 18.19 1.02 1.82
N ASP A 3 -0.94 3.89 5.43
CA ASP A 3 -0.56 2.64 6.16
C ASP A 3 -1.75 1.67 6.15
N SER A 4 -1.62 0.57 6.83
CA SER A 4 -2.74 -0.41 6.86
C SER A 4 -3.98 0.25 7.44
N GLU A 5 -3.82 1.29 8.22
CA GLU A 5 -4.99 1.98 8.80
C GLU A 5 -5.97 2.33 7.67
N MET A 6 -5.49 2.46 6.48
CA MET A 6 -6.38 2.78 5.33
C MET A 6 -7.09 1.51 4.88
N CYS A 7 -6.50 0.37 5.11
CA CYS A 7 -7.14 -0.90 4.69
C CYS A 7 -8.09 -1.39 5.79
N LYS A 8 -8.06 -0.75 6.93
CA LYS A 8 -8.96 -1.18 8.04
C LYS A 8 -10.42 -1.08 7.60
N ASP A 9 -10.70 -0.25 6.63
CA ASP A 9 -12.11 -0.11 6.18
C ASP A 9 -12.14 0.27 4.69
N TYR A 10 -11.66 -0.58 3.83
CA TYR A 10 -11.69 -0.26 2.38
C TYR A 10 -12.30 -1.44 1.61
N ARG A 11 -12.64 -1.24 0.37
CA ARG A 11 -13.25 -2.35 -0.42
C ARG A 11 -12.76 -2.27 -1.87
N VAL A 12 -12.58 -3.40 -2.50
CA VAL A 12 -12.10 -3.41 -3.91
C VAL A 12 -12.88 -4.45 -4.72
N LEU A 13 -13.38 -4.08 -5.87
CA LEU A 13 -14.15 -5.03 -6.70
C LEU A 13 -13.49 -5.17 -8.08
N PRO A 14 -14.00 -6.07 -8.92
CA PRO A 14 -13.47 -6.28 -10.27
C PRO A 14 -13.71 -5.09 -11.18
N ARG A 15 -14.73 -4.32 -10.91
CA ARG A 15 -15.03 -3.14 -11.75
C ARG A 15 -14.51 -1.88 -11.05
N ILE A 16 -14.44 -1.90 -9.75
CA ILE A 16 -13.94 -0.71 -9.01
C ILE A 16 -12.43 -0.83 -8.81
N GLY A 17 -11.95 -1.99 -8.45
CA GLY A 17 -10.49 -2.17 -8.25
C GLY A 17 -10.06 -1.39 -7.00
N TYR A 18 -8.86 -0.87 -7.02
CA TYR A 18 -8.37 -0.09 -5.85
C TYR A 18 -8.41 1.42 -6.18
N LEU A 19 -8.46 2.25 -5.18
CA LEU A 19 -8.50 3.71 -5.43
C LEU A 19 -7.23 4.37 -4.88
N CYS A 20 -6.42 4.92 -5.74
CA CYS A 20 -5.16 5.59 -5.27
C CYS A 20 -5.00 6.91 -6.01
N PRO A 21 -4.26 7.86 -5.41
CA PRO A 21 -4.02 9.18 -6.00
C PRO A 21 -3.07 9.08 -7.20
N LYS A 22 -2.96 10.13 -7.98
CA LYS A 22 -2.04 10.09 -9.15
C LYS A 22 -0.63 10.45 -8.70
N ASP A 23 -0.49 11.07 -7.57
CA ASP A 23 0.87 11.44 -7.08
C ASP A 23 1.63 10.18 -6.68
N LEU A 24 2.77 9.95 -7.25
CA LEU A 24 3.55 8.74 -6.90
C LEU A 24 4.42 9.02 -5.68
N LYS A 25 4.10 8.44 -4.55
CA LYS A 25 4.91 8.69 -3.33
C LYS A 25 5.56 7.37 -2.87
N PRO A 26 6.87 7.22 -3.15
CA PRO A 26 7.63 6.01 -2.78
C PRO A 26 7.69 5.79 -1.28
N VAL A 27 7.14 4.71 -0.80
CA VAL A 27 7.17 4.44 0.66
C VAL A 27 7.99 3.17 0.93
N CYS A 28 8.51 3.05 2.12
CA CYS A 28 9.29 1.83 2.47
C CYS A 28 8.38 0.86 3.22
N GLY A 29 8.51 -0.41 2.98
CA GLY A 29 7.64 -1.39 3.67
C GLY A 29 8.35 -1.92 4.93
N ASP A 30 7.62 -2.11 5.99
CA ASP A 30 8.26 -2.62 7.24
C ASP A 30 8.68 -4.07 7.05
N ASP A 31 8.27 -4.67 5.97
CA ASP A 31 8.65 -6.09 5.71
C ASP A 31 9.97 -6.13 4.93
N GLY A 32 10.53 -4.99 4.62
CA GLY A 32 11.80 -4.98 3.86
C GLY A 32 11.50 -4.79 2.37
N GLN A 33 10.35 -4.25 2.06
CA GLN A 33 9.99 -4.05 0.62
C GLN A 33 9.72 -2.57 0.38
N THR A 34 9.53 -2.18 -0.86
CA THR A 34 9.25 -0.76 -1.17
C THR A 34 8.08 -0.66 -2.14
N TYR A 35 7.21 0.29 -1.96
CA TYR A 35 6.04 0.43 -2.88
C TYR A 35 6.08 1.82 -3.50
N ASN A 36 5.98 1.91 -4.80
CA ASN A 36 6.01 3.25 -5.45
C ASN A 36 4.97 4.16 -4.81
N ASN A 37 3.73 4.01 -5.16
CA ASN A 37 2.67 4.88 -4.56
C ASN A 37 2.27 4.31 -3.19
N PRO A 38 1.93 5.21 -2.24
CA PRO A 38 1.51 4.80 -0.88
C PRO A 38 0.23 3.98 -0.92
N CYS A 39 -0.79 4.48 -1.57
CA CYS A 39 -2.06 3.71 -1.65
C CYS A 39 -1.76 2.39 -2.37
N MET A 40 -0.78 2.40 -3.23
CA MET A 40 -0.41 1.15 -3.95
C MET A 40 0.15 0.14 -2.95
N LEU A 41 0.47 0.59 -1.76
CA LEU A 41 1.02 -0.34 -0.74
C LEU A 41 -0.10 -1.30 -0.30
N CYS A 42 -1.21 -0.77 0.10
CA CYS A 42 -2.34 -1.65 0.51
C CYS A 42 -2.71 -2.55 -0.67
N HIS A 43 -2.39 -2.13 -1.87
CA HIS A 43 -2.72 -2.95 -3.06
C HIS A 43 -1.83 -4.19 -3.05
N GLU A 44 -0.54 -4.01 -3.04
CA GLU A 44 0.38 -5.18 -3.02
C GLU A 44 0.12 -5.96 -1.73
N ASN A 45 -0.49 -5.31 -0.76
CA ASN A 45 -0.78 -6.01 0.53
C ASN A 45 -1.99 -6.92 0.34
N LEU A 46 -2.90 -6.54 -0.52
CA LEU A 46 -4.10 -7.39 -0.75
C LEU A 46 -3.64 -8.74 -1.30
N ILE A 47 -2.64 -8.74 -2.14
CA ILE A 47 -2.15 -10.02 -2.72
C ILE A 47 -1.32 -10.75 -1.67
N ARG A 48 -0.40 -10.07 -1.02
CA ARG A 48 0.43 -10.73 0.01
C ARG A 48 -0.45 -11.06 1.23
N GLN A 49 -1.38 -10.22 1.55
CA GLN A 49 -2.27 -10.48 2.70
C GLN A 49 -1.42 -10.59 3.98
N THR A 50 -0.40 -9.80 4.09
CA THR A 50 0.46 -9.86 5.30
C THR A 50 0.30 -8.56 6.11
N ASN A 51 -0.74 -7.81 5.84
CA ASN A 51 -0.94 -6.55 6.60
C ASN A 51 0.38 -5.78 6.69
N THR A 52 0.96 -5.46 5.57
CA THR A 52 2.26 -4.72 5.58
C THR A 52 2.01 -3.25 5.91
N HIS A 53 2.91 -2.63 6.63
CA HIS A 53 2.73 -1.20 6.96
C HIS A 53 3.89 -0.40 6.38
N ILE A 54 3.81 0.90 6.39
CA ILE A 54 4.92 1.71 5.83
C ILE A 54 6.06 1.80 6.83
N ARG A 55 7.24 1.45 6.44
CA ARG A 55 8.41 1.50 7.36
C ARG A 55 8.90 2.94 7.46
N SER A 56 9.05 3.59 6.34
CA SER A 56 9.52 5.00 6.35
C SER A 56 9.15 5.65 5.02
N THR A 57 8.96 6.94 5.02
CA THR A 57 8.59 7.63 3.75
C THR A 57 9.74 7.52 2.75
N GLY A 58 9.43 7.35 1.49
CA GLY A 58 10.50 7.24 0.47
C GLY A 58 10.82 5.76 0.22
N LYS A 59 11.51 5.46 -0.84
CA LYS A 59 11.84 4.04 -1.13
C LYS A 59 12.84 3.53 -0.09
N CYS A 60 12.79 2.26 0.23
CA CYS A 60 13.74 1.71 1.24
C CYS A 60 15.18 1.92 0.76
N GLU A 61 16.10 2.01 1.67
CA GLU A 61 17.52 2.21 1.27
C GLU A 61 18.20 0.85 1.05
N ASP A 3 -1.06 4.44 4.79
CA ASP A 3 -0.50 3.20 5.38
C ASP A 3 -1.63 2.21 5.67
N SER A 4 -1.31 1.08 6.24
CA SER A 4 -2.36 0.07 6.54
C SER A 4 -3.55 0.77 7.22
N GLU A 5 -3.29 1.82 7.95
CA GLU A 5 -4.41 2.55 8.62
C GLU A 5 -5.48 2.88 7.59
N MET A 6 -5.09 3.02 6.35
CA MET A 6 -6.08 3.32 5.28
C MET A 6 -6.84 2.04 4.95
N CYS A 7 -6.22 0.90 5.13
CA CYS A 7 -6.90 -0.38 4.83
C CYS A 7 -7.81 -0.75 6.01
N LYS A 8 -7.74 0.00 7.08
CA LYS A 8 -8.60 -0.29 8.26
C LYS A 8 -10.07 -0.32 7.83
N ASP A 9 -10.43 0.48 6.87
CA ASP A 9 -11.85 0.51 6.42
C ASP A 9 -11.92 0.78 4.92
N TYR A 10 -11.45 -0.13 4.12
CA TYR A 10 -11.51 0.07 2.64
C TYR A 10 -12.21 -1.13 1.99
N ARG A 11 -12.52 -1.03 0.73
CA ARG A 11 -13.20 -2.17 0.05
C ARG A 11 -12.65 -2.34 -1.37
N VAL A 12 -12.64 -3.54 -1.87
CA VAL A 12 -12.13 -3.78 -3.25
C VAL A 12 -12.94 -4.89 -3.91
N LEU A 13 -13.39 -4.69 -5.11
CA LEU A 13 -14.19 -5.73 -5.81
C LEU A 13 -13.51 -6.09 -7.14
N PRO A 14 -14.06 -7.10 -7.84
CA PRO A 14 -13.51 -7.56 -9.12
C PRO A 14 -13.69 -6.51 -10.22
N ARG A 15 -14.64 -5.62 -10.06
CA ARG A 15 -14.87 -4.57 -11.08
C ARG A 15 -14.38 -3.22 -10.53
N ILE A 16 -14.46 -3.03 -9.24
CA ILE A 16 -14.00 -1.74 -8.66
C ILE A 16 -12.49 -1.79 -8.44
N GLY A 17 -11.97 -2.91 -8.00
CA GLY A 17 -10.51 -3.01 -7.77
C GLY A 17 -10.12 -2.15 -6.57
N TYR A 18 -8.95 -1.57 -6.61
CA TYR A 18 -8.50 -0.73 -5.47
C TYR A 18 -8.55 0.74 -5.87
N LEU A 19 -8.67 1.63 -4.92
CA LEU A 19 -8.71 3.08 -5.24
C LEU A 19 -7.51 3.79 -4.63
N CYS A 20 -6.71 4.42 -5.43
CA CYS A 20 -5.52 5.13 -4.89
C CYS A 20 -5.45 6.54 -5.49
N PRO A 21 -4.75 7.45 -4.80
CA PRO A 21 -4.62 8.84 -5.25
C PRO A 21 -3.68 8.94 -6.46
N LYS A 22 -3.69 10.06 -7.13
CA LYS A 22 -2.81 10.21 -8.32
C LYS A 22 -1.45 10.75 -7.88
N ASP A 23 -1.35 11.23 -6.67
CA ASP A 23 -0.07 11.76 -6.18
C ASP A 23 0.92 10.61 -6.02
N LEU A 24 2.11 10.73 -6.54
CA LEU A 24 3.10 9.64 -6.42
C LEU A 24 3.92 9.83 -5.13
N LYS A 25 3.91 8.85 -4.26
CA LYS A 25 4.69 8.97 -3.00
C LYS A 25 5.32 7.62 -2.66
N PRO A 26 6.64 7.49 -2.86
CA PRO A 26 7.38 6.25 -2.59
C PRO A 26 7.41 5.93 -1.10
N VAL A 27 6.91 4.79 -0.71
CA VAL A 27 6.92 4.43 0.74
C VAL A 27 7.78 3.19 0.97
N CYS A 28 8.30 3.03 2.15
CA CYS A 28 9.12 1.83 2.45
C CYS A 28 8.22 0.81 3.15
N GLY A 29 8.22 -0.42 2.70
CA GLY A 29 7.35 -1.44 3.35
C GLY A 29 8.11 -2.11 4.50
N ASP A 30 7.44 -2.35 5.59
CA ASP A 30 8.11 -3.00 6.75
C ASP A 30 8.51 -4.44 6.38
N ASP A 31 8.04 -4.92 5.26
CA ASP A 31 8.40 -6.30 4.84
C ASP A 31 9.73 -6.28 4.10
N GLY A 32 10.45 -5.19 4.17
CA GLY A 32 11.76 -5.11 3.48
C GLY A 32 11.53 -4.80 2.00
N GLN A 33 10.39 -4.25 1.67
CA GLN A 33 10.12 -3.93 0.23
C GLN A 33 9.71 -2.46 0.12
N THR A 34 9.63 -1.94 -1.07
CA THR A 34 9.23 -0.51 -1.24
C THR A 34 8.07 -0.43 -2.24
N TYR A 35 7.12 0.42 -1.98
CA TYR A 35 5.97 0.55 -2.91
C TYR A 35 5.95 1.98 -3.48
N ASN A 36 5.89 2.10 -4.77
CA ASN A 36 5.87 3.45 -5.39
C ASN A 36 4.81 4.33 -4.74
N ASN A 37 3.57 4.16 -5.08
CA ASN A 37 2.50 4.99 -4.47
C ASN A 37 2.13 4.41 -3.09
N PRO A 38 1.73 5.29 -2.15
CA PRO A 38 1.36 4.87 -0.79
C PRO A 38 0.14 3.95 -0.80
N CYS A 39 -0.94 4.37 -1.39
CA CYS A 39 -2.14 3.49 -1.44
C CYS A 39 -1.77 2.22 -2.18
N MET A 40 -0.83 2.30 -3.08
CA MET A 40 -0.40 1.09 -3.84
C MET A 40 0.18 0.08 -2.85
N LEU A 41 0.58 0.52 -1.70
CA LEU A 41 1.16 -0.42 -0.70
C LEU A 41 0.05 -1.37 -0.23
N CYS A 42 -1.08 -0.84 0.18
CA CYS A 42 -2.19 -1.73 0.63
C CYS A 42 -2.45 -2.76 -0.47
N HIS A 43 -2.56 -2.34 -1.69
CA HIS A 43 -2.80 -3.31 -2.79
C HIS A 43 -1.81 -4.47 -2.63
N GLU A 44 -0.55 -4.15 -2.45
CA GLU A 44 0.46 -5.21 -2.28
C GLU A 44 0.08 -6.08 -1.08
N ASN A 45 -0.77 -5.57 -0.22
CA ASN A 45 -1.19 -6.39 0.96
C ASN A 45 -2.26 -7.38 0.49
N LEU A 46 -3.05 -7.00 -0.47
CA LEU A 46 -4.12 -7.92 -0.97
C LEU A 46 -3.47 -9.06 -1.75
N ILE A 47 -2.43 -8.78 -2.49
CA ILE A 47 -1.76 -9.86 -3.27
C ILE A 47 -0.91 -10.71 -2.32
N ARG A 48 -0.09 -10.08 -1.52
CA ARG A 48 0.77 -10.84 -0.57
C ARG A 48 -0.08 -11.32 0.61
N GLN A 49 -1.08 -10.56 0.97
CA GLN A 49 -1.94 -10.96 2.11
C GLN A 49 -1.08 -11.12 3.37
N THR A 50 -0.05 -10.33 3.48
CA THR A 50 0.82 -10.43 4.69
C THR A 50 0.61 -9.21 5.58
N ASN A 51 -0.36 -8.40 5.27
CA ASN A 51 -0.63 -7.19 6.11
C ASN A 51 0.64 -6.34 6.16
N THR A 52 1.17 -5.96 5.03
CA THR A 52 2.40 -5.12 5.02
C THR A 52 2.03 -3.67 5.31
N HIS A 53 2.80 -3.01 6.16
CA HIS A 53 2.50 -1.60 6.47
C HIS A 53 3.63 -0.71 5.96
N ILE A 54 3.57 0.56 6.22
CA ILE A 54 4.66 1.47 5.75
C ILE A 54 5.75 1.54 6.82
N ARG A 55 6.96 1.22 6.44
CA ARG A 55 8.09 1.27 7.41
C ARG A 55 8.59 2.72 7.52
N SER A 56 8.78 3.36 6.41
CA SER A 56 9.27 4.76 6.43
C SER A 56 8.80 5.50 5.18
N THR A 57 8.62 6.78 5.26
CA THR A 57 8.17 7.54 4.07
C THR A 57 9.30 7.60 3.05
N GLY A 58 8.98 7.55 1.78
CA GLY A 58 10.04 7.60 0.74
C GLY A 58 10.50 6.18 0.43
N LYS A 59 11.21 6.01 -0.65
CA LYS A 59 11.69 4.65 -1.02
C LYS A 59 12.71 4.17 0.02
N CYS A 60 12.72 2.91 0.32
CA CYS A 60 13.69 2.39 1.33
C CYS A 60 15.06 2.27 0.68
N GLU A 61 16.11 2.35 1.47
CA GLU A 61 17.48 2.24 0.88
C GLU A 61 17.70 3.38 -0.11
N ASP A 3 -0.35 4.51 6.40
CA ASP A 3 -0.06 3.13 6.89
C ASP A 3 -1.28 2.24 6.63
N SER A 4 -1.14 0.96 6.83
CA SER A 4 -2.28 0.04 6.59
C SER A 4 -3.54 0.64 7.21
N GLU A 5 -3.39 1.40 8.26
CA GLU A 5 -4.58 2.03 8.90
C GLU A 5 -5.38 2.77 7.84
N MET A 6 -4.73 3.19 6.80
CA MET A 6 -5.44 3.93 5.71
C MET A 6 -6.35 2.95 4.96
N CYS A 7 -5.90 1.74 4.77
CA CYS A 7 -6.74 0.74 4.04
C CYS A 7 -7.33 -0.25 5.04
N LYS A 8 -6.98 -0.13 6.30
CA LYS A 8 -7.53 -1.07 7.31
C LYS A 8 -9.05 -1.14 7.14
N ASP A 9 -9.63 -0.12 6.58
CA ASP A 9 -11.10 -0.13 6.36
C ASP A 9 -11.35 0.00 4.86
N TYR A 10 -10.43 -0.49 4.08
CA TYR A 10 -10.57 -0.40 2.60
C TYR A 10 -11.48 -1.51 2.08
N ARG A 11 -12.04 -1.31 0.92
CA ARG A 11 -12.93 -2.34 0.33
C ARG A 11 -12.71 -2.38 -1.19
N VAL A 12 -12.57 -3.56 -1.73
CA VAL A 12 -12.35 -3.67 -3.20
C VAL A 12 -13.27 -4.74 -3.78
N LEU A 13 -13.87 -4.49 -4.89
CA LEU A 13 -14.78 -5.49 -5.50
C LEU A 13 -14.27 -5.88 -6.89
N PRO A 14 -14.89 -6.89 -7.52
CA PRO A 14 -14.50 -7.36 -8.84
C PRO A 14 -14.80 -6.33 -9.93
N ARG A 15 -15.76 -5.47 -9.69
CA ARG A 15 -16.10 -4.44 -10.70
C ARG A 15 -15.55 -3.08 -10.25
N ILE A 16 -15.28 -2.94 -8.98
CA ILE A 16 -14.74 -1.65 -8.47
C ILE A 16 -13.21 -1.71 -8.46
N GLY A 17 -12.65 -2.78 -7.96
CA GLY A 17 -11.17 -2.89 -7.91
C GLY A 17 -10.61 -1.96 -6.82
N TYR A 18 -9.32 -1.80 -6.77
CA TYR A 18 -8.71 -0.92 -5.74
C TYR A 18 -8.68 0.52 -6.24
N LEU A 19 -8.75 1.48 -5.36
CA LEU A 19 -8.71 2.91 -5.80
C LEU A 19 -7.54 3.62 -5.13
N CYS A 20 -6.78 4.35 -5.87
CA CYS A 20 -5.63 5.08 -5.27
C CYS A 20 -5.53 6.48 -5.88
N PRO A 21 -4.88 7.41 -5.16
CA PRO A 21 -4.72 8.80 -5.62
C PRO A 21 -3.75 8.88 -6.80
N LYS A 22 -3.67 10.01 -7.44
CA LYS A 22 -2.75 10.16 -8.59
C LYS A 22 -1.39 10.65 -8.10
N ASP A 23 -1.33 11.11 -6.88
CA ASP A 23 -0.03 11.61 -6.33
C ASP A 23 0.88 10.41 -6.04
N LEU A 24 2.02 10.35 -6.68
CA LEU A 24 2.94 9.19 -6.43
C LEU A 24 3.75 9.45 -5.16
N LYS A 25 3.51 8.67 -4.13
CA LYS A 25 4.28 8.87 -2.86
C LYS A 25 4.99 7.55 -2.52
N PRO A 26 6.32 7.52 -2.73
CA PRO A 26 7.13 6.32 -2.46
C PRO A 26 7.18 6.00 -0.96
N VAL A 27 6.70 4.85 -0.58
CA VAL A 27 6.73 4.47 0.86
C VAL A 27 7.63 3.26 1.07
N CYS A 28 8.16 3.10 2.25
CA CYS A 28 9.03 1.93 2.53
C CYS A 28 8.19 0.84 3.22
N GLY A 29 8.41 -0.39 2.88
CA GLY A 29 7.60 -1.48 3.50
C GLY A 29 8.38 -2.10 4.67
N ASP A 30 7.71 -2.37 5.75
CA ASP A 30 8.41 -2.97 6.93
C ASP A 30 8.89 -4.37 6.57
N ASP A 31 8.43 -4.90 5.46
CA ASP A 31 8.88 -6.28 5.06
C ASP A 31 10.17 -6.17 4.24
N GLY A 32 10.79 -5.01 4.25
CA GLY A 32 12.05 -4.84 3.46
C GLY A 32 11.71 -4.61 1.99
N GLN A 33 10.60 -3.98 1.73
CA GLN A 33 10.20 -3.73 0.31
C GLN A 33 9.81 -2.26 0.15
N THR A 34 9.55 -1.83 -1.05
CA THR A 34 9.16 -0.41 -1.26
C THR A 34 7.97 -0.33 -2.22
N TYR A 35 6.98 0.43 -1.88
CA TYR A 35 5.80 0.55 -2.78
C TYR A 35 5.74 1.96 -3.36
N ASN A 36 5.73 2.07 -4.66
CA ASN A 36 5.71 3.43 -5.29
C ASN A 36 4.61 4.28 -4.64
N ASN A 37 3.38 4.08 -5.01
CA ASN A 37 2.27 4.89 -4.42
C ASN A 37 1.86 4.31 -3.08
N PRO A 38 1.42 5.16 -2.13
CA PRO A 38 1.00 4.73 -0.80
C PRO A 38 -0.23 3.83 -0.86
N CYS A 39 -1.28 4.26 -1.50
CA CYS A 39 -2.49 3.40 -1.61
C CYS A 39 -2.09 2.12 -2.35
N MET A 40 -1.08 2.19 -3.17
CA MET A 40 -0.62 0.98 -3.91
C MET A 40 0.02 0.00 -2.93
N LEU A 41 0.18 0.40 -1.69
CA LEU A 41 0.81 -0.51 -0.69
C LEU A 41 -0.20 -1.59 -0.31
N CYS A 42 -1.31 -1.21 0.24
CA CYS A 42 -2.32 -2.23 0.63
C CYS A 42 -2.64 -3.08 -0.60
N HIS A 43 -2.51 -2.52 -1.77
CA HIS A 43 -2.79 -3.30 -3.01
C HIS A 43 -1.84 -4.49 -3.06
N GLU A 44 -0.56 -4.24 -3.02
CA GLU A 44 0.41 -5.36 -3.06
C GLU A 44 0.21 -6.21 -1.80
N ASN A 45 -0.40 -5.65 -0.80
CA ASN A 45 -0.64 -6.41 0.46
C ASN A 45 -1.84 -7.33 0.26
N LEU A 46 -2.78 -6.93 -0.55
CA LEU A 46 -3.98 -7.78 -0.80
C LEU A 46 -3.52 -9.08 -1.46
N ILE A 47 -2.56 -9.01 -2.34
CA ILE A 47 -2.06 -10.25 -3.01
C ILE A 47 -1.17 -11.01 -2.05
N ARG A 48 -0.23 -10.34 -1.42
CA ARG A 48 0.68 -11.03 -0.46
C ARG A 48 -0.13 -11.46 0.76
N GLN A 49 -1.04 -10.65 1.19
CA GLN A 49 -1.86 -11.01 2.38
C GLN A 49 -0.95 -11.15 3.61
N THR A 50 0.02 -10.30 3.72
CA THR A 50 0.95 -10.39 4.89
C THR A 50 0.77 -9.16 5.77
N ASN A 51 -0.30 -8.43 5.57
CA ASN A 51 -0.54 -7.21 6.39
C ASN A 51 0.75 -6.39 6.48
N THR A 52 1.26 -5.94 5.36
CA THR A 52 2.51 -5.14 5.37
C THR A 52 2.18 -3.69 5.74
N HIS A 53 3.04 -3.06 6.49
CA HIS A 53 2.78 -1.65 6.89
C HIS A 53 3.90 -0.77 6.35
N ILE A 54 3.76 0.52 6.43
CA ILE A 54 4.83 1.42 5.91
C ILE A 54 5.95 1.51 6.95
N ARG A 55 7.16 1.25 6.54
CA ARG A 55 8.31 1.32 7.50
C ARG A 55 8.75 2.76 7.65
N SER A 56 8.80 3.48 6.56
CA SER A 56 9.22 4.91 6.62
C SER A 56 8.75 5.62 5.35
N THR A 57 8.51 6.89 5.43
CA THR A 57 8.04 7.63 4.23
C THR A 57 9.16 7.67 3.18
N GLY A 58 8.82 7.56 1.94
CA GLY A 58 9.86 7.58 0.87
C GLY A 58 10.30 6.15 0.56
N LYS A 59 11.00 5.98 -0.53
CA LYS A 59 11.47 4.61 -0.90
C LYS A 59 12.48 4.13 0.13
N CYS A 60 12.54 2.84 0.36
CA CYS A 60 13.50 2.30 1.36
C CYS A 60 14.92 2.69 0.95
N GLU A 61 15.83 2.78 1.89
CA GLU A 61 17.23 3.15 1.56
C GLU A 61 17.22 4.36 0.63
N ASP A 3 -0.73 4.96 6.53
CA ASP A 3 -0.19 3.57 6.53
C ASP A 3 -1.28 2.61 6.04
N SER A 4 -0.95 1.35 5.89
CA SER A 4 -1.96 0.36 5.41
C SER A 4 -3.20 0.44 6.30
N GLU A 5 -3.02 0.73 7.56
CA GLU A 5 -4.20 0.83 8.47
C GLU A 5 -5.20 1.80 7.89
N MET A 6 -4.75 2.70 7.05
CA MET A 6 -5.68 3.68 6.43
C MET A 6 -6.51 2.97 5.36
N CYS A 7 -6.08 1.81 4.94
CA CYS A 7 -6.83 1.06 3.91
C CYS A 7 -7.81 0.11 4.59
N LYS A 8 -7.59 -0.18 5.85
CA LYS A 8 -8.51 -1.09 6.58
C LYS A 8 -9.78 -0.33 6.98
N ASP A 9 -9.87 0.93 6.64
CA ASP A 9 -11.07 1.72 7.00
C ASP A 9 -11.92 1.97 5.75
N TYR A 10 -11.40 1.65 4.60
CA TYR A 10 -12.19 1.89 3.35
C TYR A 10 -12.66 0.54 2.79
N ARG A 11 -13.51 0.56 1.80
CA ARG A 11 -14.01 -0.71 1.21
C ARG A 11 -13.95 -0.61 -0.31
N VAL A 12 -13.98 -1.74 -0.99
CA VAL A 12 -13.91 -1.70 -2.48
C VAL A 12 -14.86 -2.76 -3.06
N LEU A 13 -15.13 -2.67 -4.34
CA LEU A 13 -16.05 -3.66 -4.98
C LEU A 13 -15.31 -4.38 -6.11
N PRO A 14 -15.96 -5.38 -6.72
CA PRO A 14 -15.36 -6.15 -7.83
C PRO A 14 -15.22 -5.29 -9.10
N ARG A 15 -16.00 -4.26 -9.22
CA ARG A 15 -15.91 -3.39 -10.42
C ARG A 15 -14.88 -2.29 -10.17
N ILE A 16 -14.57 -2.03 -8.94
CA ILE A 16 -13.57 -0.98 -8.62
C ILE A 16 -12.21 -1.63 -8.34
N GLY A 17 -12.21 -2.80 -7.76
CA GLY A 17 -10.92 -3.48 -7.46
C GLY A 17 -10.23 -2.77 -6.30
N TYR A 18 -9.77 -1.58 -6.50
CA TYR A 18 -9.08 -0.84 -5.40
C TYR A 18 -9.18 0.66 -5.64
N LEU A 19 -9.03 1.45 -4.61
CA LEU A 19 -9.13 2.92 -4.79
C LEU A 19 -7.88 3.60 -4.20
N CYS A 20 -7.08 4.21 -5.03
CA CYS A 20 -5.86 4.89 -4.52
C CYS A 20 -5.79 6.30 -5.12
N PRO A 21 -5.06 7.21 -4.45
CA PRO A 21 -4.91 8.59 -4.92
C PRO A 21 -4.05 8.67 -6.18
N LYS A 22 -4.05 9.81 -6.84
CA LYS A 22 -3.24 9.95 -8.08
C LYS A 22 -1.84 10.41 -7.71
N ASP A 23 -1.66 10.92 -6.53
CA ASP A 23 -0.31 11.39 -6.10
C ASP A 23 0.60 10.19 -5.87
N LEU A 24 1.76 10.19 -6.46
CA LEU A 24 2.69 9.04 -6.27
C LEU A 24 3.60 9.31 -5.08
N LYS A 25 3.48 8.53 -4.04
CA LYS A 25 4.37 8.74 -2.86
C LYS A 25 5.06 7.43 -2.51
N PRO A 26 6.37 7.35 -2.78
CA PRO A 26 7.17 6.15 -2.50
C PRO A 26 7.28 5.88 -1.01
N VAL A 27 6.75 4.77 -0.55
CA VAL A 27 6.83 4.46 0.90
C VAL A 27 7.70 3.22 1.12
N CYS A 28 8.27 3.08 2.29
CA CYS A 28 9.12 1.89 2.57
C CYS A 28 8.29 0.85 3.32
N GLY A 29 8.19 -0.33 2.79
CA GLY A 29 7.39 -1.38 3.49
C GLY A 29 8.19 -1.94 4.67
N ASP A 30 7.53 -2.16 5.78
CA ASP A 30 8.25 -2.71 6.96
C ASP A 30 8.68 -4.16 6.68
N ASP A 31 8.23 -4.70 5.58
CA ASP A 31 8.62 -6.10 5.25
C ASP A 31 9.92 -6.11 4.45
N GLY A 32 10.56 -4.97 4.34
CA GLY A 32 11.84 -4.91 3.57
C GLY A 32 11.54 -4.62 2.11
N GLN A 33 10.34 -4.22 1.80
CA GLN A 33 9.99 -3.92 0.39
C GLN A 33 9.58 -2.45 0.26
N THR A 34 9.51 -1.94 -0.93
CA THR A 34 9.12 -0.51 -1.11
C THR A 34 7.96 -0.43 -2.09
N TYR A 35 6.98 0.38 -1.81
CA TYR A 35 5.82 0.51 -2.73
C TYR A 35 5.79 1.93 -3.32
N ASN A 36 5.67 2.03 -4.61
CA ASN A 36 5.65 3.37 -5.24
C ASN A 36 4.58 4.23 -4.59
N ASN A 37 3.33 4.01 -4.91
CA ASN A 37 2.24 4.82 -4.30
C ASN A 37 1.91 4.26 -2.91
N PRO A 38 1.50 5.14 -1.98
CA PRO A 38 1.14 4.73 -0.61
C PRO A 38 -0.06 3.79 -0.58
N CYS A 39 -1.15 4.17 -1.19
CA CYS A 39 -2.33 3.27 -1.21
C CYS A 39 -1.97 1.99 -1.97
N MET A 40 -1.05 2.09 -2.90
CA MET A 40 -0.63 0.89 -3.67
C MET A 40 -0.07 -0.13 -2.69
N LEU A 41 0.38 0.31 -1.55
CA LEU A 41 0.95 -0.61 -0.55
C LEU A 41 -0.14 -1.59 -0.09
N CYS A 42 -1.33 -1.09 0.14
CA CYS A 42 -2.42 -2.00 0.57
C CYS A 42 -2.84 -2.85 -0.62
N HIS A 43 -2.52 -2.40 -1.80
CA HIS A 43 -2.88 -3.19 -3.02
C HIS A 43 -1.96 -4.40 -3.10
N GLU A 44 -0.68 -4.19 -3.04
CA GLU A 44 0.26 -5.34 -3.09
C GLU A 44 0.05 -6.19 -1.84
N ASN A 45 -0.57 -5.61 -0.84
CA ASN A 45 -0.83 -6.39 0.41
C ASN A 45 -1.97 -7.36 0.14
N LEU A 46 -2.95 -6.94 -0.62
CA LEU A 46 -4.09 -7.84 -0.93
C LEU A 46 -3.55 -9.12 -1.56
N ILE A 47 -2.52 -9.01 -2.35
CA ILE A 47 -1.94 -10.22 -2.99
C ILE A 47 -1.15 -11.01 -1.94
N ARG A 48 -0.29 -10.35 -1.21
CA ARG A 48 0.50 -11.05 -0.17
C ARG A 48 -0.44 -11.49 0.96
N GLN A 49 -1.54 -10.82 1.11
CA GLN A 49 -2.51 -11.19 2.19
C GLN A 49 -1.83 -11.02 3.55
N THR A 50 -1.07 -9.97 3.72
CA THR A 50 -0.39 -9.75 5.02
C THR A 50 -0.68 -8.32 5.50
N ASN A 51 -0.33 -8.01 6.72
CA ASN A 51 -0.60 -6.64 7.24
C ASN A 51 0.68 -5.80 7.11
N THR A 52 1.13 -5.59 5.91
CA THR A 52 2.37 -4.78 5.72
C THR A 52 2.08 -3.31 6.03
N HIS A 53 2.89 -2.69 6.83
CA HIS A 53 2.66 -1.26 7.16
C HIS A 53 3.81 -0.42 6.58
N ILE A 54 3.68 0.87 6.59
CA ILE A 54 4.78 1.72 6.04
C ILE A 54 5.89 1.86 7.09
N ARG A 55 7.09 1.55 6.71
CA ARG A 55 8.22 1.66 7.67
C ARG A 55 8.74 3.10 7.70
N SER A 56 9.00 3.65 6.56
CA SER A 56 9.51 5.04 6.50
C SER A 56 9.03 5.72 5.21
N THR A 57 8.68 6.97 5.28
CA THR A 57 8.20 7.67 4.05
C THR A 57 9.31 7.69 3.01
N GLY A 58 8.97 7.56 1.77
CA GLY A 58 10.01 7.56 0.70
C GLY A 58 10.49 6.13 0.47
N LYS A 59 11.14 5.90 -0.64
CA LYS A 59 11.63 4.53 -0.94
C LYS A 59 12.42 3.99 0.25
N CYS A 60 12.46 2.69 0.41
CA CYS A 60 13.21 2.10 1.56
C CYS A 60 14.66 2.59 1.53
N GLU A 61 15.22 2.85 2.68
CA GLU A 61 16.63 3.33 2.72
C GLU A 61 17.57 2.16 2.40
N ASP A 3 -2.92 6.23 5.02
CA ASP A 3 -1.78 5.29 5.14
C ASP A 3 -2.31 3.86 5.33
N SER A 4 -1.45 2.89 5.30
CA SER A 4 -1.92 1.48 5.48
C SER A 4 -2.88 1.42 6.66
N GLU A 5 -2.71 2.29 7.62
CA GLU A 5 -3.63 2.28 8.80
C GLU A 5 -5.07 2.30 8.31
N MET A 6 -5.29 2.86 7.15
CA MET A 6 -6.68 2.91 6.60
C MET A 6 -7.00 1.55 5.99
N CYS A 7 -6.01 0.87 5.49
CA CYS A 7 -6.24 -0.47 4.88
C CYS A 7 -6.25 -1.53 5.99
N LYS A 8 -6.08 -1.12 7.22
CA LYS A 8 -6.08 -2.12 8.33
C LYS A 8 -7.43 -2.81 8.39
N ASP A 9 -8.48 -2.13 7.99
CA ASP A 9 -9.83 -2.75 8.03
C ASP A 9 -10.68 -2.19 6.88
N TYR A 10 -10.33 -2.51 5.66
CA TYR A 10 -11.13 -2.00 4.51
C TYR A 10 -11.69 -3.18 3.72
N ARG A 11 -12.27 -2.94 2.58
CA ARG A 11 -12.84 -4.06 1.78
C ARG A 11 -12.86 -3.68 0.29
N VAL A 12 -12.53 -4.60 -0.58
CA VAL A 12 -12.53 -4.28 -2.03
C VAL A 12 -13.26 -5.39 -2.80
N LEU A 13 -14.07 -5.03 -3.76
CA LEU A 13 -14.81 -6.06 -4.54
C LEU A 13 -14.29 -6.07 -5.98
N PRO A 14 -14.77 -7.03 -6.79
CA PRO A 14 -14.36 -7.15 -8.20
C PRO A 14 -14.86 -5.97 -9.03
N ARG A 15 -15.91 -5.33 -8.61
CA ARG A 15 -16.45 -4.17 -9.38
C ARG A 15 -15.92 -2.87 -8.78
N ILE A 16 -15.60 -2.87 -7.52
CA ILE A 16 -15.09 -1.63 -6.88
C ILE A 16 -13.57 -1.54 -7.08
N GLY A 17 -12.87 -2.61 -6.82
CA GLY A 17 -11.38 -2.59 -6.99
C GLY A 17 -10.76 -1.73 -5.90
N TYR A 18 -9.53 -1.32 -6.08
CA TYR A 18 -8.87 -0.48 -5.04
C TYR A 18 -8.87 0.98 -5.49
N LEU A 19 -8.90 1.90 -4.57
CA LEU A 19 -8.91 3.35 -4.96
C LEU A 19 -7.65 4.03 -4.43
N CYS A 20 -6.73 4.33 -5.30
CA CYS A 20 -5.47 5.01 -4.86
C CYS A 20 -5.35 6.35 -5.58
N PRO A 21 -4.60 7.30 -4.98
CA PRO A 21 -4.39 8.62 -5.56
C PRO A 21 -3.46 8.58 -6.78
N LYS A 22 -3.41 9.63 -7.55
CA LYS A 22 -2.54 9.63 -8.75
C LYS A 22 -1.15 10.15 -8.37
N ASP A 23 -1.02 10.74 -7.22
CA ASP A 23 0.32 11.26 -6.80
C ASP A 23 1.23 10.08 -6.44
N LEU A 24 2.37 9.99 -7.07
CA LEU A 24 3.30 8.85 -6.75
C LEU A 24 4.07 9.16 -5.48
N LYS A 25 3.95 8.33 -4.48
CA LYS A 25 4.69 8.57 -3.21
C LYS A 25 5.35 7.28 -2.76
N PRO A 26 6.66 7.15 -3.00
CA PRO A 26 7.43 5.96 -2.63
C PRO A 26 7.49 5.76 -1.12
N VAL A 27 7.01 4.64 -0.64
CA VAL A 27 7.02 4.39 0.82
C VAL A 27 7.84 3.12 1.13
N CYS A 28 8.33 3.00 2.33
CA CYS A 28 9.13 1.80 2.69
C CYS A 28 8.23 0.82 3.46
N GLY A 29 7.98 -0.33 2.91
CA GLY A 29 7.11 -1.32 3.60
C GLY A 29 7.84 -1.88 4.82
N ASP A 30 7.15 -2.02 5.93
CA ASP A 30 7.81 -2.57 7.15
C ASP A 30 8.15 -4.04 6.94
N ASP A 31 7.70 -4.62 5.86
CA ASP A 31 8.01 -6.05 5.60
C ASP A 31 9.38 -6.16 4.92
N GLY A 32 10.08 -5.07 4.80
CA GLY A 32 11.42 -5.11 4.15
C GLY A 32 11.25 -4.89 2.65
N GLN A 33 10.13 -4.36 2.25
CA GLN A 33 9.90 -4.11 0.80
C GLN A 33 9.50 -2.65 0.59
N THR A 34 9.64 -2.16 -0.62
CA THR A 34 9.26 -0.74 -0.88
C THR A 34 8.11 -0.72 -1.88
N TYR A 35 7.21 0.22 -1.75
CA TYR A 35 6.06 0.29 -2.70
C TYR A 35 6.02 1.69 -3.32
N ASN A 36 5.94 1.76 -4.62
CA ASN A 36 5.90 3.09 -5.29
C ASN A 36 4.83 3.96 -4.64
N ASN A 37 3.59 3.75 -4.96
CA ASN A 37 2.50 4.58 -4.36
C ASN A 37 2.15 4.03 -2.98
N PRO A 38 1.78 4.92 -2.04
CA PRO A 38 1.39 4.53 -0.68
C PRO A 38 0.13 3.66 -0.68
N CYS A 39 -0.93 4.10 -1.32
CA CYS A 39 -2.15 3.27 -1.36
C CYS A 39 -1.81 1.96 -2.06
N MET A 40 -0.88 2.01 -2.98
CA MET A 40 -0.46 0.77 -3.69
C MET A 40 0.09 -0.23 -2.67
N LEU A 41 0.50 0.26 -1.53
CA LEU A 41 1.05 -0.66 -0.49
C LEU A 41 -0.05 -1.63 -0.08
N CYS A 42 -1.22 -1.13 0.17
CA CYS A 42 -2.33 -2.04 0.54
C CYS A 42 -2.72 -2.82 -0.70
N HIS A 43 -2.48 -2.26 -1.85
CA HIS A 43 -2.81 -2.96 -3.12
C HIS A 43 -1.94 -4.20 -3.24
N GLU A 44 -0.65 -4.05 -3.15
CA GLU A 44 0.24 -5.24 -3.24
C GLU A 44 -0.02 -6.14 -2.04
N ASN A 45 -0.65 -5.61 -1.03
CA ASN A 45 -0.93 -6.44 0.17
C ASN A 45 -2.12 -7.36 -0.12
N LEU A 46 -3.02 -6.94 -0.96
CA LEU A 46 -4.18 -7.82 -1.29
C LEU A 46 -3.66 -9.12 -1.90
N ILE A 47 -2.61 -9.03 -2.67
CA ILE A 47 -2.03 -10.26 -3.29
C ILE A 47 -1.26 -11.02 -2.22
N ARG A 48 -0.42 -10.34 -1.49
CA ARG A 48 0.37 -11.02 -0.42
C ARG A 48 -0.58 -11.47 0.69
N GLN A 49 -1.70 -10.80 0.82
CA GLN A 49 -2.67 -11.18 1.88
C GLN A 49 -2.05 -10.97 3.26
N THR A 50 -1.33 -9.89 3.44
CA THR A 50 -0.69 -9.63 4.75
C THR A 50 -1.01 -8.20 5.20
N ASN A 51 -0.80 -7.89 6.45
CA ASN A 51 -1.10 -6.51 6.92
C ASN A 51 0.18 -5.68 6.91
N THR A 52 0.79 -5.53 5.76
CA THR A 52 2.05 -4.73 5.69
C THR A 52 1.71 -3.25 5.79
N HIS A 53 2.40 -2.52 6.63
CA HIS A 53 2.13 -1.06 6.76
C HIS A 53 3.32 -0.26 6.23
N ILE A 54 3.31 1.03 6.42
CA ILE A 54 4.43 1.86 5.92
C ILE A 54 5.50 1.98 7.00
N ARG A 55 6.72 1.66 6.66
CA ARG A 55 7.83 1.73 7.65
C ARG A 55 8.39 3.15 7.67
N SER A 56 8.76 3.65 6.53
CA SER A 56 9.32 5.03 6.47
C SER A 56 8.87 5.68 5.15
N THR A 57 8.77 6.98 5.12
CA THR A 57 8.34 7.66 3.87
C THR A 57 9.48 7.61 2.84
N GLY A 58 9.14 7.47 1.59
CA GLY A 58 10.20 7.41 0.54
C GLY A 58 10.59 5.96 0.30
N LYS A 59 11.29 5.70 -0.77
CA LYS A 59 11.70 4.30 -1.07
C LYS A 59 12.72 3.83 -0.02
N CYS A 60 12.64 2.59 0.38
CA CYS A 60 13.61 2.09 1.40
C CYS A 60 14.95 1.83 0.74
N GLU A 61 16.02 1.97 1.47
CA GLU A 61 17.37 1.71 0.87
C GLU A 61 17.52 0.23 0.54
N ASP A 3 -2.32 5.75 7.56
CA ASP A 3 -1.33 4.66 7.33
C ASP A 3 -2.04 3.45 6.73
N SER A 4 -1.32 2.40 6.46
CA SER A 4 -1.94 1.19 5.86
C SER A 4 -3.14 0.77 6.73
N GLU A 5 -3.12 1.10 7.99
CA GLU A 5 -4.24 0.72 8.88
C GLU A 5 -5.55 1.19 8.24
N MET A 6 -5.49 2.20 7.44
CA MET A 6 -6.72 2.71 6.77
C MET A 6 -7.22 1.67 5.77
N CYS A 7 -6.33 0.89 5.22
CA CYS A 7 -6.76 -0.15 4.24
C CYS A 7 -7.31 -1.36 4.99
N LYS A 8 -7.01 -1.48 6.27
CA LYS A 8 -7.54 -2.63 7.05
C LYS A 8 -9.04 -2.72 6.84
N ASP A 9 -9.66 -1.64 6.47
CA ASP A 9 -11.13 -1.65 6.23
C ASP A 9 -11.36 -1.29 4.76
N TYR A 10 -10.50 -1.75 3.91
CA TYR A 10 -10.62 -1.44 2.47
C TYR A 10 -11.57 -2.42 1.77
N ARG A 11 -12.08 -2.04 0.64
CA ARG A 11 -13.00 -2.94 -0.12
C ARG A 11 -12.70 -2.81 -1.61
N VAL A 12 -12.64 -3.92 -2.30
CA VAL A 12 -12.34 -3.86 -3.76
C VAL A 12 -13.31 -4.76 -4.52
N LEU A 13 -13.95 -4.25 -5.53
CA LEU A 13 -14.91 -5.08 -6.31
C LEU A 13 -14.28 -5.42 -7.67
N PRO A 14 -14.96 -6.24 -8.47
CA PRO A 14 -14.47 -6.63 -9.80
C PRO A 14 -14.44 -5.44 -10.77
N ARG A 15 -15.23 -4.44 -10.51
CA ARG A 15 -15.24 -3.25 -11.41
C ARG A 15 -14.63 -2.05 -10.68
N ILE A 16 -14.66 -2.06 -9.37
CA ILE A 16 -14.09 -0.92 -8.60
C ILE A 16 -12.58 -1.11 -8.46
N GLY A 17 -12.14 -2.32 -8.25
CA GLY A 17 -10.68 -2.57 -8.10
C GLY A 17 -10.16 -1.80 -6.87
N TYR A 18 -8.97 -1.28 -6.95
CA TYR A 18 -8.42 -0.51 -5.79
C TYR A 18 -8.41 0.98 -6.12
N LEU A 19 -8.54 1.82 -5.14
CA LEU A 19 -8.54 3.29 -5.40
C LEU A 19 -7.31 3.93 -4.76
N CYS A 20 -6.49 4.58 -5.53
CA CYS A 20 -5.28 5.24 -4.98
C CYS A 20 -5.15 6.63 -5.59
N PRO A 21 -4.43 7.53 -4.89
CA PRO A 21 -4.23 8.90 -5.36
C PRO A 21 -3.30 8.95 -6.58
N LYS A 22 -3.30 10.05 -7.28
CA LYS A 22 -2.42 10.16 -8.48
C LYS A 22 -1.04 10.67 -8.06
N ASP A 23 -0.91 11.07 -6.83
CA ASP A 23 0.41 11.57 -6.34
C ASP A 23 1.33 10.39 -6.06
N LEU A 24 2.35 10.21 -6.85
CA LEU A 24 3.27 9.06 -6.62
C LEU A 24 4.24 9.39 -5.48
N LYS A 25 4.27 8.58 -4.47
CA LYS A 25 5.19 8.84 -3.32
C LYS A 25 5.77 7.52 -2.84
N PRO A 26 7.07 7.29 -3.09
CA PRO A 26 7.76 6.05 -2.70
C PRO A 26 7.81 5.88 -1.18
N VAL A 27 7.31 4.77 -0.70
CA VAL A 27 7.31 4.54 0.77
C VAL A 27 8.11 3.27 1.09
N CYS A 28 8.61 3.15 2.29
CA CYS A 28 9.38 1.93 2.67
C CYS A 28 8.48 0.97 3.43
N GLY A 29 8.29 -0.22 2.92
CA GLY A 29 7.41 -1.20 3.62
C GLY A 29 8.13 -1.73 4.86
N ASP A 30 7.46 -1.80 5.98
CA ASP A 30 8.10 -2.31 7.21
C ASP A 30 8.40 -3.80 7.06
N ASP A 31 7.94 -4.41 6.01
CA ASP A 31 8.21 -5.86 5.81
C ASP A 31 9.56 -6.04 5.11
N GLY A 32 10.30 -4.98 4.94
CA GLY A 32 11.62 -5.09 4.27
C GLY A 32 11.45 -4.86 2.77
N GLN A 33 10.34 -4.29 2.37
CA GLN A 33 10.10 -4.05 0.91
C GLN A 33 9.77 -2.57 0.70
N THR A 34 9.69 -2.15 -0.53
CA THR A 34 9.36 -0.73 -0.81
C THR A 34 8.22 -0.66 -1.82
N TYR A 35 7.32 0.28 -1.67
CA TYR A 35 6.19 0.39 -2.62
C TYR A 35 6.18 1.80 -3.23
N ASN A 36 6.11 1.89 -4.53
CA ASN A 36 6.12 3.23 -5.18
C ASN A 36 5.04 4.11 -4.54
N ASN A 37 3.81 3.93 -4.91
CA ASN A 37 2.73 4.78 -4.32
C ASN A 37 2.31 4.21 -2.96
N PRO A 38 1.90 5.09 -2.02
CA PRO A 38 1.48 4.68 -0.68
C PRO A 38 0.23 3.81 -0.72
N CYS A 39 -0.81 4.25 -1.39
CA CYS A 39 -2.04 3.41 -1.47
C CYS A 39 -1.70 2.14 -2.23
N MET A 40 -0.73 2.21 -3.10
CA MET A 40 -0.34 1.00 -3.89
C MET A 40 0.17 -0.08 -2.93
N LEU A 41 0.48 0.30 -1.71
CA LEU A 41 0.97 -0.70 -0.72
C LEU A 41 -0.16 -1.64 -0.35
N CYS A 42 -1.29 -1.11 0.03
CA CYS A 42 -2.43 -2.00 0.37
C CYS A 42 -2.85 -2.77 -0.87
N HIS A 43 -2.45 -2.28 -2.03
CA HIS A 43 -2.80 -3.00 -3.28
C HIS A 43 -2.01 -4.31 -3.33
N GLU A 44 -0.71 -4.23 -3.25
CA GLU A 44 0.11 -5.47 -3.27
C GLU A 44 -0.23 -6.27 -2.01
N ASN A 45 -0.80 -5.62 -1.03
CA ASN A 45 -1.15 -6.33 0.23
C ASN A 45 -2.36 -7.23 -0.04
N LEU A 46 -3.22 -6.84 -0.93
CA LEU A 46 -4.41 -7.68 -1.23
C LEU A 46 -3.93 -9.05 -1.71
N ILE A 47 -2.87 -9.08 -2.48
CA ILE A 47 -2.34 -10.37 -2.98
C ILE A 47 -1.64 -11.10 -1.84
N ARG A 48 -0.72 -10.42 -1.19
CA ARG A 48 0.02 -11.06 -0.06
C ARG A 48 -0.96 -11.33 1.10
N GLN A 49 -2.02 -10.58 1.17
CA GLN A 49 -3.01 -10.79 2.27
C GLN A 49 -2.35 -10.50 3.62
N THR A 50 -1.61 -9.43 3.70
CA THR A 50 -0.94 -9.10 4.99
C THR A 50 -1.22 -7.63 5.35
N ASN A 51 -0.92 -7.24 6.55
CA ASN A 51 -1.16 -5.83 6.96
C ASN A 51 0.16 -5.07 6.96
N THR A 52 0.77 -4.90 5.82
CA THR A 52 2.06 -4.17 5.76
C THR A 52 1.83 -2.68 5.96
N HIS A 53 2.64 -2.03 6.75
CA HIS A 53 2.47 -0.57 6.97
C HIS A 53 3.70 0.16 6.45
N ILE A 54 3.66 1.47 6.37
CA ILE A 54 4.84 2.21 5.86
C ILE A 54 5.87 2.35 6.97
N ARG A 55 7.08 1.96 6.72
CA ARG A 55 8.14 2.08 7.76
C ARG A 55 8.76 3.48 7.71
N SER A 56 9.10 3.92 6.54
CA SER A 56 9.71 5.27 6.40
C SER A 56 9.32 5.88 5.05
N THR A 57 9.08 7.15 5.01
CA THR A 57 8.69 7.79 3.73
C THR A 57 9.83 7.64 2.72
N GLY A 58 9.50 7.60 1.45
CA GLY A 58 10.57 7.44 0.42
C GLY A 58 10.90 5.96 0.26
N LYS A 59 11.61 5.62 -0.78
CA LYS A 59 11.97 4.19 -1.01
C LYS A 59 12.80 3.69 0.18
N CYS A 60 12.66 2.43 0.51
CA CYS A 60 13.43 1.88 1.66
C CYS A 60 14.90 2.30 1.53
N GLU A 61 15.54 2.61 2.62
CA GLU A 61 16.97 3.02 2.56
C GLU A 61 17.82 2.09 3.42
N ASP A 3 -3.18 6.28 5.08
CA ASP A 3 -1.97 5.43 5.24
C ASP A 3 -2.41 3.96 5.37
N SER A 4 -1.47 3.06 5.33
CA SER A 4 -1.81 1.61 5.46
C SER A 4 -2.81 1.44 6.61
N GLU A 5 -2.69 2.22 7.63
CA GLU A 5 -3.62 2.11 8.78
C GLU A 5 -5.04 2.05 8.23
N MET A 6 -5.27 2.71 7.13
CA MET A 6 -6.64 2.69 6.53
C MET A 6 -6.84 1.36 5.81
N CYS A 7 -5.78 0.80 5.28
CA CYS A 7 -5.90 -0.50 4.58
C CYS A 7 -5.88 -1.64 5.62
N LYS A 8 -5.85 -1.30 6.88
CA LYS A 8 -5.82 -2.35 7.92
C LYS A 8 -7.10 -3.18 7.86
N ASP A 9 -8.18 -2.59 7.41
CA ASP A 9 -9.46 -3.35 7.33
C ASP A 9 -10.29 -2.86 6.15
N TYR A 10 -9.84 -3.12 4.94
CA TYR A 10 -10.63 -2.68 3.75
C TYR A 10 -10.84 -3.87 2.82
N ARG A 11 -11.48 -3.66 1.70
CA ARG A 11 -11.73 -4.78 0.75
C ARG A 11 -11.91 -4.22 -0.65
N VAL A 12 -11.48 -4.94 -1.66
CA VAL A 12 -11.63 -4.44 -3.05
C VAL A 12 -12.24 -5.54 -3.93
N LEU A 13 -13.19 -5.18 -4.75
CA LEU A 13 -13.83 -6.19 -5.64
C LEU A 13 -13.40 -5.95 -7.08
N PRO A 14 -13.81 -6.83 -8.00
CA PRO A 14 -13.47 -6.70 -9.43
C PRO A 14 -14.16 -5.49 -10.07
N ARG A 15 -15.26 -5.06 -9.52
CA ARG A 15 -15.97 -3.88 -10.10
C ARG A 15 -15.54 -2.61 -9.35
N ILE A 16 -15.22 -2.74 -8.09
CA ILE A 16 -14.79 -1.55 -7.31
C ILE A 16 -13.32 -1.25 -7.59
N GLY A 17 -12.48 -2.25 -7.50
CA GLY A 17 -11.03 -2.03 -7.76
C GLY A 17 -10.42 -1.23 -6.61
N TYR A 18 -9.18 -0.83 -6.73
CA TYR A 18 -8.54 -0.05 -5.65
C TYR A 18 -8.58 1.44 -5.99
N LEU A 19 -8.71 2.29 -5.01
CA LEU A 19 -8.76 3.75 -5.29
C LEU A 19 -7.52 4.43 -4.68
N CYS A 20 -6.62 4.89 -5.52
CA CYS A 20 -5.40 5.57 -4.99
C CYS A 20 -5.28 6.94 -5.66
N PRO A 21 -4.59 7.89 -4.97
CA PRO A 21 -4.41 9.24 -5.49
C PRO A 21 -3.43 9.27 -6.67
N LYS A 22 -3.40 10.35 -7.40
CA LYS A 22 -2.46 10.44 -8.56
C LYS A 22 -1.09 10.89 -8.08
N ASP A 23 -1.04 11.55 -6.96
CA ASP A 23 0.29 12.02 -6.44
C ASP A 23 1.18 10.80 -6.15
N LEU A 24 2.38 10.80 -6.65
CA LEU A 24 3.29 9.64 -6.39
C LEU A 24 3.99 9.83 -5.05
N LYS A 25 3.89 8.87 -4.18
CA LYS A 25 4.55 9.00 -2.85
C LYS A 25 5.23 7.68 -2.49
N PRO A 26 6.54 7.58 -2.73
CA PRO A 26 7.33 6.37 -2.44
C PRO A 26 7.33 6.04 -0.94
N VAL A 27 6.86 4.88 -0.57
CA VAL A 27 6.84 4.51 0.87
C VAL A 27 7.64 3.22 1.09
N CYS A 28 8.12 3.02 2.28
CA CYS A 28 8.88 1.77 2.58
C CYS A 28 7.94 0.79 3.25
N GLY A 29 8.04 -0.47 2.95
CA GLY A 29 7.12 -1.46 3.57
C GLY A 29 7.81 -2.13 4.76
N ASP A 30 7.11 -2.29 5.85
CA ASP A 30 7.71 -2.94 7.05
C ASP A 30 8.12 -4.37 6.70
N ASP A 31 7.68 -4.88 5.59
CA ASP A 31 8.04 -6.27 5.20
C ASP A 31 9.35 -6.25 4.42
N GLY A 32 10.02 -5.14 4.38
CA GLY A 32 11.32 -5.06 3.63
C GLY A 32 11.03 -4.78 2.15
N GLN A 33 9.84 -4.36 1.84
CA GLN A 33 9.50 -4.07 0.42
C GLN A 33 9.15 -2.59 0.26
N THR A 34 9.30 -2.05 -0.91
CA THR A 34 8.96 -0.61 -1.12
C THR A 34 7.82 -0.48 -2.12
N TYR A 35 7.00 0.52 -1.98
CA TYR A 35 5.88 0.70 -2.93
C TYR A 35 5.87 2.14 -3.45
N ASN A 36 5.84 2.32 -4.74
CA ASN A 36 5.83 3.70 -5.30
C ASN A 36 4.75 4.53 -4.59
N ASN A 37 3.52 4.35 -4.95
CA ASN A 37 2.43 5.13 -4.29
C ASN A 37 2.05 4.46 -2.97
N PRO A 38 1.68 5.26 -1.95
CA PRO A 38 1.28 4.74 -0.63
C PRO A 38 0.03 3.87 -0.73
N CYS A 39 -1.00 4.35 -1.36
CA CYS A 39 -2.23 3.53 -1.50
C CYS A 39 -1.89 2.28 -2.30
N MET A 40 -0.90 2.38 -3.15
CA MET A 40 -0.47 1.21 -3.96
C MET A 40 0.17 0.18 -3.03
N LEU A 41 0.69 0.61 -1.92
CA LEU A 41 1.33 -0.34 -0.97
C LEU A 41 0.26 -1.32 -0.48
N CYS A 42 -0.87 -0.83 -0.07
CA CYS A 42 -1.94 -1.75 0.41
C CYS A 42 -2.24 -2.74 -0.71
N HIS A 43 -2.03 -2.34 -1.93
CA HIS A 43 -2.28 -3.27 -3.06
C HIS A 43 -1.45 -4.53 -2.84
N GLU A 44 -0.19 -4.36 -2.54
CA GLU A 44 0.68 -5.54 -2.28
C GLU A 44 0.07 -6.35 -1.15
N ASN A 45 -0.75 -5.74 -0.34
CA ASN A 45 -1.38 -6.49 0.78
C ASN A 45 -2.50 -7.36 0.22
N LEU A 46 -3.15 -6.91 -0.82
CA LEU A 46 -4.26 -7.71 -1.41
C LEU A 46 -3.69 -9.01 -1.97
N ILE A 47 -2.56 -8.95 -2.61
CA ILE A 47 -1.96 -10.20 -3.17
C ILE A 47 -1.40 -11.05 -2.04
N ARG A 48 -0.55 -10.50 -1.22
CA ARG A 48 0.02 -11.28 -0.10
C ARG A 48 -1.06 -11.54 0.95
N GLN A 49 -2.10 -10.75 0.96
CA GLN A 49 -3.19 -10.95 1.95
C GLN A 49 -2.64 -10.76 3.36
N THR A 50 -1.72 -9.84 3.53
CA THR A 50 -1.14 -9.61 4.88
C THR A 50 -1.42 -8.16 5.30
N ASN A 51 -1.02 -7.80 6.50
CA ASN A 51 -1.26 -6.40 6.96
C ASN A 51 0.05 -5.61 6.88
N THR A 52 0.65 -5.54 5.73
CA THR A 52 1.93 -4.78 5.61
C THR A 52 1.64 -3.28 5.58
N HIS A 53 2.31 -2.53 6.40
CA HIS A 53 2.08 -1.06 6.42
C HIS A 53 3.35 -0.34 5.95
N ILE A 54 3.37 0.96 6.08
CA ILE A 54 4.57 1.72 5.64
C ILE A 54 5.60 1.76 6.78
N ARG A 55 6.81 1.36 6.49
CA ARG A 55 7.86 1.37 7.54
C ARG A 55 8.43 2.78 7.67
N SER A 56 8.65 3.42 6.56
CA SER A 56 9.22 4.79 6.59
C SER A 56 8.81 5.53 5.31
N THR A 57 8.43 6.77 5.41
CA THR A 57 8.02 7.52 4.19
C THR A 57 9.19 7.54 3.20
N GLY A 58 8.89 7.58 1.93
CA GLY A 58 9.97 7.60 0.91
C GLY A 58 10.44 6.17 0.65
N LYS A 59 11.17 5.97 -0.41
CA LYS A 59 11.66 4.60 -0.72
C LYS A 59 12.62 4.14 0.37
N CYS A 60 12.67 2.86 0.63
CA CYS A 60 13.59 2.36 1.69
C CYS A 60 15.02 2.31 1.14
N GLU A 61 15.98 2.71 1.93
CA GLU A 61 17.40 2.68 1.45
C GLU A 61 17.75 1.27 0.99
N ASP A 3 -1.12 3.88 6.20
CA ASP A 3 -0.71 2.62 6.87
C ASP A 3 -1.82 1.58 6.74
N SER A 4 -1.65 0.43 7.31
CA SER A 4 -2.70 -0.62 7.22
C SER A 4 -4.03 -0.05 7.72
N GLU A 5 -3.98 0.82 8.67
CA GLU A 5 -5.25 1.41 9.19
C GLU A 5 -6.02 2.03 8.03
N MET A 6 -5.34 2.38 6.97
CA MET A 6 -6.05 2.98 5.80
C MET A 6 -6.85 1.89 5.09
N CYS A 7 -6.42 0.66 5.22
CA CYS A 7 -7.17 -0.46 4.57
C CYS A 7 -8.30 -0.91 5.47
N LYS A 8 -8.29 -0.49 6.72
CA LYS A 8 -9.36 -0.91 7.66
C LYS A 8 -10.61 -0.02 7.44
N ASP A 9 -10.64 0.75 6.39
CA ASP A 9 -11.82 1.62 6.14
C ASP A 9 -12.08 1.72 4.63
N TYR A 10 -11.56 0.81 3.86
CA TYR A 10 -11.76 0.86 2.39
C TYR A 10 -12.28 -0.49 1.90
N ARG A 11 -13.00 -0.51 0.81
CA ARG A 11 -13.52 -1.79 0.27
C ARG A 11 -13.30 -1.83 -1.24
N VAL A 12 -13.05 -2.98 -1.78
CA VAL A 12 -12.81 -3.07 -3.26
C VAL A 12 -13.55 -4.28 -3.82
N LEU A 13 -14.18 -4.14 -4.95
CA LEU A 13 -14.91 -5.27 -5.56
C LEU A 13 -14.27 -5.63 -6.90
N PRO A 14 -14.75 -6.70 -7.55
CA PRO A 14 -14.22 -7.16 -8.84
C PRO A 14 -14.50 -6.15 -9.95
N ARG A 15 -15.48 -5.31 -9.76
CA ARG A 15 -15.81 -4.29 -10.81
C ARG A 15 -15.25 -2.93 -10.40
N ILE A 16 -15.13 -2.68 -9.12
CA ILE A 16 -14.60 -1.38 -8.67
C ILE A 16 -13.07 -1.39 -8.73
N GLY A 17 -12.44 -2.39 -8.16
CA GLY A 17 -10.96 -2.46 -8.20
C GLY A 17 -10.37 -1.56 -7.12
N TYR A 18 -9.09 -1.27 -7.19
CA TYR A 18 -8.46 -0.40 -6.17
C TYR A 18 -8.31 1.02 -6.72
N LEU A 19 -8.40 2.00 -5.88
CA LEU A 19 -8.27 3.42 -6.35
C LEU A 19 -7.08 4.07 -5.64
N CYS A 20 -6.18 4.65 -6.38
CA CYS A 20 -5.01 5.31 -5.74
C CYS A 20 -4.80 6.69 -6.38
N PRO A 21 -4.14 7.60 -5.66
CA PRO A 21 -3.88 8.96 -6.14
C PRO A 21 -2.85 8.97 -7.27
N LYS A 22 -2.72 10.07 -7.97
CA LYS A 22 -1.75 10.14 -9.08
C LYS A 22 -0.38 10.56 -8.55
N ASP A 23 -0.34 11.06 -7.34
CA ASP A 23 0.96 11.50 -6.76
C ASP A 23 1.79 10.27 -6.40
N LEU A 24 2.80 9.98 -7.16
CA LEU A 24 3.64 8.78 -6.85
C LEU A 24 4.51 9.07 -5.63
N LYS A 25 4.28 8.38 -4.55
CA LYS A 25 5.09 8.62 -3.33
C LYS A 25 5.73 7.31 -2.87
N PRO A 26 7.03 7.14 -3.15
CA PRO A 26 7.77 5.92 -2.79
C PRO A 26 7.88 5.74 -1.27
N VAL A 27 7.31 4.70 -0.75
CA VAL A 27 7.39 4.47 0.72
C VAL A 27 8.17 3.18 1.02
N CYS A 28 8.72 3.08 2.20
CA CYS A 28 9.50 1.85 2.55
C CYS A 28 8.61 0.90 3.36
N GLY A 29 8.26 -0.22 2.79
CA GLY A 29 7.40 -1.19 3.54
C GLY A 29 8.16 -1.74 4.74
N ASP A 30 7.50 -1.88 5.86
CA ASP A 30 8.17 -2.42 7.08
C ASP A 30 8.48 -3.90 6.88
N ASP A 31 7.97 -4.49 5.84
CA ASP A 31 8.25 -5.94 5.60
C ASP A 31 9.62 -6.09 4.93
N GLY A 32 10.31 -5.00 4.72
CA GLY A 32 11.65 -5.08 4.07
C GLY A 32 11.49 -4.83 2.57
N GLN A 33 10.37 -4.30 2.16
CA GLN A 33 10.14 -4.03 0.72
C GLN A 33 9.77 -2.55 0.52
N THR A 34 9.77 -2.09 -0.69
CA THR A 34 9.41 -0.67 -0.94
C THR A 34 8.24 -0.61 -1.92
N TYR A 35 7.26 0.21 -1.64
CA TYR A 35 6.10 0.31 -2.55
C TYR A 35 6.10 1.68 -3.22
N ASN A 36 6.16 1.71 -4.53
CA ASN A 36 6.17 3.01 -5.25
C ASN A 36 5.10 3.93 -4.67
N ASN A 37 3.88 3.79 -5.10
CA ASN A 37 2.80 4.67 -4.58
C ASN A 37 2.30 4.13 -3.23
N PRO A 38 1.91 5.03 -2.32
CA PRO A 38 1.42 4.66 -0.99
C PRO A 38 0.13 3.83 -1.09
N CYS A 39 -0.86 4.30 -1.80
CA CYS A 39 -2.11 3.51 -1.93
C CYS A 39 -1.77 2.19 -2.62
N MET A 40 -0.72 2.19 -3.41
CA MET A 40 -0.31 0.94 -4.10
C MET A 40 0.17 -0.07 -3.07
N LEU A 41 0.47 0.39 -1.88
CA LEU A 41 0.95 -0.54 -0.82
C LEU A 41 -0.20 -1.44 -0.42
N CYS A 42 -1.29 -0.87 0.00
CA CYS A 42 -2.47 -1.69 0.39
C CYS A 42 -2.84 -2.59 -0.79
N HIS A 43 -2.50 -2.17 -1.97
CA HIS A 43 -2.80 -2.99 -3.18
C HIS A 43 -1.94 -4.24 -3.17
N GLU A 44 -0.65 -4.07 -3.21
CA GLU A 44 0.26 -5.25 -3.19
C GLU A 44 -0.03 -6.04 -1.91
N ASN A 45 -0.64 -5.42 -0.95
CA ASN A 45 -0.96 -6.12 0.33
C ASN A 45 -2.15 -7.06 0.08
N LEU A 46 -3.05 -6.66 -0.77
CA LEU A 46 -4.23 -7.52 -1.06
C LEU A 46 -3.73 -8.89 -1.55
N ILE A 47 -2.69 -8.89 -2.34
CA ILE A 47 -2.16 -10.18 -2.85
C ILE A 47 -1.36 -10.86 -1.74
N ARG A 48 -0.50 -10.13 -1.08
CA ARG A 48 0.31 -10.72 0.03
C ARG A 48 -0.64 -11.15 1.15
N GLN A 49 -1.77 -10.51 1.25
CA GLN A 49 -2.74 -10.87 2.33
C GLN A 49 -2.09 -10.65 3.70
N THR A 50 -1.32 -9.62 3.84
CA THR A 50 -0.66 -9.34 5.15
C THR A 50 -0.94 -7.89 5.56
N ASN A 51 -0.62 -7.54 6.78
CA ASN A 51 -0.87 -6.15 7.24
C ASN A 51 0.43 -5.35 7.16
N THR A 52 0.95 -5.18 5.97
CA THR A 52 2.21 -4.41 5.81
C THR A 52 1.94 -2.92 6.06
N HIS A 53 2.81 -2.27 6.76
CA HIS A 53 2.62 -0.82 7.05
C HIS A 53 3.78 -0.03 6.43
N ILE A 54 3.75 1.27 6.55
CA ILE A 54 4.86 2.08 5.97
C ILE A 54 6.01 2.18 6.96
N ARG A 55 7.18 1.79 6.55
CA ARG A 55 8.37 1.86 7.46
C ARG A 55 8.90 3.29 7.48
N SER A 56 9.24 3.80 6.33
CA SER A 56 9.77 5.19 6.26
C SER A 56 9.33 5.82 4.94
N THR A 57 9.27 7.12 4.87
CA THR A 57 8.85 7.77 3.60
C THR A 57 9.98 7.70 2.58
N GLY A 58 9.65 7.51 1.34
CA GLY A 58 10.70 7.43 0.28
C GLY A 58 11.08 5.97 0.05
N LYS A 59 11.70 5.70 -1.06
CA LYS A 59 12.11 4.30 -1.36
C LYS A 59 13.14 3.83 -0.34
N CYS A 60 13.02 2.63 0.14
CA CYS A 60 13.99 2.12 1.14
C CYS A 60 15.33 1.86 0.45
N GLU A 61 16.42 2.01 1.17
CA GLU A 61 17.75 1.77 0.55
C GLU A 61 17.70 0.50 -0.30
N ASP A 3 -2.80 6.22 6.67
CA ASP A 3 -1.69 5.24 6.83
C ASP A 3 -2.20 3.84 6.44
N SER A 4 -1.34 2.85 6.53
CA SER A 4 -1.77 1.47 6.17
C SER A 4 -3.01 1.10 6.98
N GLU A 5 -3.10 1.56 8.19
CA GLU A 5 -4.29 1.24 9.03
C GLU A 5 -5.55 1.61 8.25
N MET A 6 -5.43 2.50 7.30
CA MET A 6 -6.60 2.91 6.50
C MET A 6 -7.02 1.76 5.58
N CYS A 7 -6.08 0.98 5.15
CA CYS A 7 -6.40 -0.17 4.26
C CYS A 7 -6.88 -1.35 5.09
N LYS A 8 -6.45 -1.44 6.33
CA LYS A 8 -6.89 -2.57 7.19
C LYS A 8 -8.39 -2.76 7.02
N ASP A 9 -9.09 -1.71 6.67
CA ASP A 9 -10.56 -1.82 6.46
C ASP A 9 -10.86 -1.51 5.00
N TYR A 10 -9.99 -1.90 4.11
CA TYR A 10 -10.22 -1.62 2.66
C TYR A 10 -11.18 -2.66 2.08
N ARG A 11 -11.73 -2.38 0.94
CA ARG A 11 -12.68 -3.34 0.31
C ARG A 11 -12.62 -3.18 -1.21
N VAL A 12 -12.16 -4.19 -1.89
CA VAL A 12 -12.06 -4.11 -3.37
C VAL A 12 -12.98 -5.16 -4.01
N LEU A 13 -13.37 -4.95 -5.23
CA LEU A 13 -14.26 -5.92 -5.91
C LEU A 13 -13.78 -6.15 -7.35
N PRO A 14 -14.41 -7.09 -8.06
CA PRO A 14 -14.06 -7.41 -9.45
C PRO A 14 -14.37 -6.25 -10.41
N ARG A 15 -15.26 -5.37 -10.02
CA ARG A 15 -15.61 -4.23 -10.90
C ARG A 15 -15.12 -2.92 -10.27
N ILE A 16 -14.91 -2.92 -8.98
CA ILE A 16 -14.44 -1.67 -8.31
C ILE A 16 -12.91 -1.62 -8.34
N GLY A 17 -12.27 -2.68 -7.95
CA GLY A 17 -10.77 -2.69 -7.96
C GLY A 17 -10.25 -1.86 -6.78
N TYR A 18 -9.00 -1.51 -6.79
CA TYR A 18 -8.44 -0.69 -5.67
C TYR A 18 -8.50 0.79 -6.03
N LEU A 19 -8.56 1.64 -5.06
CA LEU A 19 -8.63 3.11 -5.35
C LEU A 19 -7.39 3.82 -4.79
N CYS A 20 -6.52 4.27 -5.64
CA CYS A 20 -5.30 4.98 -5.16
C CYS A 20 -5.20 6.34 -5.85
N PRO A 21 -4.51 7.30 -5.21
CA PRO A 21 -4.35 8.65 -5.77
C PRO A 21 -3.39 8.66 -6.96
N LYS A 22 -3.33 9.74 -7.68
CA LYS A 22 -2.42 9.80 -8.86
C LYS A 22 -1.04 10.28 -8.41
N ASP A 23 -0.96 10.98 -7.31
CA ASP A 23 0.36 11.47 -6.83
C ASP A 23 1.25 10.28 -6.47
N LEU A 24 2.43 10.22 -7.03
CA LEU A 24 3.35 9.09 -6.72
C LEU A 24 4.12 9.38 -5.43
N LYS A 25 3.86 8.64 -4.39
CA LYS A 25 4.58 8.89 -3.10
C LYS A 25 5.33 7.62 -2.70
N PRO A 26 6.66 7.61 -2.88
CA PRO A 26 7.50 6.45 -2.55
C PRO A 26 7.53 6.18 -1.04
N VAL A 27 7.06 5.04 -0.63
CA VAL A 27 7.05 4.71 0.83
C VAL A 27 7.87 3.44 1.08
N CYS A 28 8.38 3.29 2.26
CA CYS A 28 9.17 2.07 2.58
C CYS A 28 8.25 1.09 3.30
N GLY A 29 8.36 -0.19 3.01
CA GLY A 29 7.47 -1.17 3.67
C GLY A 29 8.15 -1.69 4.94
N ASP A 30 7.39 -1.92 5.98
CA ASP A 30 8.00 -2.43 7.24
C ASP A 30 8.49 -3.86 7.03
N ASP A 31 8.12 -4.47 5.94
CA ASP A 31 8.57 -5.86 5.66
C ASP A 31 9.93 -5.83 4.96
N GLY A 32 10.41 -4.66 4.63
CA GLY A 32 11.73 -4.55 3.95
C GLY A 32 11.52 -4.36 2.44
N GLN A 33 10.36 -3.90 2.06
CA GLN A 33 10.09 -3.70 0.61
C GLN A 33 9.59 -2.27 0.37
N THR A 34 9.94 -1.68 -0.75
CA THR A 34 9.48 -0.30 -1.04
C THR A 34 8.27 -0.34 -1.97
N TYR A 35 7.45 0.68 -1.93
CA TYR A 35 6.26 0.71 -2.82
C TYR A 35 6.13 2.09 -3.43
N ASN A 36 6.22 2.18 -4.73
CA ASN A 36 6.13 3.52 -5.39
C ASN A 36 5.02 4.34 -4.75
N ASN A 37 3.79 4.11 -5.11
CA ASN A 37 2.67 4.87 -4.50
C ASN A 37 2.30 4.24 -3.16
N PRO A 38 1.87 5.07 -2.20
CA PRO A 38 1.48 4.60 -0.86
C PRO A 38 0.27 3.67 -0.93
N CYS A 39 -0.78 4.08 -1.58
CA CYS A 39 -1.98 3.20 -1.68
C CYS A 39 -1.58 1.95 -2.45
N MET A 40 -0.62 2.06 -3.32
CA MET A 40 -0.16 0.88 -4.12
C MET A 40 0.36 -0.19 -3.15
N LEU A 41 0.61 0.18 -1.92
CA LEU A 41 1.11 -0.81 -0.93
C LEU A 41 -0.01 -1.74 -0.49
N CYS A 42 -1.09 -1.19 -0.02
CA CYS A 42 -2.22 -2.05 0.42
C CYS A 42 -2.72 -2.85 -0.79
N HIS A 43 -2.42 -2.39 -1.97
CA HIS A 43 -2.84 -3.15 -3.18
C HIS A 43 -2.07 -4.46 -3.24
N GLU A 44 -0.77 -4.38 -3.17
CA GLU A 44 0.05 -5.63 -3.19
C GLU A 44 -0.24 -6.40 -1.90
N ASN A 45 -0.77 -5.73 -0.92
CA ASN A 45 -1.08 -6.43 0.37
C ASN A 45 -2.34 -7.28 0.20
N LEU A 46 -3.20 -6.90 -0.70
CA LEU A 46 -4.45 -7.70 -0.91
C LEU A 46 -4.06 -9.06 -1.51
N ILE A 47 -3.07 -9.08 -2.35
CA ILE A 47 -2.65 -10.37 -2.97
C ILE A 47 -1.81 -11.16 -1.96
N ARG A 48 -0.88 -10.52 -1.31
CA ARG A 48 -0.02 -11.23 -0.32
C ARG A 48 -0.84 -11.43 0.96
N GLN A 49 -1.68 -10.50 1.29
CA GLN A 49 -2.50 -10.64 2.53
C GLN A 49 -1.60 -10.69 3.76
N THR A 50 -0.57 -9.88 3.77
CA THR A 50 0.36 -9.89 4.94
C THR A 50 0.18 -8.58 5.73
N ASN A 51 -0.79 -7.79 5.36
CA ASN A 51 -1.00 -6.50 6.08
C ASN A 51 0.32 -5.75 6.24
N THR A 52 0.95 -5.42 5.15
CA THR A 52 2.26 -4.69 5.23
C THR A 52 1.99 -3.21 5.50
N HIS A 53 2.70 -2.62 6.44
CA HIS A 53 2.47 -1.19 6.74
C HIS A 53 3.64 -0.36 6.17
N ILE A 54 3.66 0.91 6.45
CA ILE A 54 4.76 1.76 5.93
C ILE A 54 5.90 1.81 6.95
N ARG A 55 7.10 1.51 6.52
CA ARG A 55 8.26 1.53 7.44
C ARG A 55 8.72 2.98 7.64
N SER A 56 8.89 3.68 6.56
CA SER A 56 9.35 5.09 6.64
C SER A 56 8.97 5.81 5.34
N THR A 57 8.82 7.10 5.39
CA THR A 57 8.45 7.84 4.16
C THR A 57 9.60 7.79 3.14
N GLY A 58 9.29 7.67 1.88
CA GLY A 58 10.36 7.61 0.85
C GLY A 58 10.69 6.15 0.54
N LYS A 59 11.40 5.92 -0.54
CA LYS A 59 11.75 4.52 -0.90
C LYS A 59 12.72 3.96 0.14
N CYS A 60 12.65 2.68 0.41
CA CYS A 60 13.57 2.08 1.41
C CYS A 60 15.02 2.37 1.03
N GLU A 61 15.89 2.46 2.00
CA GLU A 61 17.32 2.75 1.68
C GLU A 61 17.92 1.56 0.93
N ASP A 3 -1.51 5.33 6.53
CA ASP A 3 -0.72 4.06 6.58
C ASP A 3 -1.59 2.90 6.10
N SER A 4 -1.02 1.73 6.00
CA SER A 4 -1.81 0.56 5.53
C SER A 4 -3.06 0.43 6.40
N GLU A 5 -2.93 0.64 7.67
CA GLU A 5 -4.12 0.53 8.57
C GLU A 5 -5.23 1.43 8.03
N MET A 6 -4.88 2.47 7.33
CA MET A 6 -5.91 3.39 6.77
C MET A 6 -6.71 2.64 5.70
N CYS A 7 -6.11 1.65 5.08
CA CYS A 7 -6.84 0.89 4.03
C CYS A 7 -7.75 -0.15 4.69
N LYS A 8 -7.39 -0.59 5.86
CA LYS A 8 -8.23 -1.60 6.56
C LYS A 8 -9.55 -0.95 6.99
N ASP A 9 -9.63 0.35 6.92
CA ASP A 9 -10.89 1.04 7.31
C ASP A 9 -11.80 1.21 6.09
N TYR A 10 -11.26 1.05 4.91
CA TYR A 10 -12.11 1.20 3.69
C TYR A 10 -12.28 -0.18 3.04
N ARG A 11 -13.31 -0.35 2.26
CA ARG A 11 -13.53 -1.67 1.60
C ARG A 11 -13.75 -1.46 0.10
N VAL A 12 -13.21 -2.34 -0.71
CA VAL A 12 -13.38 -2.19 -2.19
C VAL A 12 -13.96 -3.48 -2.77
N LEU A 13 -14.76 -3.38 -3.79
CA LEU A 13 -15.36 -4.60 -4.39
C LEU A 13 -14.72 -4.86 -5.76
N PRO A 14 -15.09 -5.98 -6.41
CA PRO A 14 -14.55 -6.35 -7.73
C PRO A 14 -15.03 -5.38 -8.82
N ARG A 15 -16.13 -4.71 -8.59
CA ARG A 15 -16.63 -3.74 -9.61
C ARG A 15 -16.01 -2.37 -9.36
N ILE A 16 -15.72 -2.07 -8.12
CA ILE A 16 -15.11 -0.75 -7.79
C ILE A 16 -13.59 -0.84 -7.96
N GLY A 17 -13.01 -1.94 -7.54
CA GLY A 17 -11.53 -2.09 -7.68
C GLY A 17 -10.83 -1.13 -6.72
N TYR A 18 -9.72 -1.54 -6.16
CA TYR A 18 -8.98 -0.66 -5.21
C TYR A 18 -8.98 0.77 -5.73
N LEU A 19 -8.91 1.74 -4.85
CA LEU A 19 -8.88 3.16 -5.30
C LEU A 19 -7.69 3.88 -4.66
N CYS A 20 -6.73 4.26 -5.45
CA CYS A 20 -5.54 4.97 -4.89
C CYS A 20 -5.48 6.37 -5.49
N PRO A 21 -4.78 7.29 -4.80
CA PRO A 21 -4.63 8.67 -5.26
C PRO A 21 -3.70 8.78 -6.47
N LYS A 22 -3.72 9.90 -7.14
CA LYS A 22 -2.84 10.06 -8.32
C LYS A 22 -1.46 10.56 -7.88
N ASP A 23 -1.35 10.98 -6.65
CA ASP A 23 -0.03 11.48 -6.15
C ASP A 23 0.90 10.29 -5.94
N LEU A 24 1.95 10.20 -6.71
CA LEU A 24 2.89 9.06 -6.53
C LEU A 24 3.83 9.35 -5.37
N LYS A 25 3.87 8.47 -4.40
CA LYS A 25 4.77 8.69 -3.22
C LYS A 25 5.38 7.36 -2.79
N PRO A 26 6.69 7.20 -3.03
CA PRO A 26 7.42 5.98 -2.68
C PRO A 26 7.50 5.76 -1.16
N VAL A 27 6.97 4.67 -0.68
CA VAL A 27 7.01 4.42 0.79
C VAL A 27 7.84 3.17 1.08
N CYS A 28 8.37 3.06 2.27
CA CYS A 28 9.18 1.86 2.63
C CYS A 28 8.32 0.87 3.40
N GLY A 29 8.15 -0.31 2.89
CA GLY A 29 7.32 -1.33 3.60
C GLY A 29 8.07 -1.83 4.83
N ASP A 30 7.39 -1.98 5.93
CA ASP A 30 8.06 -2.47 7.17
C ASP A 30 8.47 -3.94 6.98
N ASP A 31 8.05 -4.54 5.91
CA ASP A 31 8.41 -5.97 5.67
C ASP A 31 9.73 -6.05 4.92
N GLY A 32 10.42 -4.95 4.81
CA GLY A 32 11.72 -4.95 4.08
C GLY A 32 11.46 -4.71 2.59
N GLN A 33 10.26 -4.34 2.24
CA GLN A 33 9.94 -4.09 0.80
C GLN A 33 9.59 -2.62 0.61
N THR A 34 9.40 -2.20 -0.61
CA THR A 34 9.05 -0.77 -0.87
C THR A 34 7.89 -0.71 -1.87
N TYR A 35 6.97 0.19 -1.66
CA TYR A 35 5.81 0.29 -2.60
C TYR A 35 5.80 1.68 -3.25
N ASN A 36 5.83 1.73 -4.55
CA ASN A 36 5.83 3.05 -5.25
C ASN A 36 4.78 3.96 -4.62
N ASN A 37 3.54 3.80 -4.98
CA ASN A 37 2.47 4.66 -4.41
C ASN A 37 2.08 4.13 -3.03
N PRO A 38 1.69 5.04 -2.10
CA PRO A 38 1.30 4.66 -0.74
C PRO A 38 0.06 3.76 -0.74
N CYS A 39 -1.00 4.18 -1.37
CA CYS A 39 -2.21 3.33 -1.40
C CYS A 39 -1.86 2.02 -2.13
N MET A 40 -0.91 2.08 -3.01
CA MET A 40 -0.50 0.85 -3.75
C MET A 40 0.07 -0.15 -2.75
N LEU A 41 0.42 0.32 -1.58
CA LEU A 41 0.96 -0.59 -0.53
C LEU A 41 -0.12 -1.56 -0.09
N CYS A 42 -1.28 -1.05 0.24
CA CYS A 42 -2.37 -1.97 0.66
C CYS A 42 -2.82 -2.78 -0.56
N HIS A 43 -2.49 -2.30 -1.74
CA HIS A 43 -2.86 -3.03 -2.97
C HIS A 43 -1.95 -4.25 -3.10
N GLU A 44 -0.66 -4.06 -3.08
CA GLU A 44 0.25 -5.22 -3.19
C GLU A 44 0.03 -6.12 -1.97
N ASN A 45 -0.58 -5.59 -0.95
CA ASN A 45 -0.85 -6.40 0.26
C ASN A 45 -2.03 -7.34 0.00
N LEU A 46 -3.00 -6.89 -0.75
CA LEU A 46 -4.17 -7.75 -1.06
C LEU A 46 -3.65 -9.07 -1.64
N ILE A 47 -2.61 -9.00 -2.42
CA ILE A 47 -2.05 -10.24 -3.03
C ILE A 47 -1.21 -10.98 -1.98
N ARG A 48 -0.32 -10.28 -1.33
CA ARG A 48 0.51 -10.94 -0.28
C ARG A 48 -0.38 -11.40 0.87
N GLN A 49 -1.49 -10.72 1.06
CA GLN A 49 -2.41 -11.11 2.17
C GLN A 49 -1.70 -10.94 3.51
N THR A 50 -0.97 -9.87 3.68
CA THR A 50 -0.26 -9.64 4.97
C THR A 50 -0.58 -8.23 5.48
N ASN A 51 -0.41 -8.00 6.76
CA ASN A 51 -0.70 -6.65 7.32
C ASN A 51 0.54 -5.77 7.21
N THR A 52 1.04 -5.59 6.02
CA THR A 52 2.26 -4.74 5.84
C THR A 52 1.89 -3.27 5.99
N HIS A 53 2.67 -2.54 6.74
CA HIS A 53 2.38 -1.08 6.92
C HIS A 53 3.58 -0.28 6.42
N ILE A 54 3.47 1.02 6.40
CA ILE A 54 4.61 1.84 5.92
C ILE A 54 5.65 1.97 7.03
N ARG A 55 6.90 1.87 6.70
CA ARG A 55 7.97 1.98 7.74
C ARG A 55 8.60 3.36 7.68
N SER A 56 8.94 3.81 6.50
CA SER A 56 9.56 5.15 6.37
C SER A 56 9.14 5.78 5.05
N THR A 57 8.82 7.05 5.06
CA THR A 57 8.40 7.72 3.80
C THR A 57 9.53 7.64 2.78
N GLY A 58 9.20 7.50 1.52
CA GLY A 58 10.25 7.41 0.48
C GLY A 58 10.67 5.95 0.30
N LYS A 59 11.33 5.65 -0.77
CA LYS A 59 11.78 4.25 -1.00
C LYS A 59 12.57 3.75 0.20
N CYS A 60 12.52 2.48 0.47
CA CYS A 60 13.27 1.92 1.64
C CYS A 60 14.73 2.36 1.56
N GLU A 61 15.34 2.61 2.68
CA GLU A 61 16.77 3.04 2.67
C GLU A 61 17.64 1.89 2.18
N ASP A 3 -1.45 5.86 5.57
CA ASP A 3 -0.63 4.63 5.60
C ASP A 3 -1.55 3.40 5.57
N SER A 4 -1.00 2.22 5.62
CA SER A 4 -1.84 1.00 5.60
C SER A 4 -2.89 1.08 6.72
N GLU A 5 -2.63 1.85 7.74
CA GLU A 5 -3.63 1.96 8.84
C GLU A 5 -4.99 2.24 8.23
N MET A 6 -5.01 2.84 7.08
CA MET A 6 -6.32 3.13 6.41
C MET A 6 -6.80 1.84 5.73
N CYS A 7 -5.89 1.07 5.19
CA CYS A 7 -6.30 -0.19 4.52
C CYS A 7 -6.40 -1.29 5.58
N LYS A 8 -6.31 -0.94 6.83
CA LYS A 8 -6.40 -1.97 7.90
C LYS A 8 -7.84 -2.50 7.97
N ASP A 9 -8.79 -1.71 7.59
CA ASP A 9 -10.21 -2.17 7.63
C ASP A 9 -10.98 -1.59 6.45
N TYR A 10 -10.62 -1.95 5.25
CA TYR A 10 -11.35 -1.42 4.06
C TYR A 10 -11.84 -2.58 3.20
N ARG A 11 -12.44 -2.29 2.08
CA ARG A 11 -12.95 -3.39 1.20
C ARG A 11 -12.82 -2.97 -0.27
N VAL A 12 -12.69 -3.93 -1.15
CA VAL A 12 -12.56 -3.59 -2.60
C VAL A 12 -13.27 -4.65 -3.44
N LEU A 13 -14.15 -4.23 -4.32
CA LEU A 13 -14.88 -5.22 -5.17
C LEU A 13 -14.33 -5.16 -6.60
N PRO A 14 -14.82 -6.06 -7.47
CA PRO A 14 -14.39 -6.12 -8.87
C PRO A 14 -14.84 -4.89 -9.67
N ARG A 15 -15.88 -4.23 -9.21
CA ARG A 15 -16.36 -3.03 -9.94
C ARG A 15 -15.79 -1.77 -9.28
N ILE A 16 -15.47 -1.84 -8.01
CA ILE A 16 -14.90 -0.66 -7.31
C ILE A 16 -13.37 -0.68 -7.45
N GLY A 17 -12.76 -1.81 -7.30
CA GLY A 17 -11.27 -1.88 -7.42
C GLY A 17 -10.63 -1.07 -6.30
N TYR A 18 -9.36 -0.79 -6.40
CA TYR A 18 -8.69 0.01 -5.34
C TYR A 18 -8.72 1.49 -5.71
N LEU A 19 -8.75 2.36 -4.74
CA LEU A 19 -8.79 3.82 -5.04
C LEU A 19 -7.52 4.49 -4.51
N CYS A 20 -6.62 4.87 -5.38
CA CYS A 20 -5.37 5.53 -4.93
C CYS A 20 -5.20 6.87 -5.64
N PRO A 21 -4.44 7.79 -5.04
CA PRO A 21 -4.19 9.11 -5.60
C PRO A 21 -3.25 9.05 -6.81
N LYS A 22 -3.14 10.11 -7.56
CA LYS A 22 -2.25 10.11 -8.74
C LYS A 22 -0.81 10.43 -8.31
N ASP A 23 -0.66 11.13 -7.21
CA ASP A 23 0.71 11.48 -6.74
C ASP A 23 1.47 10.19 -6.40
N LEU A 24 2.54 9.93 -7.10
CA LEU A 24 3.33 8.70 -6.82
C LEU A 24 4.31 8.97 -5.68
N LYS A 25 4.01 8.49 -4.51
CA LYS A 25 4.94 8.73 -3.36
C LYS A 25 5.49 7.39 -2.88
N PRO A 26 6.80 7.18 -3.09
CA PRO A 26 7.49 5.93 -2.69
C PRO A 26 7.47 5.73 -1.17
N VAL A 27 6.90 4.63 -0.73
CA VAL A 27 6.85 4.37 0.73
C VAL A 27 7.69 3.13 1.06
N CYS A 28 8.13 2.99 2.28
CA CYS A 28 8.92 1.80 2.66
C CYS A 28 7.98 0.77 3.31
N GLY A 29 8.16 -0.49 3.03
CA GLY A 29 7.25 -1.51 3.64
C GLY A 29 7.92 -2.12 4.88
N ASP A 30 7.17 -2.26 5.93
CA ASP A 30 7.75 -2.84 7.19
C ASP A 30 8.21 -4.27 6.92
N ASP A 31 7.85 -4.83 5.80
CA ASP A 31 8.27 -6.23 5.49
C ASP A 31 9.63 -6.20 4.79
N GLY A 32 10.27 -5.07 4.76
CA GLY A 32 11.60 -4.96 4.09
C GLY A 32 11.39 -4.73 2.59
N GLN A 33 10.22 -4.31 2.21
CA GLN A 33 9.95 -4.05 0.76
C GLN A 33 9.64 -2.58 0.55
N THR A 34 9.40 -2.19 -0.66
CA THR A 34 9.08 -0.75 -0.94
C THR A 34 7.96 -0.67 -1.98
N TYR A 35 7.07 0.27 -1.84
CA TYR A 35 5.95 0.39 -2.82
C TYR A 35 5.98 1.78 -3.44
N ASN A 36 5.83 1.87 -4.74
CA ASN A 36 5.86 3.21 -5.39
C ASN A 36 4.82 4.12 -4.74
N ASN A 37 3.58 3.97 -5.08
CA ASN A 37 2.53 4.84 -4.47
C ASN A 37 2.15 4.28 -3.09
N PRO A 38 1.80 5.17 -2.15
CA PRO A 38 1.42 4.76 -0.78
C PRO A 38 0.13 3.94 -0.79
N CYS A 39 -0.90 4.43 -1.40
CA CYS A 39 -2.18 3.64 -1.45
C CYS A 39 -1.90 2.35 -2.23
N MET A 40 -0.91 2.38 -3.08
CA MET A 40 -0.56 1.16 -3.86
C MET A 40 0.12 0.15 -2.95
N LEU A 41 0.58 0.59 -1.80
CA LEU A 41 1.23 -0.34 -0.86
C LEU A 41 0.21 -1.38 -0.38
N CYS A 42 -0.92 -0.92 0.08
CA CYS A 42 -1.95 -1.88 0.55
C CYS A 42 -2.24 -2.85 -0.59
N HIS A 43 -2.27 -2.37 -1.81
CA HIS A 43 -2.51 -3.28 -2.96
C HIS A 43 -1.62 -4.51 -2.79
N GLU A 44 -0.35 -4.28 -2.56
CA GLU A 44 0.58 -5.42 -2.36
C GLU A 44 0.07 -6.28 -1.22
N ASN A 45 -0.68 -5.71 -0.32
CA ASN A 45 -1.22 -6.52 0.82
C ASN A 45 -2.36 -7.40 0.30
N LEU A 46 -3.10 -6.91 -0.66
CA LEU A 46 -4.23 -7.71 -1.21
C LEU A 46 -3.67 -8.98 -1.89
N ILE A 47 -2.63 -8.84 -2.65
CA ILE A 47 -2.03 -10.03 -3.32
C ILE A 47 -1.27 -10.86 -2.29
N ARG A 48 -0.38 -10.24 -1.56
CA ARG A 48 0.39 -11.00 -0.54
C ARG A 48 -0.56 -11.46 0.56
N GLN A 49 -1.68 -10.81 0.71
CA GLN A 49 -2.66 -11.20 1.77
C GLN A 49 -2.00 -11.05 3.15
N THR A 50 -1.16 -10.06 3.31
CA THR A 50 -0.50 -9.87 4.63
C THR A 50 -0.80 -8.47 5.15
N ASN A 51 -0.46 -8.20 6.38
CA ASN A 51 -0.72 -6.85 6.95
C ASN A 51 0.53 -5.98 6.83
N THR A 52 1.03 -5.81 5.64
CA THR A 52 2.26 -4.97 5.46
C THR A 52 1.88 -3.49 5.47
N HIS A 53 2.49 -2.72 6.32
CA HIS A 53 2.17 -1.26 6.37
C HIS A 53 3.39 -0.46 5.90
N ILE A 54 3.33 0.83 6.01
CA ILE A 54 4.49 1.65 5.56
C ILE A 54 5.49 1.79 6.71
N ARG A 55 6.71 1.42 6.48
CA ARG A 55 7.74 1.52 7.55
C ARG A 55 8.24 2.97 7.64
N SER A 56 8.43 3.60 6.51
CA SER A 56 8.91 5.00 6.51
C SER A 56 8.58 5.65 5.17
N THR A 57 8.34 6.93 5.16
CA THR A 57 8.00 7.62 3.89
C THR A 57 9.20 7.58 2.94
N GLY A 58 8.96 7.45 1.67
CA GLY A 58 10.09 7.41 0.69
C GLY A 58 10.55 5.96 0.51
N LYS A 59 11.26 5.71 -0.55
CA LYS A 59 11.76 4.32 -0.80
C LYS A 59 12.54 3.85 0.42
N CYS A 60 12.61 2.56 0.62
CA CYS A 60 13.37 2.03 1.79
C CYS A 60 14.85 2.41 1.66
N GLU A 61 15.47 2.76 2.76
CA GLU A 61 16.91 3.14 2.70
C GLU A 61 17.78 1.92 3.02
N ASP A 3 -1.04 3.98 5.42
CA ASP A 3 -0.60 2.70 6.03
C ASP A 3 -1.79 1.73 6.08
N SER A 4 -1.53 0.50 6.42
CA SER A 4 -2.63 -0.50 6.48
C SER A 4 -3.84 0.13 7.18
N GLU A 5 -3.60 1.08 8.04
CA GLU A 5 -4.73 1.74 8.76
C GLU A 5 -5.77 2.16 7.73
N MET A 6 -5.34 2.43 6.53
CA MET A 6 -6.30 2.83 5.47
C MET A 6 -7.05 1.58 4.99
N CYS A 7 -6.43 0.44 5.10
CA CYS A 7 -7.09 -0.81 4.67
C CYS A 7 -8.07 -1.27 5.77
N LYS A 8 -8.07 -0.59 6.88
CA LYS A 8 -8.99 -0.99 7.99
C LYS A 8 -10.42 -1.04 7.47
N ASP A 9 -10.76 -0.22 6.51
CA ASP A 9 -12.15 -0.23 5.98
C ASP A 9 -12.15 0.09 4.48
N TYR A 10 -11.62 -0.78 3.67
CA TYR A 10 -11.59 -0.52 2.21
C TYR A 10 -12.24 -1.70 1.48
N ARG A 11 -12.43 -1.60 0.19
CA ARG A 11 -13.06 -2.72 -0.56
C ARG A 11 -12.42 -2.84 -1.95
N VAL A 12 -12.34 -4.03 -2.46
CA VAL A 12 -11.73 -4.21 -3.81
C VAL A 12 -12.47 -5.34 -4.54
N LEU A 13 -12.83 -5.13 -5.77
CA LEU A 13 -13.55 -6.18 -6.53
C LEU A 13 -12.82 -6.48 -7.84
N PRO A 14 -13.24 -7.54 -8.55
CA PRO A 14 -12.62 -7.93 -9.81
C PRO A 14 -12.88 -6.90 -10.91
N ARG A 15 -13.93 -6.15 -10.79
CA ARG A 15 -14.24 -5.10 -11.81
C ARG A 15 -13.84 -3.74 -11.27
N ILE A 16 -13.85 -3.58 -9.97
CA ILE A 16 -13.47 -2.26 -9.38
C ILE A 16 -11.97 -2.24 -9.13
N GLY A 17 -11.42 -3.32 -8.63
CA GLY A 17 -9.95 -3.35 -8.37
C GLY A 17 -9.63 -2.54 -7.12
N TYR A 18 -8.53 -1.83 -7.13
CA TYR A 18 -8.17 -1.02 -5.93
C TYR A 18 -8.22 0.47 -6.30
N LEU A 19 -8.42 1.32 -5.33
CA LEU A 19 -8.49 2.78 -5.61
C LEU A 19 -7.29 3.50 -5.00
N CYS A 20 -6.54 4.21 -5.80
CA CYS A 20 -5.36 4.94 -5.27
C CYS A 20 -5.29 6.33 -5.93
N PRO A 21 -4.62 7.28 -5.26
CA PRO A 21 -4.49 8.65 -5.76
C PRO A 21 -3.52 8.72 -6.94
N LYS A 22 -3.49 9.83 -7.63
CA LYS A 22 -2.57 9.95 -8.80
C LYS A 22 -1.19 10.38 -8.30
N ASP A 23 -1.13 11.08 -7.20
CA ASP A 23 0.19 11.53 -6.67
C ASP A 23 1.06 10.31 -6.38
N LEU A 24 2.27 10.31 -6.84
CA LEU A 24 3.17 9.15 -6.58
C LEU A 24 4.03 9.43 -5.35
N LYS A 25 3.88 8.64 -4.32
CA LYS A 25 4.69 8.86 -3.08
C LYS A 25 5.38 7.55 -2.70
N PRO A 26 6.69 7.46 -2.94
CA PRO A 26 7.49 6.27 -2.64
C PRO A 26 7.56 6.00 -1.13
N VAL A 27 7.10 4.86 -0.70
CA VAL A 27 7.14 4.55 0.75
C VAL A 27 7.99 3.30 0.99
N CYS A 28 8.51 3.14 2.18
CA CYS A 28 9.34 1.95 2.48
C CYS A 28 8.48 0.94 3.25
N GLY A 29 8.31 -0.25 2.75
CA GLY A 29 7.48 -1.26 3.45
C GLY A 29 8.28 -1.89 4.59
N ASP A 30 7.67 -2.06 5.74
CA ASP A 30 8.41 -2.67 6.88
C ASP A 30 8.70 -4.14 6.59
N ASP A 31 8.14 -4.66 5.52
CA ASP A 31 8.39 -6.10 5.18
C ASP A 31 9.72 -6.20 4.42
N GLY A 32 10.46 -5.13 4.35
CA GLY A 32 11.75 -5.18 3.62
C GLY A 32 11.51 -4.90 2.13
N GLN A 33 10.43 -4.24 1.82
CA GLN A 33 10.14 -3.94 0.38
C GLN A 33 9.71 -2.48 0.25
N THR A 34 9.84 -1.92 -0.93
CA THR A 34 9.44 -0.51 -1.13
C THR A 34 8.28 -0.45 -2.11
N TYR A 35 7.35 0.46 -1.91
CA TYR A 35 6.20 0.56 -2.84
C TYR A 35 6.14 1.98 -3.41
N ASN A 36 6.07 2.09 -4.71
CA ASN A 36 6.03 3.45 -5.33
C ASN A 36 4.93 4.29 -4.68
N ASN A 37 3.70 4.09 -5.05
CA ASN A 37 2.61 4.88 -4.45
C ASN A 37 2.20 4.27 -3.11
N PRO A 38 1.78 5.12 -2.15
CA PRO A 38 1.37 4.67 -0.82
C PRO A 38 0.12 3.78 -0.89
N CYS A 39 -0.91 4.21 -1.54
CA CYS A 39 -2.12 3.35 -1.66
C CYS A 39 -1.70 2.05 -2.36
N MET A 40 -0.74 2.15 -3.24
CA MET A 40 -0.26 0.93 -3.95
C MET A 40 0.28 -0.06 -2.92
N LEU A 41 0.57 0.42 -1.74
CA LEU A 41 1.08 -0.48 -0.67
C LEU A 41 -0.03 -1.44 -0.26
N CYS A 42 -1.17 -0.91 0.11
CA CYS A 42 -2.30 -1.80 0.49
C CYS A 42 -2.60 -2.71 -0.71
N HIS A 43 -2.32 -2.25 -1.89
CA HIS A 43 -2.57 -3.09 -3.10
C HIS A 43 -1.71 -4.33 -3.01
N GLU A 44 -0.42 -4.18 -2.92
CA GLU A 44 0.47 -5.36 -2.81
C GLU A 44 0.08 -6.13 -1.54
N ASN A 45 -0.57 -5.46 -0.62
CA ASN A 45 -1.00 -6.14 0.63
C ASN A 45 -2.26 -6.93 0.34
N LEU A 46 -3.07 -6.47 -0.58
CA LEU A 46 -4.32 -7.19 -0.92
C LEU A 46 -3.96 -8.58 -1.44
N ILE A 47 -2.93 -8.68 -2.24
CA ILE A 47 -2.53 -10.01 -2.78
C ILE A 47 -1.72 -10.75 -1.72
N ARG A 48 -0.77 -10.10 -1.12
CA ARG A 48 0.06 -10.77 -0.07
C ARG A 48 -0.79 -11.07 1.15
N GLN A 49 -1.61 -10.13 1.55
CA GLN A 49 -2.47 -10.35 2.74
C GLN A 49 -1.62 -10.49 3.99
N THR A 50 -0.67 -9.60 4.17
CA THR A 50 0.20 -9.69 5.38
C THR A 50 0.08 -8.39 6.18
N ASN A 51 -0.83 -7.54 5.82
CA ASN A 51 -1.00 -6.25 6.56
C ASN A 51 0.35 -5.54 6.65
N THR A 52 0.93 -5.20 5.53
CA THR A 52 2.24 -4.49 5.56
C THR A 52 2.02 -3.02 5.89
N HIS A 53 2.89 -2.45 6.69
CA HIS A 53 2.72 -1.01 7.05
C HIS A 53 3.90 -0.22 6.47
N ILE A 54 3.81 1.08 6.49
CA ILE A 54 4.92 1.91 5.94
C ILE A 54 6.05 1.99 6.97
N ARG A 55 7.22 1.60 6.59
CA ARG A 55 8.37 1.65 7.53
C ARG A 55 8.94 3.07 7.56
N SER A 56 9.11 3.67 6.41
CA SER A 56 9.65 5.05 6.37
C SER A 56 9.15 5.73 5.09
N THR A 57 9.06 7.03 5.09
CA THR A 57 8.57 7.74 3.88
C THR A 57 9.66 7.73 2.81
N GLY A 58 9.29 7.64 1.57
CA GLY A 58 10.31 7.63 0.48
C GLY A 58 10.76 6.19 0.23
N LYS A 59 11.40 5.96 -0.88
CA LYS A 59 11.87 4.58 -1.19
C LYS A 59 12.93 4.16 -0.17
N CYS A 60 12.88 2.94 0.29
CA CYS A 60 13.89 2.47 1.29
C CYS A 60 15.25 2.36 0.62
N GLU A 61 16.31 2.51 1.37
CA GLU A 61 17.67 2.41 0.77
C GLU A 61 17.85 1.01 0.16
N ASP A 3 -2.09 5.58 7.67
CA ASP A 3 -1.15 4.44 7.45
C ASP A 3 -1.91 3.29 6.79
N SER A 4 -1.22 2.22 6.48
CA SER A 4 -1.90 1.06 5.83
C SER A 4 -3.09 0.64 6.69
N GLU A 5 -3.04 0.90 7.97
CA GLU A 5 -4.17 0.50 8.85
C GLU A 5 -5.47 1.06 8.28
N MET A 6 -5.37 2.11 7.51
CA MET A 6 -6.60 2.70 6.90
C MET A 6 -7.15 1.77 5.83
N CYS A 7 -6.28 1.02 5.20
CA CYS A 7 -6.75 0.08 4.14
C CYS A 7 -7.28 -1.19 4.79
N LYS A 8 -6.91 -1.45 6.02
CA LYS A 8 -7.41 -2.66 6.71
C LYS A 8 -8.93 -2.71 6.57
N ASP A 9 -9.55 -1.58 6.42
CA ASP A 9 -11.03 -1.56 6.26
C ASP A 9 -11.36 -1.17 4.82
N TYR A 10 -10.45 -1.46 3.92
CA TYR A 10 -10.68 -1.11 2.49
C TYR A 10 -11.57 -2.16 1.84
N ARG A 11 -12.37 -1.76 0.88
CA ARG A 11 -13.26 -2.73 0.19
C ARG A 11 -13.33 -2.39 -1.29
N VAL A 12 -12.82 -3.26 -2.13
CA VAL A 12 -12.85 -2.99 -3.59
C VAL A 12 -13.45 -4.19 -4.32
N LEU A 13 -14.01 -3.97 -5.48
CA LEU A 13 -14.61 -5.11 -6.23
C LEU A 13 -13.76 -5.39 -7.47
N PRO A 14 -14.02 -6.53 -8.14
CA PRO A 14 -13.28 -6.93 -9.35
C PRO A 14 -13.57 -5.99 -10.52
N ARG A 15 -14.70 -5.34 -10.51
CA ARG A 15 -15.04 -4.40 -11.61
C ARG A 15 -14.59 -2.99 -11.22
N ILE A 16 -14.50 -2.71 -9.95
CA ILE A 16 -14.06 -1.36 -9.52
C ILE A 16 -12.53 -1.30 -9.48
N GLY A 17 -11.90 -2.34 -9.02
CA GLY A 17 -10.41 -2.35 -8.96
C GLY A 17 -9.95 -1.39 -7.86
N TYR A 18 -8.86 -1.72 -7.20
CA TYR A 18 -8.37 -0.82 -6.12
C TYR A 18 -8.25 0.60 -6.65
N LEU A 19 -8.40 1.57 -5.80
CA LEU A 19 -8.29 2.99 -6.25
C LEU A 19 -7.11 3.66 -5.56
N CYS A 20 -6.33 4.41 -6.30
CA CYS A 20 -5.16 5.10 -5.69
C CYS A 20 -4.99 6.48 -6.33
N PRO A 21 -4.33 7.39 -5.63
CA PRO A 21 -4.09 8.75 -6.13
C PRO A 21 -3.09 8.77 -7.29
N LYS A 22 -3.02 9.86 -8.00
CA LYS A 22 -2.07 9.93 -9.15
C LYS A 22 -0.72 10.42 -8.65
N ASP A 23 -0.66 10.93 -7.45
CA ASP A 23 0.64 11.42 -6.91
C ASP A 23 1.52 10.22 -6.57
N LEU A 24 2.62 10.06 -7.27
CA LEU A 24 3.52 8.90 -6.98
C LEU A 24 4.39 9.22 -5.76
N LYS A 25 4.29 8.42 -4.74
CA LYS A 25 5.11 8.66 -3.52
C LYS A 25 5.68 7.33 -3.02
N PRO A 26 7.00 7.13 -3.22
CA PRO A 26 7.68 5.90 -2.81
C PRO A 26 7.69 5.71 -1.28
N VAL A 27 7.15 4.63 -0.81
CA VAL A 27 7.14 4.40 0.67
C VAL A 27 7.91 3.13 1.01
N CYS A 28 8.41 3.03 2.21
CA CYS A 28 9.15 1.81 2.61
C CYS A 28 8.19 0.90 3.37
N GLY A 29 8.25 -0.39 3.13
CA GLY A 29 7.34 -1.32 3.83
C GLY A 29 8.02 -1.84 5.09
N ASP A 30 7.29 -1.97 6.17
CA ASP A 30 7.91 -2.48 7.43
C ASP A 30 8.23 -3.97 7.28
N ASP A 31 7.84 -4.57 6.18
CA ASP A 31 8.12 -6.02 5.99
C ASP A 31 9.45 -6.17 5.21
N GLY A 32 10.12 -5.09 4.96
CA GLY A 32 11.42 -5.18 4.21
C GLY A 32 11.16 -4.99 2.71
N GLN A 33 10.05 -4.40 2.36
CA GLN A 33 9.74 -4.20 0.91
C GLN A 33 9.46 -2.71 0.66
N THR A 34 9.50 -2.29 -0.57
CA THR A 34 9.25 -0.86 -0.88
C THR A 34 8.12 -0.77 -1.92
N TYR A 35 7.18 0.12 -1.72
CA TYR A 35 6.06 0.26 -2.68
C TYR A 35 6.14 1.63 -3.35
N ASN A 36 6.07 1.67 -4.66
CA ASN A 36 6.13 2.97 -5.36
C ASN A 36 5.06 3.92 -4.81
N ASN A 37 3.84 3.75 -5.20
CA ASN A 37 2.77 4.64 -4.70
C ASN A 37 2.30 4.16 -3.31
N PRO A 38 1.88 5.10 -2.45
CA PRO A 38 1.41 4.77 -1.09
C PRO A 38 0.15 3.90 -1.12
N CYS A 39 -0.87 4.32 -1.84
CA CYS A 39 -2.10 3.49 -1.91
C CYS A 39 -1.72 2.15 -2.54
N MET A 40 -0.73 2.14 -3.38
CA MET A 40 -0.30 0.87 -4.03
C MET A 40 0.22 -0.07 -2.93
N LEU A 41 0.49 0.44 -1.77
CA LEU A 41 0.99 -0.41 -0.66
C LEU A 41 -0.12 -1.35 -0.20
N CYS A 42 -1.30 -0.83 0.04
CA CYS A 42 -2.41 -1.73 0.48
C CYS A 42 -2.80 -2.60 -0.71
N HIS A 43 -2.47 -2.16 -1.91
CA HIS A 43 -2.80 -2.96 -3.11
C HIS A 43 -1.91 -4.20 -3.14
N GLU A 44 -0.62 -4.02 -3.08
CA GLU A 44 0.28 -5.20 -3.09
C GLU A 44 0.01 -6.02 -1.83
N ASN A 45 -0.60 -5.41 -0.85
CA ASN A 45 -0.92 -6.15 0.40
C ASN A 45 -2.10 -7.07 0.15
N LEU A 46 -3.01 -6.66 -0.70
CA LEU A 46 -4.18 -7.53 -1.00
C LEU A 46 -3.67 -8.86 -1.56
N ILE A 47 -2.63 -8.80 -2.35
CA ILE A 47 -2.06 -10.06 -2.92
C ILE A 47 -1.35 -10.83 -1.81
N ARG A 48 -0.50 -10.17 -1.08
CA ARG A 48 0.22 -10.87 0.03
C ARG A 48 -0.79 -11.23 1.12
N GLN A 49 -1.87 -10.50 1.22
CA GLN A 49 -2.89 -10.79 2.27
C GLN A 49 -2.28 -10.59 3.66
N THR A 50 -1.55 -9.53 3.84
CA THR A 50 -0.94 -9.27 5.18
C THR A 50 -1.19 -7.82 5.59
N ASN A 51 -0.96 -7.49 6.82
CA ASN A 51 -1.20 -6.09 7.29
C ASN A 51 0.12 -5.31 7.23
N THR A 52 0.70 -5.19 6.07
CA THR A 52 1.99 -4.45 5.95
C THR A 52 1.73 -2.95 6.13
N HIS A 53 2.59 -2.28 6.83
CA HIS A 53 2.41 -0.81 7.03
C HIS A 53 3.60 -0.07 6.43
N ILE A 54 3.56 1.23 6.39
CA ILE A 54 4.71 1.99 5.84
C ILE A 54 5.81 2.09 6.90
N ARG A 55 6.99 1.67 6.55
CA ARG A 55 8.12 1.73 7.52
C ARG A 55 8.68 3.15 7.55
N SER A 56 8.88 3.72 6.40
CA SER A 56 9.43 5.10 6.33
C SER A 56 9.04 5.73 5.00
N THR A 57 8.81 7.02 4.99
CA THR A 57 8.42 7.68 3.71
C THR A 57 9.58 7.59 2.72
N GLY A 58 9.28 7.51 1.45
CA GLY A 58 10.37 7.41 0.43
C GLY A 58 10.78 5.96 0.26
N LYS A 59 11.50 5.65 -0.78
CA LYS A 59 11.94 4.25 -1.00
C LYS A 59 12.91 3.84 0.11
N CYS A 60 12.90 2.60 0.50
CA CYS A 60 13.82 2.15 1.58
C CYS A 60 15.22 1.98 1.00
N GLU A 61 16.23 2.13 1.82
CA GLU A 61 17.62 1.97 1.31
C GLU A 61 18.18 0.61 1.75
N ASP A 3 -0.89 5.43 7.15
CA ASP A 3 -0.18 4.13 7.06
C ASP A 3 -1.15 3.06 6.55
N SER A 4 -0.72 1.83 6.52
CA SER A 4 -1.62 0.74 6.03
C SER A 4 -2.89 0.71 6.89
N GLU A 5 -2.79 1.10 8.13
CA GLU A 5 -4.00 1.11 9.01
C GLU A 5 -5.11 1.89 8.32
N MET A 6 -4.75 2.78 7.44
CA MET A 6 -5.79 3.57 6.73
C MET A 6 -6.54 2.66 5.76
N CYS A 7 -5.87 1.67 5.23
CA CYS A 7 -6.53 0.73 4.29
C CYS A 7 -7.32 -0.31 5.09
N LYS A 8 -7.19 -0.29 6.39
CA LYS A 8 -7.93 -1.28 7.22
C LYS A 8 -9.37 -0.81 7.44
N ASP A 9 -9.81 0.18 6.71
CA ASP A 9 -11.20 0.68 6.90
C ASP A 9 -11.91 0.84 5.54
N TYR A 10 -11.29 0.39 4.48
CA TYR A 10 -11.95 0.53 3.15
C TYR A 10 -12.47 -0.83 2.69
N ARG A 11 -13.01 -0.90 1.50
CA ARG A 11 -13.54 -2.18 0.98
C ARG A 11 -13.44 -2.19 -0.55
N VAL A 12 -13.13 -3.32 -1.13
CA VAL A 12 -13.03 -3.38 -2.61
C VAL A 12 -13.54 -4.74 -3.10
N LEU A 13 -14.08 -4.77 -4.28
CA LEU A 13 -14.61 -6.06 -4.81
C LEU A 13 -13.97 -6.35 -6.16
N PRO A 14 -14.26 -7.53 -6.74
CA PRO A 14 -13.71 -7.95 -8.04
C PRO A 14 -14.24 -7.07 -9.17
N ARG A 15 -15.34 -6.42 -8.98
CA ARG A 15 -15.91 -5.55 -10.04
C ARG A 15 -15.56 -4.08 -9.75
N ILE A 16 -15.15 -3.78 -8.54
CA ILE A 16 -14.80 -2.37 -8.22
C ILE A 16 -13.29 -2.17 -8.37
N GLY A 17 -12.51 -3.04 -7.78
CA GLY A 17 -11.03 -2.89 -7.89
C GLY A 17 -10.51 -1.96 -6.80
N TYR A 18 -9.23 -1.70 -6.79
CA TYR A 18 -8.67 -0.79 -5.74
C TYR A 18 -8.68 0.65 -6.25
N LEU A 19 -8.87 1.59 -5.36
CA LEU A 19 -8.88 3.03 -5.79
C LEU A 19 -7.67 3.75 -5.18
N CYS A 20 -6.70 4.08 -5.98
CA CYS A 20 -5.51 4.79 -5.44
C CYS A 20 -5.40 6.17 -6.11
N PRO A 21 -4.71 7.10 -5.43
CA PRO A 21 -4.53 8.47 -5.94
C PRO A 21 -3.55 8.50 -7.11
N LYS A 22 -3.48 9.60 -7.80
CA LYS A 22 -2.54 9.68 -8.96
C LYS A 22 -1.20 10.25 -8.48
N ASP A 23 -1.16 10.78 -7.30
CA ASP A 23 0.11 11.34 -6.77
C ASP A 23 1.12 10.20 -6.56
N LEU A 24 2.31 10.34 -7.08
CA LEU A 24 3.32 9.26 -6.90
C LEU A 24 4.12 9.52 -5.62
N LYS A 25 4.09 8.59 -4.69
CA LYS A 25 4.85 8.78 -3.42
C LYS A 25 5.42 7.44 -2.96
N PRO A 26 6.75 7.29 -3.09
CA PRO A 26 7.46 6.05 -2.69
C PRO A 26 7.41 5.82 -1.18
N VAL A 27 6.89 4.71 -0.75
CA VAL A 27 6.82 4.42 0.71
C VAL A 27 7.68 3.22 1.04
N CYS A 28 8.15 3.12 2.25
CA CYS A 28 8.98 1.94 2.64
C CYS A 28 8.08 0.92 3.33
N GLY A 29 8.26 -0.33 3.04
CA GLY A 29 7.39 -1.38 3.68
C GLY A 29 8.09 -1.90 4.94
N ASP A 30 7.35 -2.12 5.99
CA ASP A 30 7.97 -2.64 7.24
C ASP A 30 8.44 -4.07 7.03
N ASP A 31 8.09 -4.67 5.92
CA ASP A 31 8.53 -6.07 5.65
C ASP A 31 9.89 -6.05 4.98
N GLY A 32 10.48 -4.90 4.82
CA GLY A 32 11.81 -4.82 4.16
C GLY A 32 11.63 -4.59 2.67
N GLN A 33 10.46 -4.16 2.27
CA GLN A 33 10.22 -3.91 0.82
C GLN A 33 9.81 -2.44 0.61
N THR A 34 9.65 -2.04 -0.62
CA THR A 34 9.26 -0.62 -0.89
C THR A 34 8.14 -0.59 -1.93
N TYR A 35 7.15 0.22 -1.72
CA TYR A 35 6.03 0.30 -2.70
C TYR A 35 6.03 1.69 -3.34
N ASN A 36 6.01 1.73 -4.65
CA ASN A 36 6.02 3.05 -5.35
C ASN A 36 4.92 3.96 -4.78
N ASN A 37 3.71 3.78 -5.19
CA ASN A 37 2.60 4.63 -4.66
C ASN A 37 2.15 4.11 -3.30
N PRO A 38 1.68 5.02 -2.43
CA PRO A 38 1.22 4.66 -1.07
C PRO A 38 0.01 3.73 -1.11
N CYS A 39 -1.04 4.11 -1.79
CA CYS A 39 -2.24 3.22 -1.86
C CYS A 39 -1.82 1.93 -2.56
N MET A 40 -0.84 2.00 -3.42
CA MET A 40 -0.37 0.78 -4.12
C MET A 40 0.22 -0.19 -3.10
N LEU A 41 0.45 0.29 -1.90
CA LEU A 41 1.02 -0.59 -0.84
C LEU A 41 -0.07 -1.56 -0.37
N CYS A 42 -1.17 -1.05 0.10
CA CYS A 42 -2.26 -1.95 0.56
C CYS A 42 -2.74 -2.76 -0.64
N HIS A 43 -2.44 -2.30 -1.83
CA HIS A 43 -2.84 -3.04 -3.05
C HIS A 43 -1.98 -4.30 -3.16
N GLU A 44 -0.69 -4.12 -3.22
CA GLU A 44 0.20 -5.31 -3.31
C GLU A 44 0.01 -6.15 -2.04
N ASN A 45 -0.57 -5.57 -1.02
CA ASN A 45 -0.80 -6.32 0.23
C ASN A 45 -2.00 -7.24 0.05
N LEU A 46 -2.96 -6.84 -0.76
CA LEU A 46 -4.14 -7.71 -0.99
C LEU A 46 -3.67 -9.06 -1.56
N ILE A 47 -2.65 -9.02 -2.38
CA ILE A 47 -2.13 -10.29 -2.95
C ILE A 47 -1.26 -11.00 -1.90
N ARG A 48 -0.34 -10.30 -1.31
CA ARG A 48 0.52 -10.93 -0.28
C ARG A 48 -0.33 -11.34 0.91
N GLN A 49 -1.34 -10.57 1.21
CA GLN A 49 -2.23 -10.90 2.36
C GLN A 49 -1.40 -10.97 3.65
N THR A 50 -0.41 -10.12 3.77
CA THR A 50 0.42 -10.13 5.00
C THR A 50 0.20 -8.84 5.78
N ASN A 51 -0.81 -8.09 5.43
CA ASN A 51 -1.08 -6.82 6.16
C ASN A 51 0.22 -6.04 6.33
N THR A 52 0.89 -5.73 5.25
CA THR A 52 2.17 -4.98 5.36
C THR A 52 1.87 -3.51 5.68
N HIS A 53 2.66 -2.91 6.52
CA HIS A 53 2.42 -1.48 6.87
C HIS A 53 3.57 -0.62 6.32
N ILE A 54 3.42 0.67 6.36
CA ILE A 54 4.50 1.55 5.85
C ILE A 54 5.60 1.67 6.91
N ARG A 55 6.81 1.39 6.53
CA ARG A 55 7.94 1.49 7.50
C ARG A 55 8.36 2.95 7.64
N SER A 56 8.49 3.63 6.54
CA SER A 56 8.90 5.05 6.58
C SER A 56 8.46 5.74 5.28
N THR A 57 8.41 7.03 5.27
CA THR A 57 7.98 7.74 4.03
C THR A 57 9.15 7.79 3.03
N GLY A 58 8.88 7.46 1.80
CA GLY A 58 9.97 7.49 0.77
C GLY A 58 10.47 6.07 0.55
N LYS A 59 11.21 5.86 -0.52
CA LYS A 59 11.74 4.50 -0.79
C LYS A 59 12.52 4.00 0.43
N CYS A 60 12.68 2.71 0.54
CA CYS A 60 13.43 2.16 1.71
C CYS A 60 14.91 2.53 1.59
N GLU A 61 15.58 2.68 2.70
CA GLU A 61 17.03 3.03 2.65
C GLU A 61 17.85 1.78 2.39
N ASP A 3 -1.03 3.52 5.88
CA ASP A 3 -0.63 2.20 6.45
C ASP A 3 -1.78 1.20 6.29
N SER A 4 -1.57 -0.02 6.67
CA SER A 4 -2.65 -1.03 6.53
C SER A 4 -3.91 -0.52 7.23
N GLU A 5 -3.76 0.19 8.31
CA GLU A 5 -4.94 0.73 9.03
C GLU A 5 -5.81 1.52 8.05
N MET A 6 -5.21 2.07 7.03
CA MET A 6 -5.98 2.85 6.03
C MET A 6 -6.83 1.88 5.19
N CYS A 7 -6.46 0.63 5.18
CA CYS A 7 -7.24 -0.36 4.40
C CYS A 7 -8.41 -0.87 5.24
N LYS A 8 -8.30 -0.78 6.54
CA LYS A 8 -9.40 -1.25 7.42
C LYS A 8 -10.56 -0.26 7.36
N ASP A 9 -10.32 0.92 6.84
CA ASP A 9 -11.42 1.93 6.78
C ASP A 9 -11.86 2.13 5.32
N TYR A 10 -11.30 1.36 4.41
CA TYR A 10 -11.70 1.51 2.98
C TYR A 10 -12.29 0.19 2.48
N ARG A 11 -13.12 0.25 1.48
CA ARG A 11 -13.74 -1.01 0.95
C ARG A 11 -13.71 -0.97 -0.58
N VAL A 12 -13.24 -2.02 -1.21
CA VAL A 12 -13.18 -2.05 -2.69
C VAL A 12 -13.83 -3.33 -3.21
N LEU A 13 -14.54 -3.25 -4.30
CA LEU A 13 -15.20 -4.48 -4.85
C LEU A 13 -14.41 -4.98 -6.06
N PRO A 14 -14.79 -6.15 -6.60
CA PRO A 14 -14.12 -6.73 -7.76
C PRO A 14 -14.36 -5.92 -9.03
N ARG A 15 -15.46 -5.22 -9.10
CA ARG A 15 -15.74 -4.40 -10.30
C ARG A 15 -15.13 -3.00 -10.13
N ILE A 16 -15.00 -2.55 -8.91
CA ILE A 16 -14.41 -1.20 -8.67
C ILE A 16 -12.89 -1.32 -8.65
N GLY A 17 -12.37 -2.35 -8.04
CA GLY A 17 -10.90 -2.53 -7.98
C GLY A 17 -10.29 -1.45 -7.09
N TYR A 18 -9.14 -1.70 -6.54
CA TYR A 18 -8.51 -0.68 -5.65
C TYR A 18 -8.35 0.64 -6.41
N LEU A 19 -8.44 1.74 -5.72
CA LEU A 19 -8.30 3.06 -6.40
C LEU A 19 -7.16 3.85 -5.74
N CYS A 20 -6.15 4.19 -6.50
CA CYS A 20 -5.01 4.96 -5.93
C CYS A 20 -4.92 6.31 -6.62
N PRO A 21 -4.31 7.29 -5.92
CA PRO A 21 -4.14 8.65 -6.46
C PRO A 21 -3.09 8.69 -7.57
N LYS A 22 -3.05 9.77 -8.32
CA LYS A 22 -2.05 9.87 -9.42
C LYS A 22 -0.73 10.41 -8.86
N ASP A 23 -0.73 10.84 -7.62
CA ASP A 23 0.52 11.37 -7.03
C ASP A 23 1.49 10.21 -6.76
N LEU A 24 2.70 10.32 -7.21
CA LEU A 24 3.68 9.23 -6.99
C LEU A 24 4.47 9.49 -5.70
N LYS A 25 4.46 8.57 -4.78
CA LYS A 25 5.20 8.76 -3.51
C LYS A 25 5.78 7.42 -3.04
N PRO A 26 7.09 7.23 -3.23
CA PRO A 26 7.79 5.99 -2.83
C PRO A 26 7.79 5.79 -1.32
N VAL A 27 7.31 4.67 -0.86
CA VAL A 27 7.29 4.42 0.61
C VAL A 27 8.09 3.15 0.93
N CYS A 28 8.58 3.03 2.13
CA CYS A 28 9.36 1.82 2.51
C CYS A 28 8.47 0.89 3.33
N GLY A 29 8.18 -0.28 2.82
CA GLY A 29 7.32 -1.23 3.58
C GLY A 29 8.10 -1.79 4.78
N ASP A 30 7.46 -1.92 5.90
CA ASP A 30 8.15 -2.46 7.10
C ASP A 30 8.46 -3.94 6.88
N ASP A 31 7.91 -4.53 5.85
CA ASP A 31 8.18 -5.98 5.60
C ASP A 31 9.51 -6.12 4.85
N GLY A 32 10.24 -5.05 4.72
CA GLY A 32 11.55 -5.13 4.01
C GLY A 32 11.31 -4.90 2.50
N GLN A 33 10.16 -4.41 2.14
CA GLN A 33 9.86 -4.18 0.71
C GLN A 33 9.55 -2.70 0.49
N THR A 34 9.67 -2.24 -0.72
CA THR A 34 9.37 -0.80 -1.00
C THR A 34 8.22 -0.71 -2.00
N TYR A 35 7.27 0.15 -1.75
CA TYR A 35 6.12 0.28 -2.69
C TYR A 35 6.17 1.67 -3.34
N ASN A 36 6.20 1.71 -4.64
CA ASN A 36 6.26 3.02 -5.34
C ASN A 36 5.18 3.96 -4.77
N ASN A 37 3.96 3.83 -5.22
CA ASN A 37 2.88 4.72 -4.70
C ASN A 37 2.38 4.20 -3.35
N PRO A 38 1.96 5.10 -2.47
CA PRO A 38 1.45 4.74 -1.13
C PRO A 38 0.18 3.87 -1.22
N CYS A 39 -0.81 4.30 -1.95
CA CYS A 39 -2.04 3.47 -2.06
C CYS A 39 -1.64 2.15 -2.72
N MET A 40 -0.61 2.17 -3.52
CA MET A 40 -0.16 0.91 -4.18
C MET A 40 0.32 -0.05 -3.09
N LEU A 41 0.65 0.47 -1.95
CA LEU A 41 1.11 -0.40 -0.83
C LEU A 41 -0.06 -1.26 -0.37
N CYS A 42 -1.15 -0.64 -0.03
CA CYS A 42 -2.34 -1.42 0.39
C CYS A 42 -2.73 -2.36 -0.74
N HIS A 43 -2.49 -1.98 -1.96
CA HIS A 43 -2.82 -2.85 -3.11
C HIS A 43 -1.93 -4.10 -3.07
N GLU A 44 -0.64 -3.91 -3.10
CA GLU A 44 0.28 -5.08 -3.05
C GLU A 44 0.02 -5.83 -1.74
N ASN A 45 -0.61 -5.17 -0.80
CA ASN A 45 -0.90 -5.84 0.50
C ASN A 45 -2.09 -6.79 0.32
N LEU A 46 -3.06 -6.39 -0.45
CA LEU A 46 -4.25 -7.26 -0.66
C LEU A 46 -3.77 -8.61 -1.20
N ILE A 47 -2.73 -8.62 -1.98
CA ILE A 47 -2.20 -9.89 -2.53
C ILE A 47 -1.38 -10.60 -1.46
N ARG A 48 -0.48 -9.89 -0.83
CA ARG A 48 0.36 -10.51 0.22
C ARG A 48 -0.52 -10.92 1.40
N GLN A 49 -1.48 -10.12 1.73
CA GLN A 49 -2.38 -10.45 2.88
C GLN A 49 -1.57 -10.53 4.17
N THR A 50 -0.65 -9.61 4.36
CA THR A 50 0.16 -9.63 5.60
C THR A 50 0.00 -8.31 6.35
N ASN A 51 -0.95 -7.51 5.94
CA ASN A 51 -1.16 -6.20 6.64
C ASN A 51 0.17 -5.45 6.73
N THR A 52 0.77 -5.14 5.60
CA THR A 52 2.06 -4.41 5.62
C THR A 52 1.82 -2.93 5.92
N HIS A 53 2.68 -2.32 6.69
CA HIS A 53 2.50 -0.88 7.01
C HIS A 53 3.67 -0.10 6.42
N ILE A 54 3.61 1.20 6.47
CA ILE A 54 4.73 2.01 5.90
C ILE A 54 5.85 2.13 6.93
N ARG A 55 7.03 1.74 6.56
CA ARG A 55 8.19 1.82 7.51
C ARG A 55 8.75 3.24 7.50
N SER A 56 9.06 3.74 6.35
CA SER A 56 9.61 5.12 6.25
C SER A 56 9.18 5.74 4.93
N THR A 57 9.12 7.05 4.87
CA THR A 57 8.69 7.70 3.60
C THR A 57 9.82 7.59 2.58
N GLY A 58 9.49 7.49 1.33
CA GLY A 58 10.53 7.38 0.27
C GLY A 58 10.89 5.91 0.08
N LYS A 59 11.57 5.61 -1.00
CA LYS A 59 11.95 4.19 -1.26
C LYS A 59 12.97 3.75 -0.20
N CYS A 60 12.93 2.51 0.19
CA CYS A 60 13.89 2.01 1.21
C CYS A 60 15.24 1.72 0.55
N GLU A 61 16.30 1.80 1.29
CA GLU A 61 17.64 1.53 0.70
C GLU A 61 17.87 0.02 0.61
N ASP A 3 -1.20 4.35 6.74
CA ASP A 3 -0.76 3.04 7.30
C ASP A 3 -1.82 1.98 7.00
N SER A 4 -1.62 0.79 7.48
CA SER A 4 -2.62 -0.29 7.23
C SER A 4 -3.99 0.16 7.72
N GLU A 5 -4.03 1.02 8.70
CA GLU A 5 -5.33 1.51 9.21
C GLU A 5 -6.16 2.04 8.04
N MET A 6 -5.49 2.48 7.00
CA MET A 6 -6.24 3.01 5.82
C MET A 6 -6.94 1.84 5.13
N CYS A 7 -6.42 0.66 5.27
CA CYS A 7 -7.05 -0.52 4.63
C CYS A 7 -8.22 -1.01 5.49
N LYS A 8 -8.27 -0.60 6.73
CA LYS A 8 -9.38 -1.03 7.62
C LYS A 8 -10.62 -0.19 7.35
N ASP A 9 -10.59 0.62 6.33
CA ASP A 9 -11.79 1.47 6.04
C ASP A 9 -12.06 1.49 4.53
N TYR A 10 -11.42 0.65 3.77
CA TYR A 10 -11.68 0.64 2.30
C TYR A 10 -12.17 -0.74 1.88
N ARG A 11 -12.96 -0.82 0.84
CA ARG A 11 -13.47 -2.13 0.36
C ARG A 11 -13.27 -2.23 -1.14
N VAL A 12 -12.78 -3.35 -1.62
CA VAL A 12 -12.56 -3.50 -3.09
C VAL A 12 -13.31 -4.74 -3.60
N LEU A 13 -13.75 -4.70 -4.82
CA LEU A 13 -14.48 -5.87 -5.39
C LEU A 13 -13.86 -6.25 -6.74
N PRO A 14 -14.33 -7.34 -7.34
CA PRO A 14 -13.83 -7.81 -8.64
C PRO A 14 -14.18 -6.84 -9.77
N ARG A 15 -15.18 -6.02 -9.57
CA ARG A 15 -15.57 -5.05 -10.63
C ARG A 15 -15.08 -3.65 -10.25
N ILE A 16 -14.96 -3.38 -8.98
CA ILE A 16 -14.48 -2.04 -8.54
C ILE A 16 -12.96 -1.99 -8.62
N GLY A 17 -12.29 -2.99 -8.12
CA GLY A 17 -10.79 -2.98 -8.17
C GLY A 17 -10.25 -2.09 -7.06
N TYR A 18 -8.99 -1.75 -7.12
CA TYR A 18 -8.40 -0.87 -6.06
C TYR A 18 -8.38 0.58 -6.56
N LEU A 19 -8.48 1.52 -5.67
CA LEU A 19 -8.46 2.95 -6.08
C LEU A 19 -7.27 3.67 -5.44
N CYS A 20 -6.35 4.14 -6.23
CA CYS A 20 -5.17 4.86 -5.66
C CYS A 20 -5.03 6.22 -6.34
N PRO A 21 -4.36 7.16 -5.69
CA PRO A 21 -4.14 8.51 -6.22
C PRO A 21 -3.15 8.49 -7.39
N LYS A 22 -3.09 9.56 -8.13
CA LYS A 22 -2.14 9.61 -9.28
C LYS A 22 -0.77 10.11 -8.81
N ASP A 23 -0.72 10.68 -7.62
CA ASP A 23 0.58 11.18 -7.11
C ASP A 23 1.47 10.00 -6.74
N LEU A 24 2.61 9.88 -7.36
CA LEU A 24 3.51 8.72 -7.04
C LEU A 24 4.36 9.06 -5.81
N LYS A 25 4.19 8.33 -4.74
CA LYS A 25 4.99 8.60 -3.52
C LYS A 25 5.63 7.30 -3.03
N PRO A 26 6.93 7.14 -3.26
CA PRO A 26 7.67 5.94 -2.86
C PRO A 26 7.73 5.76 -1.34
N VAL A 27 7.19 4.67 -0.84
CA VAL A 27 7.22 4.44 0.62
C VAL A 27 8.03 3.19 0.95
N CYS A 28 8.58 3.12 2.12
CA CYS A 28 9.37 1.92 2.51
C CYS A 28 8.47 0.95 3.28
N GLY A 29 8.41 -0.29 2.87
CA GLY A 29 7.54 -1.26 3.58
C GLY A 29 8.28 -1.81 4.80
N ASP A 30 7.61 -1.94 5.91
CA ASP A 30 8.26 -2.46 7.13
C ASP A 30 8.61 -3.94 6.93
N ASP A 31 8.17 -4.53 5.86
CA ASP A 31 8.47 -5.96 5.61
C ASP A 31 9.83 -6.07 4.90
N GLY A 32 10.53 -4.98 4.77
CA GLY A 32 11.85 -5.02 4.09
C GLY A 32 11.65 -4.78 2.59
N GLN A 33 10.51 -4.28 2.21
CA GLN A 33 10.26 -4.02 0.76
C GLN A 33 9.90 -2.54 0.56
N THR A 34 9.77 -2.13 -0.67
CA THR A 34 9.42 -0.70 -0.94
C THR A 34 8.30 -0.64 -1.98
N TYR A 35 7.31 0.18 -1.75
CA TYR A 35 6.20 0.27 -2.73
C TYR A 35 6.22 1.65 -3.40
N ASN A 36 6.16 1.69 -4.69
CA ASN A 36 6.19 3.01 -5.39
C ASN A 36 5.10 3.91 -4.83
N ASN A 37 3.87 3.72 -5.23
CA ASN A 37 2.78 4.58 -4.71
C ASN A 37 2.33 4.07 -3.34
N PRO A 38 1.89 4.99 -2.46
CA PRO A 38 1.43 4.65 -1.11
C PRO A 38 0.18 3.76 -1.15
N CYS A 39 -0.85 4.17 -1.84
CA CYS A 39 -2.06 3.32 -1.91
C CYS A 39 -1.68 2.00 -2.58
N MET A 40 -0.67 2.03 -3.41
CA MET A 40 -0.22 0.78 -4.09
C MET A 40 0.30 -0.18 -3.03
N LEU A 41 0.62 0.32 -1.86
CA LEU A 41 1.12 -0.57 -0.78
C LEU A 41 -0.01 -1.48 -0.33
N CYS A 42 -1.09 -0.90 0.11
CA CYS A 42 -2.26 -1.73 0.53
C CYS A 42 -2.65 -2.63 -0.64
N HIS A 43 -2.35 -2.20 -1.84
CA HIS A 43 -2.69 -3.03 -3.03
C HIS A 43 -1.81 -4.27 -3.04
N GLU A 44 -0.51 -4.08 -3.11
CA GLU A 44 0.40 -5.26 -3.11
C GLU A 44 0.11 -6.08 -1.85
N ASN A 45 -0.50 -5.46 -0.87
CA ASN A 45 -0.83 -6.20 0.39
C ASN A 45 -2.07 -7.06 0.13
N LEU A 46 -3.03 -6.53 -0.58
CA LEU A 46 -4.27 -7.31 -0.87
C LEU A 46 -3.86 -8.63 -1.55
N ILE A 47 -2.83 -8.61 -2.33
CA ILE A 47 -2.38 -9.86 -3.01
C ILE A 47 -1.60 -10.71 -2.01
N ARG A 48 -0.64 -10.13 -1.35
CA ARG A 48 0.15 -10.91 -0.35
C ARG A 48 -0.76 -11.34 0.80
N GLN A 49 -1.84 -10.65 1.00
CA GLN A 49 -2.77 -11.01 2.10
C GLN A 49 -2.06 -10.82 3.44
N THR A 50 -1.34 -9.73 3.59
CA THR A 50 -0.62 -9.48 4.87
C THR A 50 -0.91 -8.05 5.35
N ASN A 51 -0.54 -7.72 6.55
CA ASN A 51 -0.80 -6.36 7.07
C ASN A 51 0.51 -5.55 7.05
N THR A 52 1.06 -5.34 5.89
CA THR A 52 2.33 -4.56 5.81
C THR A 52 2.05 -3.07 6.04
N HIS A 53 2.92 -2.41 6.76
CA HIS A 53 2.71 -0.95 7.02
C HIS A 53 3.86 -0.17 6.40
N ILE A 54 3.84 1.14 6.50
CA ILE A 54 4.94 1.94 5.91
C ILE A 54 6.06 2.09 6.93
N ARG A 55 7.25 1.71 6.56
CA ARG A 55 8.41 1.83 7.49
C ARG A 55 8.91 3.27 7.48
N SER A 56 9.09 3.83 6.33
CA SER A 56 9.58 5.23 6.24
C SER A 56 9.13 5.85 4.91
N THR A 57 8.99 7.14 4.88
CA THR A 57 8.55 7.79 3.60
C THR A 57 9.68 7.74 2.59
N GLY A 58 9.36 7.61 1.33
CA GLY A 58 10.42 7.55 0.29
C GLY A 58 10.85 6.10 0.09
N LYS A 59 11.53 5.83 -0.99
CA LYS A 59 11.99 4.44 -1.26
C LYS A 59 12.99 4.01 -0.19
N CYS A 60 12.96 2.78 0.21
CA CYS A 60 13.92 2.30 1.25
C CYS A 60 15.29 2.10 0.61
N GLU A 61 16.34 2.25 1.37
CA GLU A 61 17.71 2.06 0.82
C GLU A 61 18.43 0.97 1.59
N ASP A 3 -2.89 6.57 5.97
CA ASP A 3 -1.72 5.65 6.04
C ASP A 3 -2.22 4.20 5.92
N SER A 4 -1.34 3.25 6.06
CA SER A 4 -1.75 1.82 5.95
C SER A 4 -2.88 1.54 6.92
N GLU A 5 -2.95 2.28 7.99
CA GLU A 5 -4.04 2.06 8.99
C GLU A 5 -5.39 2.10 8.27
N MET A 6 -5.46 2.78 7.16
CA MET A 6 -6.74 2.84 6.41
C MET A 6 -6.98 1.51 5.71
N CYS A 7 -5.92 0.89 5.24
CA CYS A 7 -6.08 -0.43 4.57
C CYS A 7 -6.09 -1.54 5.62
N LYS A 8 -6.05 -1.18 6.87
CA LYS A 8 -6.04 -2.22 7.94
C LYS A 8 -7.44 -2.83 8.05
N ASP A 9 -8.43 -2.15 7.57
CA ASP A 9 -9.82 -2.68 7.65
C ASP A 9 -10.64 -2.20 6.46
N TYR A 10 -10.19 -2.47 5.26
CA TYR A 10 -10.95 -2.03 4.06
C TYR A 10 -11.33 -3.26 3.22
N ARG A 11 -11.92 -3.05 2.08
CA ARG A 11 -12.32 -4.20 1.22
C ARG A 11 -12.34 -3.77 -0.24
N VAL A 12 -11.98 -4.64 -1.14
CA VAL A 12 -11.99 -4.27 -2.58
C VAL A 12 -12.69 -5.35 -3.39
N LEU A 13 -13.63 -4.98 -4.22
CA LEU A 13 -14.36 -5.98 -5.04
C LEU A 13 -13.99 -5.80 -6.51
N PRO A 14 -14.49 -6.69 -7.38
CA PRO A 14 -14.22 -6.63 -8.83
C PRO A 14 -14.86 -5.41 -9.47
N ARG A 15 -15.89 -4.88 -8.87
CA ARG A 15 -16.56 -3.67 -9.45
C ARG A 15 -15.96 -2.42 -8.82
N ILE A 16 -15.69 -2.46 -7.55
CA ILE A 16 -15.10 -1.27 -6.87
C ILE A 16 -13.59 -1.22 -7.15
N GLY A 17 -12.93 -2.34 -7.06
CA GLY A 17 -11.47 -2.37 -7.31
C GLY A 17 -10.74 -1.58 -6.22
N TYR A 18 -9.57 -1.07 -6.52
CA TYR A 18 -8.82 -0.29 -5.49
C TYR A 18 -8.74 1.17 -5.92
N LEU A 19 -8.73 2.07 -4.98
CA LEU A 19 -8.65 3.52 -5.35
C LEU A 19 -7.41 4.14 -4.70
N CYS A 20 -6.61 4.82 -5.47
CA CYS A 20 -5.39 5.46 -4.90
C CYS A 20 -5.25 6.87 -5.47
N PRO A 21 -4.52 7.74 -4.75
CA PRO A 21 -4.30 9.12 -5.17
C PRO A 21 -3.39 9.21 -6.40
N LYS A 22 -3.34 10.34 -7.04
CA LYS A 22 -2.46 10.48 -8.24
C LYS A 22 -1.06 10.91 -7.80
N ASP A 23 -0.90 11.27 -6.56
CA ASP A 23 0.44 11.69 -6.08
C ASP A 23 1.30 10.46 -5.81
N LEU A 24 2.29 10.22 -6.63
CA LEU A 24 3.16 9.03 -6.43
C LEU A 24 4.12 9.29 -5.28
N LYS A 25 3.95 8.61 -4.18
CA LYS A 25 4.86 8.82 -3.01
C LYS A 25 5.47 7.49 -2.60
N PRO A 26 6.79 7.32 -2.85
CA PRO A 26 7.52 6.08 -2.52
C PRO A 26 7.52 5.79 -1.02
N VAL A 27 7.00 4.66 -0.63
CA VAL A 27 6.98 4.32 0.83
C VAL A 27 7.84 3.09 1.10
N CYS A 28 8.32 2.95 2.31
CA CYS A 28 9.16 1.77 2.64
C CYS A 28 8.28 0.70 3.31
N GLY A 29 8.08 -0.41 2.66
CA GLY A 29 7.22 -1.47 3.27
C GLY A 29 7.91 -2.05 4.50
N ASP A 30 7.20 -2.19 5.59
CA ASP A 30 7.82 -2.75 6.82
C ASP A 30 8.14 -4.23 6.62
N ASP A 31 7.72 -4.80 5.53
CA ASP A 31 8.00 -6.24 5.28
C ASP A 31 9.39 -6.37 4.63
N GLY A 32 10.08 -5.28 4.45
CA GLY A 32 11.42 -5.34 3.82
C GLY A 32 11.29 -5.03 2.33
N GLN A 33 10.21 -4.43 1.94
CA GLN A 33 10.01 -4.10 0.50
C GLN A 33 9.68 -2.61 0.37
N THR A 34 9.60 -2.13 -0.84
CA THR A 34 9.27 -0.68 -1.05
C THR A 34 8.19 -0.56 -2.10
N TYR A 35 7.24 0.30 -1.89
CA TYR A 35 6.14 0.48 -2.89
C TYR A 35 6.17 1.91 -3.42
N ASN A 36 5.94 2.09 -4.70
CA ASN A 36 5.97 3.45 -5.27
C ASN A 36 4.89 4.31 -4.61
N ASN A 37 3.66 4.12 -4.97
CA ASN A 37 2.58 4.94 -4.35
C ASN A 37 2.19 4.33 -3.00
N PRO A 38 1.80 5.17 -2.03
CA PRO A 38 1.39 4.71 -0.70
C PRO A 38 0.13 3.85 -0.75
N CYS A 39 -0.92 4.32 -1.39
CA CYS A 39 -2.16 3.49 -1.49
C CYS A 39 -1.82 2.24 -2.29
N MET A 40 -0.85 2.33 -3.16
CA MET A 40 -0.46 1.15 -3.98
C MET A 40 0.18 0.10 -3.07
N LEU A 41 0.63 0.52 -1.91
CA LEU A 41 1.25 -0.45 -0.96
C LEU A 41 0.18 -1.43 -0.48
N CYS A 42 -0.91 -0.92 0.02
CA CYS A 42 -1.99 -1.83 0.49
C CYS A 42 -2.31 -2.84 -0.61
N HIS A 43 -2.34 -2.39 -1.83
CA HIS A 43 -2.62 -3.33 -2.95
C HIS A 43 -1.72 -4.55 -2.78
N GLU A 44 -0.46 -4.31 -2.54
CA GLU A 44 0.48 -5.45 -2.36
C GLU A 44 0.01 -6.30 -1.18
N ASN A 45 -0.78 -5.73 -0.31
CA ASN A 45 -1.28 -6.53 0.86
C ASN A 45 -2.38 -7.47 0.38
N LEU A 46 -3.18 -7.04 -0.56
CA LEU A 46 -4.27 -7.91 -1.08
C LEU A 46 -3.66 -9.11 -1.80
N ILE A 47 -2.73 -8.88 -2.67
CA ILE A 47 -2.09 -10.01 -3.40
C ILE A 47 -1.29 -10.86 -2.42
N ARG A 48 -0.41 -10.24 -1.67
CA ARG A 48 0.40 -11.00 -0.68
C ARG A 48 -0.50 -11.50 0.44
N GLN A 49 -1.63 -10.87 0.64
CA GLN A 49 -2.55 -11.30 1.72
C GLN A 49 -1.87 -11.16 3.07
N THR A 50 -1.19 -10.07 3.29
CA THR A 50 -0.50 -9.86 4.59
C THR A 50 -0.79 -8.46 5.12
N ASN A 51 -0.48 -8.19 6.36
CA ASN A 51 -0.75 -6.85 6.92
C ASN A 51 0.51 -5.98 6.80
N THR A 52 0.99 -5.80 5.60
CA THR A 52 2.22 -4.97 5.41
C THR A 52 1.83 -3.49 5.44
N HIS A 53 2.47 -2.70 6.26
CA HIS A 53 2.13 -1.25 6.31
C HIS A 53 3.34 -0.43 5.87
N ILE A 54 3.29 0.85 6.06
CA ILE A 54 4.44 1.71 5.64
C ILE A 54 5.46 1.79 6.78
N ARG A 55 6.69 1.45 6.49
CA ARG A 55 7.75 1.50 7.52
C ARG A 55 8.27 2.93 7.64
N SER A 56 8.60 3.52 6.52
CA SER A 56 9.13 4.91 6.54
C SER A 56 8.76 5.60 5.23
N THR A 57 8.36 6.84 5.29
CA THR A 57 7.98 7.55 4.03
C THR A 57 9.20 7.60 3.10
N GLY A 58 8.97 7.50 1.82
CA GLY A 58 10.10 7.52 0.85
C GLY A 58 10.62 6.11 0.65
N LYS A 59 11.33 5.89 -0.42
CA LYS A 59 11.88 4.53 -0.68
C LYS A 59 12.84 4.13 0.44
N CYS A 60 12.91 2.87 0.74
CA CYS A 60 13.83 2.42 1.82
C CYS A 60 15.26 2.34 1.30
N GLU A 61 16.22 2.66 2.14
CA GLU A 61 17.63 2.61 1.69
C GLU A 61 18.19 1.19 1.88
N ASP A 3 -0.94 3.72 5.39
CA ASP A 3 -0.57 2.51 6.16
C ASP A 3 -1.78 1.57 6.25
N SER A 4 -1.62 0.43 6.87
CA SER A 4 -2.75 -0.53 6.99
C SER A 4 -3.97 0.21 7.55
N GLU A 5 -3.76 1.26 8.29
CA GLU A 5 -4.91 2.02 8.85
C GLU A 5 -5.88 2.36 7.73
N MET A 6 -5.39 2.45 6.52
CA MET A 6 -6.29 2.77 5.37
C MET A 6 -7.01 1.50 4.94
N CYS A 7 -6.38 0.37 5.09
CA CYS A 7 -7.03 -0.91 4.69
C CYS A 7 -8.00 -1.35 5.79
N LYS A 8 -8.02 -0.65 6.89
CA LYS A 8 -8.93 -1.03 8.01
C LYS A 8 -10.39 -0.94 7.54
N ASP A 9 -10.64 -0.16 6.52
CA ASP A 9 -12.04 -0.04 6.01
C ASP A 9 -12.03 0.28 4.52
N TYR A 10 -11.54 -0.61 3.71
CA TYR A 10 -11.51 -0.35 2.24
C TYR A 10 -12.25 -1.48 1.52
N ARG A 11 -12.43 -1.36 0.23
CA ARG A 11 -13.15 -2.44 -0.52
C ARG A 11 -12.58 -2.54 -1.94
N VAL A 12 -12.54 -3.72 -2.48
CA VAL A 12 -12.00 -3.90 -3.86
C VAL A 12 -12.78 -4.99 -4.58
N LEU A 13 -13.19 -4.74 -5.80
CA LEU A 13 -13.96 -5.77 -6.56
C LEU A 13 -13.18 -6.16 -7.81
N PRO A 14 -13.69 -7.16 -8.55
CA PRO A 14 -13.04 -7.64 -9.79
C PRO A 14 -13.09 -6.58 -10.90
N ARG A 15 -14.06 -5.71 -10.86
CA ARG A 15 -14.14 -4.66 -11.92
C ARG A 15 -13.76 -3.31 -11.33
N ILE A 16 -13.90 -3.16 -10.04
CA ILE A 16 -13.54 -1.85 -9.40
C ILE A 16 -12.04 -1.81 -9.15
N GLY A 17 -11.47 -2.89 -8.66
CA GLY A 17 -10.01 -2.90 -8.39
C GLY A 17 -9.72 -2.06 -7.14
N TYR A 18 -8.50 -1.61 -6.98
CA TYR A 18 -8.16 -0.79 -5.79
C TYR A 18 -8.19 0.69 -6.17
N LEU A 19 -8.44 1.56 -5.23
CA LEU A 19 -8.48 3.02 -5.53
C LEU A 19 -7.25 3.71 -4.96
N CYS A 20 -6.49 4.38 -5.78
CA CYS A 20 -5.27 5.09 -5.29
C CYS A 20 -5.15 6.44 -6.01
N PRO A 21 -4.44 7.39 -5.38
CA PRO A 21 -4.25 8.73 -5.96
C PRO A 21 -3.30 8.70 -7.15
N LYS A 22 -3.24 9.77 -7.90
CA LYS A 22 -2.33 9.80 -9.09
C LYS A 22 -0.92 10.18 -8.64
N ASP A 23 -0.81 10.95 -7.59
CA ASP A 23 0.54 11.37 -7.11
C ASP A 23 1.35 10.13 -6.73
N LEU A 24 2.52 9.97 -7.29
CA LEU A 24 3.36 8.78 -6.96
C LEU A 24 4.21 9.09 -5.73
N LYS A 25 3.95 8.42 -4.63
CA LYS A 25 4.75 8.67 -3.39
C LYS A 25 5.43 7.37 -2.95
N PRO A 26 6.74 7.27 -3.18
CA PRO A 26 7.53 6.07 -2.81
C PRO A 26 7.57 5.86 -1.30
N VAL A 27 7.06 4.74 -0.84
CA VAL A 27 7.08 4.46 0.62
C VAL A 27 7.95 3.25 0.91
N CYS A 28 8.45 3.15 2.11
CA CYS A 28 9.28 1.97 2.47
C CYS A 28 8.41 0.97 3.24
N GLY A 29 8.60 -0.30 3.03
CA GLY A 29 7.78 -1.30 3.74
C GLY A 29 8.51 -1.79 4.99
N ASP A 30 7.78 -2.05 6.05
CA ASP A 30 8.44 -2.52 7.30
C ASP A 30 8.92 -3.96 7.10
N ASP A 31 8.45 -4.62 6.07
CA ASP A 31 8.87 -6.02 5.82
C ASP A 31 10.20 -6.02 5.06
N GLY A 32 10.68 -4.87 4.68
CA GLY A 32 11.97 -4.80 3.94
C GLY A 32 11.69 -4.63 2.45
N GLN A 33 10.53 -4.12 2.10
CA GLN A 33 10.19 -3.92 0.66
C GLN A 33 9.87 -2.44 0.41
N THR A 34 9.74 -2.06 -0.83
CA THR A 34 9.43 -0.64 -1.14
C THR A 34 8.30 -0.57 -2.17
N TYR A 35 7.36 0.30 -1.97
CA TYR A 35 6.25 0.43 -2.94
C TYR A 35 6.32 1.80 -3.60
N ASN A 36 5.95 1.90 -4.85
CA ASN A 36 6.01 3.22 -5.53
C ASN A 36 4.96 4.13 -4.90
N ASN A 37 3.73 3.93 -5.21
CA ASN A 37 2.64 4.78 -4.64
C ASN A 37 2.27 4.24 -3.25
N PRO A 38 1.89 5.14 -2.33
CA PRO A 38 1.49 4.77 -0.97
C PRO A 38 0.23 3.89 -0.96
N CYS A 39 -0.81 4.32 -1.62
CA CYS A 39 -2.04 3.49 -1.67
C CYS A 39 -1.69 2.17 -2.36
N MET A 40 -0.73 2.19 -3.24
CA MET A 40 -0.32 0.94 -3.94
C MET A 40 0.24 -0.04 -2.90
N LEU A 41 0.59 0.46 -1.75
CA LEU A 41 1.12 -0.43 -0.69
C LEU A 41 0.02 -1.39 -0.25
N CYS A 42 -1.11 -0.87 0.13
CA CYS A 42 -2.23 -1.75 0.54
C CYS A 42 -2.59 -2.64 -0.64
N HIS A 43 -2.27 -2.21 -1.83
CA HIS A 43 -2.57 -3.02 -3.04
C HIS A 43 -1.71 -4.28 -3.01
N GLU A 44 -0.41 -4.10 -2.98
CA GLU A 44 0.48 -5.29 -2.93
C GLU A 44 0.14 -6.08 -1.67
N ASN A 45 -0.46 -5.43 -0.71
CA ASN A 45 -0.84 -6.14 0.54
C ASN A 45 -2.13 -6.91 0.30
N LEU A 46 -2.98 -6.41 -0.56
CA LEU A 46 -4.26 -7.12 -0.84
C LEU A 46 -3.93 -8.49 -1.43
N ILE A 47 -2.90 -8.58 -2.23
CA ILE A 47 -2.51 -9.88 -2.83
C ILE A 47 -1.74 -10.71 -1.80
N ARG A 48 -0.74 -10.13 -1.19
CA ARG A 48 0.05 -10.88 -0.18
C ARG A 48 -0.80 -11.14 1.06
N GLN A 49 -1.58 -10.17 1.45
CA GLN A 49 -2.44 -10.32 2.66
C GLN A 49 -1.56 -10.49 3.90
N THR A 50 -0.49 -9.75 3.98
CA THR A 50 0.40 -9.85 5.17
C THR A 50 0.25 -8.60 6.02
N ASN A 51 -0.68 -7.75 5.70
CA ASN A 51 -0.88 -6.50 6.49
C ASN A 51 0.46 -5.76 6.62
N THR A 52 1.08 -5.43 5.51
CA THR A 52 2.38 -4.71 5.58
C THR A 52 2.12 -3.22 5.87
N HIS A 53 2.95 -2.63 6.68
CA HIS A 53 2.77 -1.19 6.99
C HIS A 53 3.92 -0.39 6.39
N ILE A 54 3.82 0.90 6.38
CA ILE A 54 4.92 1.73 5.81
C ILE A 54 6.05 1.84 6.82
N ARG A 55 7.25 1.52 6.44
CA ARG A 55 8.40 1.60 7.37
C ARG A 55 8.85 3.05 7.47
N SER A 56 8.98 3.70 6.35
CA SER A 56 9.43 5.12 6.35
C SER A 56 9.03 5.77 5.02
N THR A 57 8.74 7.04 5.03
CA THR A 57 8.35 7.71 3.76
C THR A 57 9.51 7.63 2.76
N GLY A 58 9.21 7.50 1.50
CA GLY A 58 10.29 7.41 0.48
C GLY A 58 10.65 5.94 0.26
N LYS A 59 11.38 5.66 -0.79
CA LYS A 59 11.77 4.24 -1.06
C LYS A 59 12.75 3.77 0.02
N CYS A 60 12.74 2.49 0.31
CA CYS A 60 13.69 1.97 1.35
C CYS A 60 15.12 2.26 0.92
N GLU A 61 16.01 2.42 1.87
CA GLU A 61 17.43 2.69 1.50
C GLU A 61 18.07 1.43 0.93
N ASP A 3 -1.53 4.75 7.17
CA ASP A 3 -0.79 3.46 7.03
C ASP A 3 -1.72 2.40 6.42
N SER A 4 -1.20 1.24 6.14
CA SER A 4 -2.05 0.17 5.54
C SER A 4 -3.32 0.01 6.37
N GLU A 5 -3.22 0.15 7.66
CA GLU A 5 -4.43 0.02 8.52
C GLU A 5 -5.51 0.98 8.01
N MET A 6 -5.10 2.05 7.39
CA MET A 6 -6.09 3.03 6.86
C MET A 6 -6.85 2.41 5.69
N CYS A 7 -6.21 1.50 4.99
CA CYS A 7 -6.89 0.85 3.82
C CYS A 7 -7.78 -0.28 4.33
N LYS A 8 -7.41 -0.91 5.41
CA LYS A 8 -8.23 -2.01 5.96
C LYS A 8 -9.62 -1.49 6.32
N ASP A 9 -9.73 -0.20 6.57
CA ASP A 9 -11.05 0.38 6.94
C ASP A 9 -11.91 0.51 5.68
N TYR A 10 -11.30 0.62 4.53
CA TYR A 10 -12.09 0.76 3.28
C TYR A 10 -12.08 -0.58 2.53
N ARG A 11 -13.06 -0.82 1.72
CA ARG A 11 -13.11 -2.10 0.96
C ARG A 11 -13.32 -1.80 -0.54
N VAL A 12 -12.64 -2.51 -1.39
CA VAL A 12 -12.80 -2.27 -2.85
C VAL A 12 -13.24 -3.56 -3.55
N LEU A 13 -14.05 -3.45 -4.56
CA LEU A 13 -14.51 -4.67 -5.30
C LEU A 13 -13.84 -4.73 -6.66
N PRO A 14 -14.09 -5.82 -7.41
CA PRO A 14 -13.51 -6.01 -8.75
C PRO A 14 -14.06 -4.99 -9.75
N ARG A 15 -15.24 -4.48 -9.51
CA ARG A 15 -15.81 -3.47 -10.44
C ARG A 15 -15.28 -2.09 -10.07
N ILE A 16 -15.02 -1.86 -8.81
CA ILE A 16 -14.49 -0.54 -8.37
C ILE A 16 -12.97 -0.54 -8.49
N GLY A 17 -12.34 -1.65 -8.18
CA GLY A 17 -10.86 -1.71 -8.29
C GLY A 17 -10.23 -0.79 -7.25
N TYR A 18 -9.14 -1.20 -6.65
CA TYR A 18 -8.48 -0.35 -5.63
C TYR A 18 -8.46 1.11 -6.09
N LEU A 19 -8.43 2.04 -5.17
CA LEU A 19 -8.42 3.47 -5.56
C LEU A 19 -7.20 4.16 -4.94
N CYS A 20 -6.31 4.67 -5.75
CA CYS A 20 -5.11 5.34 -5.22
C CYS A 20 -4.97 6.72 -5.87
N PRO A 21 -4.26 7.65 -5.22
CA PRO A 21 -4.05 9.00 -5.73
C PRO A 21 -3.12 9.01 -6.93
N LYS A 22 -3.07 10.10 -7.65
CA LYS A 22 -2.17 10.17 -8.84
C LYS A 22 -0.79 10.67 -8.42
N ASP A 23 -0.66 11.12 -7.19
CA ASP A 23 0.66 11.61 -6.72
C ASP A 23 1.55 10.42 -6.41
N LEU A 24 2.54 10.17 -7.25
CA LEU A 24 3.44 9.01 -7.00
C LEU A 24 4.35 9.31 -5.81
N LYS A 25 4.30 8.48 -4.80
CA LYS A 25 5.16 8.71 -3.60
C LYS A 25 5.69 7.36 -3.12
N PRO A 26 7.01 7.14 -3.28
CA PRO A 26 7.68 5.89 -2.88
C PRO A 26 7.66 5.67 -1.37
N VAL A 27 7.06 4.60 -0.92
CA VAL A 27 7.01 4.33 0.54
C VAL A 27 7.85 3.09 0.87
N CYS A 28 8.32 2.97 2.09
CA CYS A 28 9.13 1.78 2.46
C CYS A 28 8.24 0.76 3.17
N GLY A 29 7.99 -0.37 2.55
CA GLY A 29 7.12 -1.40 3.21
C GLY A 29 7.84 -1.95 4.44
N ASP A 30 7.12 -2.14 5.52
CA ASP A 30 7.76 -2.68 6.76
C ASP A 30 8.11 -4.15 6.56
N ASP A 31 7.74 -4.71 5.44
CA ASP A 31 8.06 -6.15 5.19
C ASP A 31 9.42 -6.22 4.48
N GLY A 32 10.10 -5.12 4.35
CA GLY A 32 11.43 -5.14 3.68
C GLY A 32 11.22 -4.89 2.18
N GLN A 33 10.06 -4.44 1.80
CA GLN A 33 9.79 -4.17 0.37
C GLN A 33 9.31 -2.73 0.19
N THR A 34 9.75 -2.07 -0.84
CA THR A 34 9.31 -0.66 -1.06
C THR A 34 8.26 -0.63 -2.16
N TYR A 35 7.40 0.36 -2.15
CA TYR A 35 6.35 0.44 -3.21
C TYR A 35 6.36 1.84 -3.81
N ASN A 36 6.14 1.94 -5.09
CA ASN A 36 6.15 3.27 -5.75
C ASN A 36 5.10 4.19 -5.09
N ASN A 37 3.85 3.98 -5.38
CA ASN A 37 2.80 4.84 -4.78
C ASN A 37 2.45 4.35 -3.38
N PRO A 38 2.09 5.28 -2.48
CA PRO A 38 1.73 4.95 -1.10
C PRO A 38 0.46 4.09 -1.04
N CYS A 39 -0.61 4.52 -1.66
CA CYS A 39 -1.85 3.70 -1.65
C CYS A 39 -1.53 2.36 -2.32
N MET A 40 -0.57 2.36 -3.21
CA MET A 40 -0.20 1.09 -3.90
C MET A 40 0.36 0.11 -2.86
N LEU A 41 0.73 0.60 -1.71
CA LEU A 41 1.27 -0.31 -0.67
C LEU A 41 0.14 -1.21 -0.16
N CYS A 42 -0.96 -0.64 0.25
CA CYS A 42 -2.09 -1.48 0.74
C CYS A 42 -2.33 -2.60 -0.28
N HIS A 43 -2.38 -2.27 -1.54
CA HIS A 43 -2.59 -3.32 -2.56
C HIS A 43 -1.62 -4.46 -2.28
N GLU A 44 -0.36 -4.14 -2.08
CA GLU A 44 0.63 -5.20 -1.78
C GLU A 44 0.09 -6.07 -0.65
N ASN A 45 -0.80 -5.54 0.14
CA ASN A 45 -1.39 -6.34 1.25
C ASN A 45 -2.48 -7.25 0.68
N LEU A 46 -3.24 -6.76 -0.27
CA LEU A 46 -4.31 -7.60 -0.87
C LEU A 46 -3.67 -8.75 -1.65
N ILE A 47 -2.57 -8.49 -2.30
CA ILE A 47 -1.90 -9.58 -3.07
C ILE A 47 -1.15 -10.50 -2.10
N ARG A 48 -0.34 -9.94 -1.26
CA ARG A 48 0.42 -10.78 -0.28
C ARG A 48 -0.55 -11.29 0.79
N GLN A 49 -1.67 -10.65 0.95
CA GLN A 49 -2.65 -11.09 1.98
C GLN A 49 -2.01 -11.01 3.36
N THR A 50 -1.19 -10.02 3.59
CA THR A 50 -0.53 -9.87 4.92
C THR A 50 -0.80 -8.47 5.47
N ASN A 51 -0.37 -8.20 6.67
CA ASN A 51 -0.61 -6.86 7.26
C ASN A 51 0.61 -5.97 7.02
N THR A 52 0.98 -5.76 5.79
CA THR A 52 2.17 -4.91 5.50
C THR A 52 1.78 -3.44 5.60
N HIS A 53 2.48 -2.68 6.39
CA HIS A 53 2.17 -1.24 6.52
C HIS A 53 3.33 -0.41 5.99
N ILE A 54 3.29 0.88 6.16
CA ILE A 54 4.39 1.74 5.66
C ILE A 54 5.49 1.84 6.72
N ARG A 55 6.69 1.48 6.37
CA ARG A 55 7.81 1.56 7.34
C ARG A 55 8.31 2.99 7.44
N SER A 56 8.64 3.57 6.32
CA SER A 56 9.14 4.97 6.32
C SER A 56 8.76 5.64 5.00
N THR A 57 8.44 6.90 5.02
CA THR A 57 8.06 7.60 3.76
C THR A 57 9.27 7.64 2.83
N GLY A 58 9.03 7.53 1.55
CA GLY A 58 10.16 7.56 0.58
C GLY A 58 10.62 6.13 0.30
N LYS A 59 11.33 5.93 -0.76
CA LYS A 59 11.82 4.57 -1.10
C LYS A 59 12.76 4.09 0.01
N CYS A 60 12.74 2.81 0.30
CA CYS A 60 13.62 2.28 1.37
C CYS A 60 15.03 2.07 0.82
N GLU A 61 16.01 2.06 1.67
CA GLU A 61 17.42 1.86 1.19
C GLU A 61 17.87 0.44 1.53
N ASP A 3 -0.96 3.71 6.01
CA ASP A 3 -0.61 2.44 6.68
C ASP A 3 -1.77 1.45 6.53
N SER A 4 -1.58 0.22 6.93
CA SER A 4 -2.67 -0.78 6.81
C SER A 4 -3.94 -0.23 7.46
N GLU A 5 -3.79 0.51 8.52
CA GLU A 5 -4.97 1.08 9.21
C GLU A 5 -5.84 1.80 8.17
N MET A 6 -5.23 2.26 7.11
CA MET A 6 -6.01 2.95 6.05
C MET A 6 -6.84 1.92 5.29
N CYS A 7 -6.42 0.68 5.32
CA CYS A 7 -7.17 -0.38 4.62
C CYS A 7 -8.35 -0.81 5.48
N LYS A 8 -8.32 -0.49 6.75
CA LYS A 8 -9.44 -0.88 7.65
C LYS A 8 -10.58 0.13 7.49
N ASP A 9 -10.50 1.01 6.53
CA ASP A 9 -11.58 2.02 6.33
C ASP A 9 -11.95 2.10 4.85
N TYR A 10 -11.35 1.28 4.02
CA TYR A 10 -11.69 1.32 2.57
C TYR A 10 -12.26 -0.03 2.13
N ARG A 11 -13.15 -0.03 1.18
CA ARG A 11 -13.74 -1.31 0.71
C ARG A 11 -13.63 -1.39 -0.82
N VAL A 12 -13.16 -2.48 -1.34
CA VAL A 12 -13.03 -2.59 -2.82
C VAL A 12 -13.74 -3.85 -3.32
N LEU A 13 -14.40 -3.76 -4.44
CA LEU A 13 -15.13 -4.93 -4.99
C LEU A 13 -14.52 -5.29 -6.35
N PRO A 14 -14.91 -6.45 -6.92
CA PRO A 14 -14.39 -6.88 -8.23
C PRO A 14 -14.84 -5.94 -9.35
N ARG A 15 -15.89 -5.21 -9.13
CA ARG A 15 -16.38 -4.26 -10.18
C ARG A 15 -15.80 -2.87 -9.91
N ILE A 16 -15.46 -2.58 -8.68
CA ILE A 16 -14.90 -1.23 -8.37
C ILE A 16 -13.38 -1.25 -8.53
N GLY A 17 -12.72 -2.21 -7.94
CA GLY A 17 -11.23 -2.26 -8.05
C GLY A 17 -10.61 -1.32 -7.04
N TYR A 18 -9.30 -1.16 -7.09
CA TYR A 18 -8.63 -0.24 -6.11
C TYR A 18 -8.52 1.15 -6.72
N LEU A 19 -8.57 2.18 -5.91
CA LEU A 19 -8.48 3.56 -6.44
C LEU A 19 -7.27 4.27 -5.82
N CYS A 20 -6.18 4.36 -6.53
CA CYS A 20 -4.98 5.04 -5.99
C CYS A 20 -4.74 6.35 -6.76
N PRO A 21 -4.02 7.29 -6.14
CA PRO A 21 -3.73 8.59 -6.76
C PRO A 21 -2.67 8.44 -7.87
N LYS A 22 -2.49 9.47 -8.66
CA LYS A 22 -1.48 9.39 -9.76
C LYS A 22 -0.12 9.83 -9.22
N ASP A 23 -0.11 10.65 -8.20
CA ASP A 23 1.20 11.10 -7.63
C ASP A 23 2.00 9.87 -7.19
N LEU A 24 3.20 9.73 -7.68
CA LEU A 24 4.03 8.55 -7.30
C LEU A 24 4.83 8.88 -6.03
N LYS A 25 4.57 8.19 -4.96
CA LYS A 25 5.32 8.47 -3.70
C LYS A 25 5.91 7.15 -3.17
N PRO A 26 7.22 6.94 -3.38
CA PRO A 26 7.92 5.73 -2.94
C PRO A 26 7.94 5.60 -1.42
N VAL A 27 7.30 4.59 -0.88
CA VAL A 27 7.30 4.42 0.59
C VAL A 27 8.06 3.16 0.97
N CYS A 28 8.59 3.11 2.16
CA CYS A 28 9.34 1.89 2.59
C CYS A 28 8.38 0.97 3.35
N GLY A 29 8.36 -0.28 3.02
CA GLY A 29 7.43 -1.22 3.73
C GLY A 29 8.11 -1.76 4.98
N ASP A 30 7.40 -1.84 6.07
CA ASP A 30 8.00 -2.35 7.33
C ASP A 30 8.34 -3.83 7.16
N ASP A 31 7.87 -4.46 6.12
CA ASP A 31 8.17 -5.89 5.91
C ASP A 31 9.54 -6.04 5.22
N GLY A 32 10.26 -4.96 5.10
CA GLY A 32 11.59 -5.03 4.43
C GLY A 32 11.40 -4.88 2.92
N GLN A 33 10.29 -4.32 2.52
CA GLN A 33 10.04 -4.13 1.06
C GLN A 33 9.74 -2.66 0.78
N THR A 34 9.57 -2.30 -0.46
CA THR A 34 9.26 -0.88 -0.79
C THR A 34 8.13 -0.82 -1.82
N TYR A 35 7.19 0.06 -1.64
CA TYR A 35 6.07 0.16 -2.60
C TYR A 35 6.13 1.50 -3.32
N ASN A 36 6.26 1.48 -4.62
CA ASN A 36 6.34 2.75 -5.39
C ASN A 36 5.27 3.73 -4.90
N ASN A 37 4.05 3.56 -5.31
CA ASN A 37 2.97 4.50 -4.87
C ASN A 37 2.47 4.10 -3.48
N PRO A 38 2.04 5.08 -2.68
CA PRO A 38 1.53 4.83 -1.31
C PRO A 38 0.26 3.97 -1.33
N CYS A 39 -0.75 4.38 -2.06
CA CYS A 39 -1.99 3.56 -2.11
C CYS A 39 -1.65 2.20 -2.74
N MET A 40 -0.63 2.16 -3.54
CA MET A 40 -0.22 0.87 -4.17
C MET A 40 0.25 -0.09 -3.08
N LEU A 41 0.47 0.41 -1.89
CA LEU A 41 0.92 -0.48 -0.79
C LEU A 41 -0.23 -1.39 -0.38
N CYS A 42 -1.31 -0.82 0.06
CA CYS A 42 -2.49 -1.65 0.45
C CYS A 42 -2.85 -2.55 -0.73
N HIS A 43 -2.55 -2.11 -1.92
CA HIS A 43 -2.86 -2.95 -3.12
C HIS A 43 -1.95 -4.17 -3.12
N GLU A 44 -0.67 -3.96 -3.16
CA GLU A 44 0.27 -5.12 -3.13
C GLU A 44 0.00 -5.93 -1.86
N ASN A 45 -0.65 -5.33 -0.90
CA ASN A 45 -0.95 -6.05 0.36
C ASN A 45 -2.14 -6.98 0.12
N LEU A 46 -3.05 -6.59 -0.75
CA LEU A 46 -4.22 -7.46 -1.04
C LEU A 46 -3.71 -8.81 -1.55
N ILE A 47 -2.69 -8.79 -2.35
CA ILE A 47 -2.13 -10.07 -2.88
C ILE A 47 -1.34 -10.76 -1.77
N ARG A 48 -0.46 -10.04 -1.13
CA ARG A 48 0.34 -10.66 -0.03
C ARG A 48 -0.61 -11.08 1.11
N GLN A 49 -1.71 -10.38 1.25
CA GLN A 49 -2.68 -10.74 2.33
C GLN A 49 -2.01 -10.54 3.70
N THR A 50 -1.31 -9.45 3.86
CA THR A 50 -0.64 -9.19 5.17
C THR A 50 -0.90 -7.75 5.60
N ASN A 51 -0.62 -7.42 6.83
CA ASN A 51 -0.86 -6.03 7.31
C ASN A 51 0.45 -5.23 7.21
N THR A 52 0.96 -5.09 6.02
CA THR A 52 2.22 -4.31 5.85
C THR A 52 1.95 -2.82 6.05
N HIS A 53 2.81 -2.16 6.77
CA HIS A 53 2.61 -0.70 7.00
C HIS A 53 3.77 0.06 6.36
N ILE A 54 3.80 1.36 6.49
CA ILE A 54 4.91 2.14 5.90
C ILE A 54 6.03 2.28 6.92
N ARG A 55 7.21 1.83 6.58
CA ARG A 55 8.35 1.93 7.54
C ARG A 55 8.90 3.35 7.53
N SER A 56 9.07 3.91 6.37
CA SER A 56 9.62 5.28 6.27
C SER A 56 9.22 5.89 4.93
N THR A 57 9.22 7.19 4.83
CA THR A 57 8.84 7.83 3.55
C THR A 57 9.98 7.70 2.54
N GLY A 58 9.67 7.38 1.31
CA GLY A 58 10.73 7.25 0.28
C GLY A 58 11.13 5.77 0.17
N LYS A 59 11.79 5.42 -0.90
CA LYS A 59 12.21 4.01 -1.09
C LYS A 59 12.93 3.53 0.18
N CYS A 60 13.01 2.24 0.38
CA CYS A 60 13.68 1.71 1.60
C CYS A 60 15.18 2.01 1.50
N GLU A 61 15.81 2.28 2.62
CA GLU A 61 17.28 2.57 2.59
C GLU A 61 18.06 1.26 2.50
N ASP A 3 -1.31 5.44 6.61
CA ASP A 3 -0.51 4.17 6.59
C ASP A 3 -1.40 3.00 6.18
N SER A 4 -0.84 1.83 6.07
CA SER A 4 -1.66 0.65 5.67
C SER A 4 -2.88 0.54 6.59
N GLU A 5 -2.70 0.81 7.85
CA GLU A 5 -3.84 0.73 8.80
C GLU A 5 -5.01 1.53 8.22
N MET A 6 -4.71 2.56 7.49
CA MET A 6 -5.78 3.39 6.88
C MET A 6 -6.52 2.54 5.85
N CYS A 7 -5.85 1.57 5.27
CA CYS A 7 -6.50 0.70 4.25
C CYS A 7 -7.32 -0.37 4.96
N LYS A 8 -7.19 -0.47 6.27
CA LYS A 8 -7.98 -1.48 7.01
C LYS A 8 -9.39 -0.95 7.27
N ASP A 9 -9.77 0.13 6.64
CA ASP A 9 -11.13 0.70 6.86
C ASP A 9 -11.86 0.90 5.53
N TYR A 10 -11.30 0.44 4.44
CA TYR A 10 -11.99 0.63 3.13
C TYR A 10 -12.57 -0.70 2.65
N ARG A 11 -13.16 -0.72 1.48
CA ARG A 11 -13.74 -1.99 0.95
C ARG A 11 -13.72 -1.93 -0.58
N VAL A 12 -13.18 -2.94 -1.21
CA VAL A 12 -13.13 -2.95 -2.70
C VAL A 12 -13.74 -4.25 -3.24
N LEU A 13 -14.40 -4.18 -4.37
CA LEU A 13 -15.03 -5.40 -4.94
C LEU A 13 -14.40 -5.68 -6.31
N PRO A 14 -14.80 -6.79 -6.95
CA PRO A 14 -14.27 -7.17 -8.28
C PRO A 14 -14.71 -6.18 -9.37
N ARG A 15 -15.78 -5.47 -9.13
CA ARG A 15 -16.26 -4.49 -10.14
C ARG A 15 -15.74 -3.09 -9.80
N ILE A 16 -15.49 -2.83 -8.54
CA ILE A 16 -14.98 -1.49 -8.15
C ILE A 16 -13.47 -1.44 -8.31
N GLY A 17 -12.78 -2.43 -7.84
CA GLY A 17 -11.29 -2.44 -7.97
C GLY A 17 -10.68 -1.51 -6.91
N TYR A 18 -9.37 -1.43 -6.86
CA TYR A 18 -8.73 -0.55 -5.86
C TYR A 18 -8.69 0.89 -6.40
N LEU A 19 -8.77 1.86 -5.53
CA LEU A 19 -8.74 3.28 -5.99
C LEU A 19 -7.54 4.00 -5.37
N CYS A 20 -6.52 4.24 -6.16
CA CYS A 20 -5.32 4.95 -5.62
C CYS A 20 -5.18 6.29 -6.34
N PRO A 21 -4.51 7.26 -5.70
CA PRO A 21 -4.29 8.58 -6.28
C PRO A 21 -3.27 8.55 -7.41
N LYS A 22 -3.20 9.59 -8.20
CA LYS A 22 -2.23 9.60 -9.32
C LYS A 22 -0.86 10.05 -8.78
N ASP A 23 -0.85 10.90 -7.79
CA ASP A 23 0.45 11.37 -7.24
C ASP A 23 1.29 10.15 -6.84
N LEU A 24 2.54 10.13 -7.23
CA LEU A 24 3.40 8.97 -6.87
C LEU A 24 4.21 9.30 -5.62
N LYS A 25 4.04 8.53 -4.58
CA LYS A 25 4.80 8.79 -3.32
C LYS A 25 5.41 7.48 -2.84
N PRO A 26 6.73 7.33 -3.00
CA PRO A 26 7.46 6.11 -2.61
C PRO A 26 7.43 5.88 -1.09
N VAL A 27 6.95 4.75 -0.67
CA VAL A 27 6.89 4.45 0.78
C VAL A 27 7.76 3.24 1.10
N CYS A 28 8.22 3.14 2.33
CA CYS A 28 9.06 1.97 2.71
C CYS A 28 8.17 0.92 3.39
N GLY A 29 8.36 -0.33 3.07
CA GLY A 29 7.51 -1.39 3.68
C GLY A 29 8.18 -1.90 4.96
N ASP A 30 7.42 -2.07 6.01
CA ASP A 30 8.01 -2.58 7.28
C ASP A 30 8.47 -4.03 7.09
N ASP A 31 8.09 -4.64 5.99
CA ASP A 31 8.51 -6.05 5.75
C ASP A 31 9.85 -6.06 5.01
N GLY A 32 10.50 -4.93 4.93
CA GLY A 32 11.81 -4.88 4.23
C GLY A 32 11.58 -4.66 2.72
N GLN A 33 10.42 -4.19 2.36
CA GLN A 33 10.13 -3.96 0.91
C GLN A 33 9.81 -2.48 0.69
N THR A 34 9.57 -2.11 -0.54
CA THR A 34 9.25 -0.68 -0.83
C THR A 34 8.13 -0.62 -1.88
N TYR A 35 7.17 0.25 -1.69
CA TYR A 35 6.05 0.35 -2.67
C TYR A 35 6.06 1.76 -3.29
N ASN A 36 6.04 1.84 -4.59
CA ASN A 36 6.05 3.18 -5.24
C ASN A 36 4.94 4.05 -4.66
N ASN A 37 3.72 3.86 -5.09
CA ASN A 37 2.60 4.69 -4.56
C ASN A 37 2.14 4.12 -3.21
N PRO A 38 1.69 5.00 -2.30
CA PRO A 38 1.21 4.60 -0.97
C PRO A 38 -0.03 3.71 -1.06
N CYS A 39 -1.04 4.14 -1.78
CA CYS A 39 -2.26 3.30 -1.90
C CYS A 39 -1.86 2.00 -2.61
N MET A 40 -0.83 2.05 -3.40
CA MET A 40 -0.37 0.84 -4.12
C MET A 40 0.22 -0.14 -3.10
N LEU A 41 0.49 0.33 -1.91
CA LEU A 41 1.07 -0.56 -0.87
C LEU A 41 -0.02 -1.51 -0.36
N CYS A 42 -1.16 -1.00 0.00
CA CYS A 42 -2.24 -1.90 0.47
C CYS A 42 -2.69 -2.76 -0.70
N HIS A 43 -2.44 -2.31 -1.90
CA HIS A 43 -2.82 -3.11 -3.09
C HIS A 43 -1.97 -4.38 -3.13
N GLU A 44 -0.67 -4.22 -3.13
CA GLU A 44 0.21 -5.41 -3.14
C GLU A 44 -0.03 -6.21 -1.86
N ASN A 45 -0.64 -5.59 -0.88
CA ASN A 45 -0.91 -6.30 0.40
C ASN A 45 -2.14 -7.18 0.24
N LEU A 46 -3.02 -6.82 -0.66
CA LEU A 46 -4.25 -7.64 -0.87
C LEU A 46 -3.83 -8.97 -1.51
N ILE A 47 -2.81 -8.95 -2.33
CA ILE A 47 -2.34 -10.20 -2.99
C ILE A 47 -1.51 -11.00 -1.98
N ARG A 48 -0.55 -10.36 -1.36
CA ARG A 48 0.29 -11.09 -0.36
C ARG A 48 -0.51 -11.32 0.91
N GLN A 49 -1.37 -10.39 1.26
CA GLN A 49 -2.19 -10.54 2.49
C GLN A 49 -1.27 -10.66 3.70
N THR A 50 -0.20 -9.92 3.73
CA THR A 50 0.73 -9.99 4.89
C THR A 50 0.53 -8.77 5.79
N ASN A 51 -0.57 -8.08 5.63
CA ASN A 51 -0.81 -6.89 6.48
C ASN A 51 0.47 -6.05 6.57
N THR A 52 1.05 -5.71 5.45
CA THR A 52 2.30 -4.91 5.46
C THR A 52 1.95 -3.45 5.79
N HIS A 53 2.83 -2.77 6.49
CA HIS A 53 2.56 -1.35 6.84
C HIS A 53 3.71 -0.48 6.32
N ILE A 54 3.53 0.81 6.33
CA ILE A 54 4.62 1.70 5.84
C ILE A 54 5.69 1.86 6.93
N ARG A 55 6.91 1.55 6.61
CA ARG A 55 8.00 1.69 7.62
C ARG A 55 8.42 3.15 7.72
N SER A 56 8.56 3.79 6.60
CA SER A 56 8.98 5.22 6.60
C SER A 56 8.61 5.85 5.25
N THR A 57 8.30 7.11 5.24
CA THR A 57 7.92 7.76 3.95
C THR A 57 9.12 7.76 3.01
N GLY A 58 8.87 7.61 1.73
CA GLY A 58 10.00 7.59 0.75
C GLY A 58 10.47 6.15 0.55
N LYS A 59 11.21 5.91 -0.48
CA LYS A 59 11.72 4.53 -0.74
C LYS A 59 12.60 4.09 0.44
N CYS A 60 12.66 2.81 0.69
CA CYS A 60 13.48 2.32 1.83
C CYS A 60 14.94 2.75 1.63
N GLU A 61 15.67 2.91 2.70
CA GLU A 61 17.10 3.33 2.56
C GLU A 61 18.00 2.17 2.96
N ASP A 3 -1.87 5.10 4.26
CA ASP A 3 -1.10 4.15 5.09
C ASP A 3 -1.95 2.92 5.41
N SER A 4 -1.38 1.92 6.02
CA SER A 4 -2.16 0.71 6.37
C SER A 4 -3.47 1.13 7.05
N GLU A 5 -3.41 2.14 7.86
CA GLU A 5 -4.65 2.61 8.55
C GLU A 5 -5.75 2.78 7.51
N MET A 6 -5.38 3.04 6.29
CA MET A 6 -6.41 3.20 5.22
C MET A 6 -7.04 1.83 4.93
N CYS A 7 -6.31 0.78 5.17
CA CYS A 7 -6.86 -0.58 4.92
C CYS A 7 -7.74 -0.98 6.11
N LYS A 8 -7.69 -0.24 7.18
CA LYS A 8 -8.51 -0.57 8.37
C LYS A 8 -9.99 -0.65 7.97
N ASP A 9 -10.37 0.05 6.94
CA ASP A 9 -11.80 0.02 6.52
C ASP A 9 -11.89 0.29 5.01
N TYR A 10 -11.37 -0.61 4.21
CA TYR A 10 -11.44 -0.40 2.73
C TYR A 10 -12.01 -1.66 2.07
N ARG A 11 -12.31 -1.59 0.80
CA ARG A 11 -12.87 -2.78 0.10
C ARG A 11 -12.35 -2.80 -1.34
N VAL A 12 -12.30 -3.97 -1.93
CA VAL A 12 -11.80 -4.05 -3.33
C VAL A 12 -12.54 -5.17 -4.07
N LEU A 13 -13.10 -4.86 -5.21
CA LEU A 13 -13.85 -5.90 -5.99
C LEU A 13 -13.15 -6.11 -7.33
N PRO A 14 -13.61 -7.11 -8.10
CA PRO A 14 -13.04 -7.43 -9.42
C PRO A 14 -13.28 -6.29 -10.41
N ARG A 15 -14.29 -5.49 -10.17
CA ARG A 15 -14.57 -4.35 -11.10
C ARG A 15 -14.13 -3.05 -10.45
N ILE A 16 -14.26 -2.96 -9.15
CA ILE A 16 -13.85 -1.71 -8.45
C ILE A 16 -12.33 -1.73 -8.23
N GLY A 17 -11.79 -2.87 -7.87
CA GLY A 17 -10.32 -2.96 -7.65
C GLY A 17 -9.92 -2.09 -6.46
N TYR A 18 -8.77 -1.49 -6.51
CA TYR A 18 -8.33 -0.63 -5.39
C TYR A 18 -8.44 0.84 -5.78
N LEU A 19 -8.52 1.72 -4.82
CA LEU A 19 -8.64 3.17 -5.14
C LEU A 19 -7.46 3.92 -4.53
N CYS A 20 -6.61 4.47 -5.36
CA CYS A 20 -5.44 5.23 -4.83
C CYS A 20 -5.38 6.61 -5.48
N PRO A 21 -4.75 7.57 -4.81
CA PRO A 21 -4.62 8.94 -5.31
C PRO A 21 -3.66 9.02 -6.51
N LYS A 22 -3.61 10.14 -7.17
CA LYS A 22 -2.70 10.27 -8.35
C LYS A 22 -1.34 10.81 -7.89
N ASP A 23 -1.26 11.30 -6.69
CA ASP A 23 0.04 11.83 -6.19
C ASP A 23 0.99 10.67 -5.90
N LEU A 24 2.07 10.59 -6.62
CA LEU A 24 3.03 9.47 -6.38
C LEU A 24 3.79 9.71 -5.08
N LYS A 25 3.78 8.76 -4.19
CA LYS A 25 4.50 8.93 -2.91
C LYS A 25 5.19 7.61 -2.54
N PRO A 26 6.51 7.52 -2.80
CA PRO A 26 7.31 6.32 -2.52
C PRO A 26 7.36 6.01 -1.03
N VAL A 27 6.85 4.86 -0.64
CA VAL A 27 6.89 4.49 0.80
C VAL A 27 7.75 3.24 1.00
N CYS A 28 8.28 3.07 2.17
CA CYS A 28 9.10 1.85 2.45
C CYS A 28 8.19 0.83 3.13
N GLY A 29 8.28 -0.42 2.75
CA GLY A 29 7.41 -1.45 3.39
C GLY A 29 8.15 -2.11 4.55
N ASP A 30 7.47 -2.35 5.64
CA ASP A 30 8.13 -3.00 6.80
C ASP A 30 8.54 -4.44 6.43
N ASP A 31 8.12 -4.91 5.29
CA ASP A 31 8.49 -6.29 4.87
C ASP A 31 9.81 -6.26 4.10
N GLY A 32 10.51 -5.16 4.16
CA GLY A 32 11.81 -5.08 3.42
C GLY A 32 11.52 -4.79 1.95
N GLN A 33 10.41 -4.17 1.65
CA GLN A 33 10.09 -3.87 0.23
C GLN A 33 9.69 -2.39 0.10
N THR A 34 9.47 -1.93 -1.10
CA THR A 34 9.06 -0.51 -1.27
C THR A 34 7.85 -0.43 -2.21
N TYR A 35 7.05 0.58 -2.07
CA TYR A 35 5.86 0.70 -2.95
C TYR A 35 5.78 2.13 -3.50
N ASN A 36 5.82 2.28 -4.80
CA ASN A 36 5.77 3.65 -5.39
C ASN A 36 4.70 4.48 -4.68
N ASN A 37 3.45 4.27 -4.99
CA ASN A 37 2.37 5.06 -4.32
C ASN A 37 2.06 4.42 -2.97
N PRO A 38 1.69 5.24 -1.97
CA PRO A 38 1.36 4.75 -0.62
C PRO A 38 0.12 3.86 -0.65
N CYS A 39 -0.95 4.32 -1.24
CA CYS A 39 -2.17 3.47 -1.30
C CYS A 39 -1.84 2.21 -2.09
N MET A 40 -0.85 2.29 -2.95
CA MET A 40 -0.44 1.10 -3.74
C MET A 40 0.17 0.07 -2.81
N LEU A 41 0.58 0.50 -1.64
CA LEU A 41 1.17 -0.45 -0.67
C LEU A 41 0.10 -1.43 -0.20
N CYS A 42 -1.03 -0.94 0.24
CA CYS A 42 -2.12 -1.84 0.69
C CYS A 42 -2.39 -2.87 -0.42
N HIS A 43 -2.47 -2.42 -1.64
CA HIS A 43 -2.71 -3.37 -2.76
C HIS A 43 -1.72 -4.53 -2.63
N GLU A 44 -0.47 -4.21 -2.45
CA GLU A 44 0.55 -5.28 -2.30
C GLU A 44 0.16 -6.17 -1.13
N ASN A 45 -0.67 -5.69 -0.25
CA ASN A 45 -1.10 -6.52 0.91
C ASN A 45 -2.19 -7.48 0.43
N LEU A 46 -3.00 -7.05 -0.51
CA LEU A 46 -4.08 -7.93 -1.02
C LEU A 46 -3.47 -9.11 -1.78
N ILE A 47 -2.52 -8.85 -2.63
CA ILE A 47 -1.87 -9.95 -3.40
C ILE A 47 -1.10 -10.84 -2.42
N ARG A 48 -0.25 -10.26 -1.63
CA ARG A 48 0.53 -11.07 -0.66
C ARG A 48 -0.39 -11.57 0.45
N GLN A 49 -1.52 -10.94 0.61
CA GLN A 49 -2.48 -11.37 1.67
C GLN A 49 -1.82 -11.25 3.04
N THR A 50 -0.99 -10.27 3.22
CA THR A 50 -0.32 -10.09 4.54
C THR A 50 -0.62 -8.69 5.08
N ASN A 51 -0.07 -8.35 6.21
CA ASN A 51 -0.34 -7.00 6.79
C ASN A 51 0.92 -6.13 6.64
N THR A 52 1.31 -5.83 5.44
CA THR A 52 2.52 -4.98 5.23
C THR A 52 2.17 -3.52 5.46
N HIS A 53 2.91 -2.84 6.29
CA HIS A 53 2.61 -1.41 6.56
C HIS A 53 3.77 -0.55 6.03
N ILE A 54 3.76 0.71 6.31
CA ILE A 54 4.86 1.58 5.83
C ILE A 54 5.99 1.60 6.85
N ARG A 55 7.18 1.25 6.44
CA ARG A 55 8.33 1.26 7.39
C ARG A 55 8.86 2.68 7.54
N SER A 56 8.96 3.38 6.46
CA SER A 56 9.47 4.78 6.51
C SER A 56 9.06 5.52 5.23
N THR A 57 8.69 6.77 5.35
CA THR A 57 8.27 7.53 4.15
C THR A 57 9.41 7.54 3.12
N GLY A 58 9.08 7.41 1.86
CA GLY A 58 10.13 7.42 0.82
C GLY A 58 10.50 5.98 0.45
N LYS A 59 11.19 5.79 -0.64
CA LYS A 59 11.58 4.42 -1.05
C LYS A 59 12.60 3.86 -0.05
N CYS A 60 12.53 2.59 0.22
CA CYS A 60 13.49 1.99 1.20
C CYS A 60 14.92 2.32 0.78
N GLU A 61 15.81 2.45 1.72
CA GLU A 61 17.22 2.78 1.36
C GLU A 61 18.16 2.26 2.46
N ASP A 3 -1.39 4.11 4.77
CA ASP A 3 -0.88 2.87 5.43
C ASP A 3 -2.02 1.89 5.65
N SER A 4 -1.75 0.78 6.28
CA SER A 4 -2.82 -0.22 6.54
C SER A 4 -4.03 0.48 7.14
N GLU A 5 -3.80 1.50 7.92
CA GLU A 5 -4.94 2.23 8.54
C GLU A 5 -5.95 2.57 7.45
N MET A 6 -5.48 2.77 6.25
CA MET A 6 -6.42 3.08 5.13
C MET A 6 -7.12 1.80 4.69
N CYS A 7 -6.49 0.68 4.87
CA CYS A 7 -7.12 -0.61 4.48
C CYS A 7 -8.10 -1.05 5.58
N LYS A 8 -8.14 -0.32 6.67
CA LYS A 8 -9.07 -0.70 7.77
C LYS A 8 -10.52 -0.67 7.28
N ASP A 9 -10.81 0.16 6.32
CA ASP A 9 -12.22 0.24 5.82
C ASP A 9 -12.23 0.51 4.32
N TYR A 10 -11.68 -0.38 3.54
CA TYR A 10 -11.68 -0.16 2.05
C TYR A 10 -12.26 -1.41 1.37
N ARG A 11 -12.51 -1.32 0.09
CA ARG A 11 -13.07 -2.49 -0.64
C ARG A 11 -12.52 -2.53 -2.06
N VAL A 12 -12.37 -3.71 -2.62
CA VAL A 12 -11.83 -3.81 -4.00
C VAL A 12 -12.62 -4.87 -4.77
N LEU A 13 -13.04 -4.56 -5.97
CA LEU A 13 -13.82 -5.54 -6.77
C LEU A 13 -13.12 -5.77 -8.12
N PRO A 14 -13.64 -6.70 -8.93
CA PRO A 14 -13.06 -6.99 -10.25
C PRO A 14 -13.23 -5.82 -11.22
N ARG A 15 -14.22 -5.00 -11.00
CA ARG A 15 -14.43 -3.83 -11.90
C ARG A 15 -14.04 -2.56 -11.16
N ILE A 16 -14.14 -2.57 -9.85
CA ILE A 16 -13.77 -1.36 -9.07
C ILE A 16 -12.24 -1.32 -8.87
N GLY A 17 -11.63 -2.45 -8.62
CA GLY A 17 -10.16 -2.48 -8.43
C GLY A 17 -9.82 -1.78 -7.11
N TYR A 18 -8.70 -1.11 -7.06
CA TYR A 18 -8.32 -0.40 -5.80
C TYR A 18 -8.40 1.11 -6.02
N LEU A 19 -8.58 1.86 -4.98
CA LEU A 19 -8.68 3.34 -5.15
C LEU A 19 -7.46 4.02 -4.51
N CYS A 20 -6.74 4.79 -5.27
CA CYS A 20 -5.54 5.48 -4.74
C CYS A 20 -5.46 6.88 -5.36
N PRO A 21 -4.80 7.82 -4.66
CA PRO A 21 -4.65 9.20 -5.14
C PRO A 21 -3.71 9.28 -6.35
N LYS A 22 -3.73 10.37 -7.05
CA LYS A 22 -2.84 10.50 -8.24
C LYS A 22 -1.46 10.95 -7.79
N ASP A 23 -1.37 11.63 -6.68
CA ASP A 23 -0.04 12.10 -6.19
C ASP A 23 0.85 10.88 -5.93
N LEU A 24 2.05 10.89 -6.46
CA LEU A 24 2.95 9.72 -6.25
C LEU A 24 3.77 9.94 -4.97
N LYS A 25 3.68 9.03 -4.05
CA LYS A 25 4.46 9.18 -2.78
C LYS A 25 5.15 7.85 -2.46
N PRO A 26 6.46 7.77 -2.71
CA PRO A 26 7.26 6.57 -2.47
C PRO A 26 7.33 6.20 -0.99
N VAL A 27 6.90 5.02 -0.64
CA VAL A 27 6.94 4.60 0.79
C VAL A 27 7.77 3.32 0.94
N CYS A 28 8.31 3.09 2.09
CA CYS A 28 9.10 1.84 2.30
C CYS A 28 8.20 0.83 3.01
N GLY A 29 8.23 -0.41 2.61
CA GLY A 29 7.36 -1.43 3.26
C GLY A 29 8.14 -2.16 4.36
N ASP A 30 7.52 -2.40 5.47
CA ASP A 30 8.21 -3.11 6.59
C ASP A 30 8.58 -4.53 6.14
N ASP A 31 8.07 -4.96 5.03
CA ASP A 31 8.40 -6.33 4.54
C ASP A 31 9.69 -6.28 3.74
N GLY A 32 10.41 -5.20 3.82
CA GLY A 32 11.69 -5.10 3.07
C GLY A 32 11.39 -4.75 1.60
N GLN A 33 10.22 -4.23 1.33
CA GLN A 33 9.87 -3.87 -0.07
C GLN A 33 9.47 -2.40 -0.14
N THR A 34 9.53 -1.80 -1.31
CA THR A 34 9.16 -0.37 -1.43
C THR A 34 7.98 -0.23 -2.39
N TYR A 35 7.08 0.66 -2.11
CA TYR A 35 5.91 0.85 -3.02
C TYR A 35 5.90 2.30 -3.51
N ASN A 36 5.75 2.50 -4.79
CA ASN A 36 5.73 3.88 -5.32
C ASN A 36 4.67 4.71 -4.59
N ASN A 37 3.43 4.50 -4.90
CA ASN A 37 2.35 5.28 -4.22
C ASN A 37 2.02 4.62 -2.88
N PRO A 38 1.65 5.43 -1.87
CA PRO A 38 1.30 4.92 -0.53
C PRO A 38 0.06 4.02 -0.59
N CYS A 39 -1.00 4.48 -1.20
CA CYS A 39 -2.21 3.61 -1.29
C CYS A 39 -1.83 2.34 -2.06
N MET A 40 -0.88 2.46 -2.95
CA MET A 40 -0.44 1.27 -3.73
C MET A 40 0.19 0.26 -2.77
N LEU A 41 0.65 0.70 -1.63
CA LEU A 41 1.25 -0.25 -0.66
C LEU A 41 0.17 -1.22 -0.19
N CYS A 42 -0.98 -0.71 0.17
CA CYS A 42 -2.08 -1.62 0.60
C CYS A 42 -2.29 -2.67 -0.48
N HIS A 43 -2.10 -2.29 -1.71
CA HIS A 43 -2.27 -3.27 -2.82
C HIS A 43 -1.39 -4.49 -2.55
N GLU A 44 -0.14 -4.26 -2.25
CA GLU A 44 0.77 -5.40 -1.96
C GLU A 44 0.17 -6.22 -0.82
N ASN A 45 -0.71 -5.63 -0.05
CA ASN A 45 -1.33 -6.37 1.09
C ASN A 45 -2.44 -7.28 0.55
N LEU A 46 -3.10 -6.85 -0.51
CA LEU A 46 -4.19 -7.68 -1.08
C LEU A 46 -3.58 -8.93 -1.72
N ILE A 47 -2.49 -8.78 -2.42
CA ILE A 47 -1.85 -9.97 -3.06
C ILE A 47 -1.21 -10.84 -1.98
N ARG A 48 -0.36 -10.27 -1.18
CA ARG A 48 0.29 -11.07 -0.10
C ARG A 48 -0.74 -11.41 0.97
N GLN A 49 -1.80 -10.67 1.04
CA GLN A 49 -2.85 -10.95 2.06
C GLN A 49 -2.24 -10.80 3.46
N THR A 50 -1.31 -9.91 3.61
CA THR A 50 -0.68 -9.69 4.94
C THR A 50 -0.92 -8.25 5.40
N ASN A 51 -0.48 -7.92 6.59
CA ASN A 51 -0.69 -6.53 7.09
C ASN A 51 0.60 -5.73 6.92
N THR A 52 1.05 -5.58 5.70
CA THR A 52 2.31 -4.81 5.47
C THR A 52 2.05 -3.32 5.71
N HIS A 53 2.88 -2.68 6.47
CA HIS A 53 2.69 -1.23 6.73
C HIS A 53 3.86 -0.44 6.15
N ILE A 54 3.91 0.84 6.37
CA ILE A 54 5.02 1.65 5.83
C ILE A 54 6.19 1.63 6.81
N ARG A 55 7.35 1.22 6.37
CA ARG A 55 8.53 1.18 7.27
C ARG A 55 9.12 2.59 7.39
N SER A 56 9.16 3.31 6.30
CA SER A 56 9.71 4.68 6.32
C SER A 56 9.16 5.46 5.12
N THR A 57 9.08 6.75 5.24
CA THR A 57 8.54 7.56 4.10
C THR A 57 9.59 7.62 2.98
N GLY A 58 9.15 7.63 1.75
CA GLY A 58 10.10 7.67 0.61
C GLY A 58 10.51 6.24 0.24
N LYS A 59 11.09 6.09 -0.92
CA LYS A 59 11.51 4.73 -1.36
C LYS A 59 12.57 4.18 -0.39
N CYS A 60 12.57 2.90 -0.14
CA CYS A 60 13.58 2.33 0.79
C CYS A 60 14.91 2.17 0.06
N GLU A 61 15.98 2.13 0.78
CA GLU A 61 17.32 1.99 0.13
C GLU A 61 18.38 1.69 1.19
N ASP A 3 -1.44 4.27 6.83
CA ASP A 3 -1.01 2.93 7.30
C ASP A 3 -2.13 1.92 7.06
N SER A 4 -1.96 0.70 7.50
CA SER A 4 -3.01 -0.33 7.29
C SER A 4 -4.37 0.24 7.67
N GLU A 5 -4.41 1.15 8.61
CA GLU A 5 -5.71 1.74 9.02
C GLU A 5 -6.42 2.30 7.79
N MET A 6 -5.68 2.58 6.75
CA MET A 6 -6.31 3.13 5.51
C MET A 6 -6.96 1.98 4.76
N CYS A 7 -6.48 0.79 4.92
CA CYS A 7 -7.06 -0.38 4.22
C CYS A 7 -8.30 -0.86 4.98
N LYS A 8 -8.42 -0.50 6.23
CA LYS A 8 -9.59 -0.92 7.03
C LYS A 8 -10.79 -0.01 6.72
N ASP A 9 -10.68 0.82 5.73
CA ASP A 9 -11.81 1.73 5.40
C ASP A 9 -12.08 1.72 3.89
N TYR A 10 -11.35 0.92 3.16
CA TYR A 10 -11.58 0.87 1.68
C TYR A 10 -11.99 -0.55 1.26
N ARG A 11 -12.85 -0.65 0.29
CA ARG A 11 -13.29 -2.00 -0.17
C ARG A 11 -13.10 -2.09 -1.69
N VAL A 12 -12.47 -3.13 -2.16
CA VAL A 12 -12.24 -3.25 -3.62
C VAL A 12 -12.97 -4.49 -4.17
N LEU A 13 -13.52 -4.37 -5.34
CA LEU A 13 -14.25 -5.52 -5.95
C LEU A 13 -13.66 -5.80 -7.34
N PRO A 14 -14.06 -6.92 -7.97
CA PRO A 14 -13.56 -7.30 -9.30
C PRO A 14 -14.02 -6.31 -10.37
N ARG A 15 -15.08 -5.59 -10.12
CA ARG A 15 -15.57 -4.61 -11.12
C ARG A 15 -15.05 -3.21 -10.75
N ILE A 16 -14.83 -2.97 -9.48
CA ILE A 16 -14.31 -1.63 -9.06
C ILE A 16 -12.79 -1.60 -9.22
N GLY A 17 -12.11 -2.61 -8.73
CA GLY A 17 -10.63 -2.64 -8.86
C GLY A 17 -10.01 -1.87 -7.68
N TYR A 18 -8.72 -1.72 -7.68
CA TYR A 18 -8.05 -0.99 -6.57
C TYR A 18 -8.17 0.51 -6.79
N LEU A 19 -8.16 1.29 -5.74
CA LEU A 19 -8.27 2.76 -5.89
C LEU A 19 -7.12 3.45 -5.14
N CYS A 20 -6.48 4.41 -5.77
CA CYS A 20 -5.36 5.12 -5.10
C CYS A 20 -5.34 6.57 -5.57
N PRO A 21 -4.71 7.46 -4.79
CA PRO A 21 -4.61 8.89 -5.13
C PRO A 21 -3.69 9.12 -6.32
N LYS A 22 -3.72 10.30 -6.88
CA LYS A 22 -2.84 10.58 -8.05
C LYS A 22 -1.45 11.01 -7.57
N ASP A 23 -1.35 11.49 -6.36
CA ASP A 23 -0.02 11.92 -5.84
C ASP A 23 0.88 10.69 -5.67
N LEU A 24 1.95 10.62 -6.41
CA LEU A 24 2.87 9.45 -6.29
C LEU A 24 3.88 9.70 -5.17
N LYS A 25 3.91 8.86 -4.18
CA LYS A 25 4.89 9.05 -3.07
C LYS A 25 5.53 7.70 -2.74
N PRO A 26 6.83 7.57 -3.00
CA PRO A 26 7.58 6.33 -2.74
C PRO A 26 7.64 5.99 -1.25
N VAL A 27 7.06 4.89 -0.87
CA VAL A 27 7.08 4.50 0.58
C VAL A 27 7.90 3.23 0.76
N CYS A 28 8.42 3.02 1.94
CA CYS A 28 9.22 1.79 2.20
C CYS A 28 8.33 0.78 2.92
N GLY A 29 8.19 -0.40 2.39
CA GLY A 29 7.32 -1.42 3.06
C GLY A 29 8.10 -2.09 4.20
N ASP A 30 7.47 -2.29 5.33
CA ASP A 30 8.16 -2.93 6.47
C ASP A 30 8.56 -4.37 6.10
N ASP A 31 8.06 -4.86 5.00
CA ASP A 31 8.40 -6.25 4.58
C ASP A 31 9.69 -6.23 3.76
N GLY A 32 10.43 -5.16 3.83
CA GLY A 32 11.71 -5.09 3.05
C GLY A 32 11.39 -4.79 1.59
N GLN A 33 10.21 -4.27 1.33
CA GLN A 33 9.84 -3.95 -0.08
C GLN A 33 9.52 -2.46 -0.19
N THR A 34 9.40 -1.96 -1.39
CA THR A 34 9.08 -0.51 -1.57
C THR A 34 7.90 -0.36 -2.52
N TYR A 35 7.04 0.59 -2.27
CA TYR A 35 5.86 0.79 -3.16
C TYR A 35 5.87 2.22 -3.69
N ASN A 36 5.98 2.37 -4.99
CA ASN A 36 6.00 3.74 -5.59
C ASN A 36 4.94 4.61 -4.91
N ASN A 37 3.71 4.41 -5.23
CA ASN A 37 2.63 5.23 -4.61
C ASN A 37 2.28 4.64 -3.23
N PRO A 38 1.83 5.48 -2.29
CA PRO A 38 1.47 5.06 -0.94
C PRO A 38 0.29 4.08 -0.95
N CYS A 39 -0.81 4.44 -1.55
CA CYS A 39 -1.97 3.52 -1.60
C CYS A 39 -1.51 2.23 -2.29
N MET A 40 -0.58 2.34 -3.19
CA MET A 40 -0.08 1.13 -3.91
C MET A 40 0.50 0.16 -2.88
N LEU A 41 0.86 0.65 -1.72
CA LEU A 41 1.40 -0.25 -0.67
C LEU A 41 0.30 -1.20 -0.22
N CYS A 42 -0.83 -0.66 0.17
CA CYS A 42 -1.95 -1.53 0.60
C CYS A 42 -2.17 -2.59 -0.46
N HIS A 43 -1.85 -2.28 -1.69
CA HIS A 43 -2.01 -3.28 -2.79
C HIS A 43 -1.20 -4.52 -2.43
N GLU A 44 0.06 -4.35 -2.15
CA GLU A 44 0.92 -5.52 -1.79
C GLU A 44 0.25 -6.26 -0.63
N ASN A 45 -0.62 -5.60 0.09
CA ASN A 45 -1.31 -6.26 1.23
C ASN A 45 -2.46 -7.11 0.67
N LEU A 46 -3.08 -6.66 -0.39
CA LEU A 46 -4.20 -7.43 -0.98
C LEU A 46 -3.65 -8.67 -1.70
N ILE A 47 -2.54 -8.53 -2.36
CA ILE A 47 -1.95 -9.69 -3.08
C ILE A 47 -1.19 -10.57 -2.09
N ARG A 48 -0.37 -9.99 -1.26
CA ARG A 48 0.40 -10.79 -0.28
C ARG A 48 -0.49 -11.15 0.91
N GLN A 49 -1.39 -10.28 1.27
CA GLN A 49 -2.29 -10.57 2.42
C GLN A 49 -1.45 -10.80 3.68
N THR A 50 -0.33 -10.15 3.79
CA THR A 50 0.52 -10.34 4.99
C THR A 50 0.40 -9.13 5.91
N ASN A 51 -0.50 -8.23 5.61
CA ASN A 51 -0.67 -7.02 6.46
C ASN A 51 0.62 -6.19 6.46
N THR A 52 1.12 -5.86 5.32
CA THR A 52 2.38 -5.05 5.24
C THR A 52 2.04 -3.59 5.52
N HIS A 53 2.90 -2.89 6.22
CA HIS A 53 2.64 -1.46 6.51
C HIS A 53 3.76 -0.60 5.94
N ILE A 54 3.77 0.66 6.25
CA ILE A 54 4.84 1.56 5.73
C ILE A 54 6.00 1.62 6.73
N ARG A 55 7.17 1.27 6.29
CA ARG A 55 8.35 1.30 7.21
C ARG A 55 8.85 2.74 7.35
N SER A 56 9.06 3.41 6.25
CA SER A 56 9.55 4.81 6.32
C SER A 56 9.22 5.52 5.02
N THR A 57 8.80 6.76 5.09
CA THR A 57 8.46 7.50 3.85
C THR A 57 9.64 7.43 2.88
N GLY A 58 9.37 7.39 1.60
CA GLY A 58 10.47 7.32 0.60
C GLY A 58 10.74 5.87 0.25
N LYS A 59 11.42 5.64 -0.85
CA LYS A 59 11.72 4.24 -1.26
C LYS A 59 12.68 3.60 -0.26
N CYS A 60 12.59 2.32 -0.08
CA CYS A 60 13.51 1.64 0.88
C CYS A 60 14.96 1.87 0.47
N GLU A 61 15.85 1.97 1.43
CA GLU A 61 17.28 2.21 1.08
C GLU A 61 18.17 1.38 2.02
N ASP A 3 -1.32 3.99 6.12
CA ASP A 3 -0.85 2.76 6.80
C ASP A 3 -1.92 1.68 6.71
N SER A 4 -1.75 0.59 7.41
CA SER A 4 -2.77 -0.50 7.35
C SER A 4 -4.12 0.04 7.83
N GLU A 5 -4.10 0.95 8.77
CA GLU A 5 -5.38 1.52 9.28
C GLU A 5 -6.20 2.06 8.10
N MET A 6 -5.53 2.43 7.04
CA MET A 6 -6.26 2.96 5.85
C MET A 6 -6.96 1.79 5.14
N CYS A 7 -6.44 0.61 5.28
CA CYS A 7 -7.07 -0.57 4.62
C CYS A 7 -8.22 -1.08 5.48
N LYS A 8 -8.28 -0.67 6.72
CA LYS A 8 -9.38 -1.13 7.61
C LYS A 8 -10.65 -0.31 7.33
N ASP A 9 -10.63 0.51 6.32
CA ASP A 9 -11.83 1.34 6.03
C ASP A 9 -12.10 1.38 4.52
N TYR A 10 -11.51 0.49 3.76
CA TYR A 10 -11.74 0.50 2.29
C TYR A 10 -12.19 -0.88 1.83
N ARG A 11 -12.94 -0.95 0.76
CA ARG A 11 -13.39 -2.26 0.25
C ARG A 11 -13.12 -2.33 -1.25
N VAL A 12 -12.76 -3.47 -1.75
CA VAL A 12 -12.47 -3.59 -3.21
C VAL A 12 -13.18 -4.83 -3.76
N LEU A 13 -13.81 -4.70 -4.90
CA LEU A 13 -14.52 -5.86 -5.50
C LEU A 13 -13.85 -6.23 -6.82
N PRO A 14 -14.30 -7.33 -7.44
CA PRO A 14 -13.74 -7.79 -8.72
C PRO A 14 -14.06 -6.82 -9.86
N ARG A 15 -15.08 -6.02 -9.71
CA ARG A 15 -15.44 -5.06 -10.79
C ARG A 15 -14.95 -3.66 -10.40
N ILE A 16 -14.74 -3.43 -9.14
CA ILE A 16 -14.25 -2.09 -8.70
C ILE A 16 -12.73 -2.05 -8.72
N GLY A 17 -12.10 -3.07 -8.20
CA GLY A 17 -10.60 -3.09 -8.19
C GLY A 17 -10.10 -2.17 -7.07
N TYR A 18 -8.84 -1.84 -7.09
CA TYR A 18 -8.30 -0.96 -6.03
C TYR A 18 -8.27 0.49 -6.53
N LEU A 19 -8.42 1.43 -5.64
CA LEU A 19 -8.41 2.86 -6.07
C LEU A 19 -7.21 3.58 -5.43
N CYS A 20 -6.32 4.09 -6.24
CA CYS A 20 -5.14 4.81 -5.68
C CYS A 20 -5.00 6.15 -6.40
N PRO A 21 -4.32 7.11 -5.75
CA PRO A 21 -4.12 8.45 -6.31
C PRO A 21 -3.14 8.43 -7.48
N LYS A 22 -3.08 9.48 -8.24
CA LYS A 22 -2.14 9.52 -9.40
C LYS A 22 -0.76 10.00 -8.91
N ASP A 23 -0.71 10.67 -7.80
CA ASP A 23 0.59 11.15 -7.28
C ASP A 23 1.46 9.95 -6.92
N LEU A 24 2.65 9.88 -7.45
CA LEU A 24 3.54 8.72 -7.13
C LEU A 24 4.41 9.07 -5.91
N LYS A 25 4.28 8.31 -4.86
CA LYS A 25 5.10 8.59 -3.65
C LYS A 25 5.72 7.27 -3.16
N PRO A 26 7.03 7.10 -3.36
CA PRO A 26 7.75 5.89 -2.95
C PRO A 26 7.78 5.73 -1.43
N VAL A 27 7.24 4.64 -0.94
CA VAL A 27 7.23 4.42 0.54
C VAL A 27 8.03 3.16 0.87
N CYS A 28 8.56 3.09 2.07
CA CYS A 28 9.34 1.88 2.45
C CYS A 28 8.44 0.94 3.25
N GLY A 29 8.49 -0.32 2.96
CA GLY A 29 7.62 -1.29 3.69
C GLY A 29 8.33 -1.74 4.97
N ASP A 30 7.62 -1.87 6.05
CA ASP A 30 8.27 -2.32 7.31
C ASP A 30 8.65 -3.79 7.21
N ASP A 31 8.29 -4.44 6.13
CA ASP A 31 8.64 -5.88 5.98
C ASP A 31 9.96 -5.99 5.21
N GLY A 32 10.59 -4.87 4.94
CA GLY A 32 11.89 -4.92 4.18
C GLY A 32 11.61 -4.75 2.69
N GLN A 33 10.43 -4.30 2.35
CA GLN A 33 10.09 -4.12 0.90
C GLN A 33 9.84 -2.63 0.63
N THR A 34 9.61 -2.28 -0.61
CA THR A 34 9.35 -0.86 -0.94
C THR A 34 8.23 -0.78 -1.97
N TYR A 35 7.30 0.12 -1.79
CA TYR A 35 6.17 0.23 -2.76
C TYR A 35 6.24 1.59 -3.44
N ASN A 36 6.15 1.62 -4.74
CA ASN A 36 6.22 2.93 -5.46
C ASN A 36 5.15 3.87 -4.92
N ASN A 37 3.92 3.67 -5.30
CA ASN A 37 2.83 4.57 -4.80
C ASN A 37 2.39 4.11 -3.41
N PRO A 38 1.96 5.06 -2.57
CA PRO A 38 1.50 4.77 -1.20
C PRO A 38 0.26 3.87 -1.19
N CYS A 39 -0.78 4.25 -1.89
CA CYS A 39 -1.99 3.39 -1.92
C CYS A 39 -1.61 2.05 -2.55
N MET A 40 -0.62 2.04 -3.39
CA MET A 40 -0.18 0.77 -4.03
C MET A 40 0.34 -0.17 -2.94
N LEU A 41 0.67 0.37 -1.80
CA LEU A 41 1.18 -0.50 -0.70
C LEU A 41 0.05 -1.41 -0.24
N CYS A 42 -1.07 -0.84 0.12
CA CYS A 42 -2.22 -1.67 0.56
C CYS A 42 -2.62 -2.56 -0.63
N HIS A 43 -2.28 -2.14 -1.82
CA HIS A 43 -2.61 -2.96 -3.02
C HIS A 43 -1.74 -4.21 -3.03
N GLU A 44 -0.45 -4.03 -3.08
CA GLU A 44 0.45 -5.21 -3.07
C GLU A 44 0.16 -6.04 -1.82
N ASN A 45 -0.44 -5.42 -0.83
CA ASN A 45 -0.78 -6.17 0.41
C ASN A 45 -2.04 -6.98 0.15
N LEU A 46 -2.95 -6.46 -0.62
CA LEU A 46 -4.20 -7.21 -0.94
C LEU A 46 -3.82 -8.53 -1.61
N ILE A 47 -2.76 -8.53 -2.37
CA ILE A 47 -2.32 -9.79 -3.04
C ILE A 47 -1.61 -10.67 -2.02
N ARG A 48 -0.66 -10.12 -1.31
CA ARG A 48 0.07 -10.92 -0.29
C ARG A 48 -0.86 -11.26 0.86
N GLN A 49 -1.89 -10.46 1.06
CA GLN A 49 -2.85 -10.72 2.16
C GLN A 49 -2.12 -10.59 3.50
N THR A 50 -1.29 -9.59 3.64
CA THR A 50 -0.54 -9.40 4.91
C THR A 50 -0.80 -7.99 5.44
N ASN A 51 -0.49 -7.73 6.67
CA ASN A 51 -0.71 -6.37 7.24
C ASN A 51 0.61 -5.58 7.20
N THR A 52 1.11 -5.33 6.03
CA THR A 52 2.39 -4.56 5.91
C THR A 52 2.12 -3.07 6.11
N HIS A 53 2.94 -2.41 6.87
CA HIS A 53 2.75 -0.95 7.10
C HIS A 53 3.91 -0.18 6.47
N ILE A 54 3.82 1.12 6.42
CA ILE A 54 4.93 1.92 5.82
C ILE A 54 6.05 2.08 6.85
N ARG A 55 7.24 1.72 6.46
CA ARG A 55 8.41 1.85 7.39
C ARG A 55 8.88 3.30 7.42
N SER A 56 9.07 3.87 6.26
CA SER A 56 9.55 5.28 6.20
C SER A 56 9.15 5.87 4.85
N THR A 57 8.83 7.13 4.80
CA THR A 57 8.43 7.76 3.51
C THR A 57 9.61 7.68 2.52
N GLY A 58 9.32 7.62 1.26
CA GLY A 58 10.42 7.54 0.25
C GLY A 58 10.89 6.09 0.14
N LYS A 59 11.58 5.77 -0.91
CA LYS A 59 12.08 4.38 -1.09
C LYS A 59 13.06 4.04 0.04
N CYS A 60 13.15 2.80 0.43
CA CYS A 60 14.07 2.41 1.51
C CYS A 60 15.51 2.34 0.97
N GLU A 61 16.48 2.65 1.78
CA GLU A 61 17.89 2.59 1.31
C GLU A 61 18.05 3.50 0.09
#